data_8WED
#
_entry.id   8WED
#
_cell.length_a   72.674
_cell.length_b   178.123
_cell.length_c   142.263
_cell.angle_alpha   90.00
_cell.angle_beta   90.11
_cell.angle_gamma   90.00
#
_symmetry.space_group_name_H-M   'P 1 21 1'
#
loop_
_entity.id
_entity.type
_entity.pdbx_description
1 polymer 'MDIS1-interacting receptor like kinase 2'
2 polymer 'BRASSINOSTEROID INSENSITIVE 1-associated receptor kinase 1'
3 polymer 'a SCOOP-like peptide from F. oxysporum f. sp. conglutinans strain Fo5176'
4 branched alpha-L-fucopyranose-(1-3)-[2-acetamido-2-deoxy-beta-D-glucopyranose-(1-4)][alpha-L-fucopyranose-(1-6)]2-acetamido-2-deoxy-beta-D-glucopyranose
5 branched 2-acetamido-2-deoxy-beta-D-glucopyranose-(1-4)-2-acetamido-2-deoxy-beta-D-glucopyranose
6 branched 2-acetamido-2-deoxy-beta-D-glucopyranose-(1-4)-[alpha-L-fucopyranose-(1-6)]2-acetamido-2-deoxy-beta-D-glucopyranose
7 branched beta-D-mannopyranose-(1-4)-2-acetamido-2-deoxy-beta-D-glucopyranose-(1-4)-2-acetamido-2-deoxy-beta-D-glucopyranose
8 branched beta-D-mannopyranose-(1-4)-2-acetamido-2-deoxy-beta-D-glucopyranose-(1-4)-[alpha-L-fucopyranose-(1-6)]2-acetamido-2-deoxy-beta-D-glucopyranose
9 branched alpha-L-fucopyranose-(1-6)-2-acetamido-2-deoxy-beta-D-glucopyranose
10 non-polymer 2-acetamido-2-deoxy-beta-D-glucopyranose
#
loop_
_entity_poly.entity_id
_entity_poly.type
_entity_poly.pdbx_seq_one_letter_code
_entity_poly.pdbx_strand_id
1 'polypeptide(L)'
;MNKTNPERKISLTSFKERMACKEKPRDLQVLLIISIVLSCSFAVSATVEEANALLKWKSTFTNQTSSSKLSSWVNPNTSS
FCTSWYGVACSLGSIIRLNLTNTGIEGTFEDFPFSSLPNLTFVDLSMNRFSGTISPEWGRFSKLEYFDLSINQLVGEIPP
ELGKLSNLDTLHLVENKLNGSIPSEIGRLTKVTEIAIYDNLLTGPIPSSFGNLTKLVNLYLFINSLSGSIPSEIGNLPNL
RELCLDRNNLTGKIPSSFGNLKNVTLLNMFENQLSGEIPPEIGNMTALDTLSLHTNKLTGPIPSTLGNIKTLAVLHLYLN
QLNGSIPPELGEMESMIDLEISENKLTGPVPDSFGKLTALEWLFLRDNQLSGPIPPGIANSTELTVLQLDTNNFTGFLPD
TICRGGKLENLTLDDNHFEGPVPKSLRDCKSLIRVRFKGNSFSGDISEAFGVYPTLNFIDLSNNNFHGQLSANWEQSQKL
VAFILSNNSITGAIPPEIWNMTQLSQLDLSSNRITGELPESISNINRISKLQLNGNRLSGKIPSGIRLLTNLEYLDLSSN
RFSFEIPPTLNNLPRLYYMNLSRNDLDQTIPEGLTKLSQLQMLDLSYNQLDGEISSQFRSLQNLERLDLSHNNLSGQIPP
SFKDMLALTHVDVSHNNLQGPIPDNAAFRNAPPDAFEGNKDLC
;
A,D
2 'polypeptide(L)'
;MERRLMIPCFFWLILVLDLVLRVSGNAEGDALSALKNSLADPNKVLQSWDATLVTPCTWFHVTCNSDNSVTRVDLGNANL
SGQLVMQLGQLPNLQYLELYSNNITGTIPEQLGNLTELVSLDLYLNNLSGPIPSTLGRLKKLRFLRLNNNSLSGEIPRSL
TAVLTLQVLDLSNNPLTGDIPVNGSFSLFTPISFANTKLTPLPASPPPPISPTPPSPAGSHHHHHHHHHH
;
B,E
3 'polypeptide(L)' ESSSSHSERAGGR C,F
#
loop_
_chem_comp.id
_chem_comp.type
_chem_comp.name
_chem_comp.formula
BMA D-saccharide, beta linking beta-D-mannopyranose 'C6 H12 O6'
FUC L-saccharide, alpha linking alpha-L-fucopyranose 'C6 H12 O5'
NAG D-saccharide, beta linking 2-acetamido-2-deoxy-beta-D-glucopyranose 'C8 H15 N O6'
#
# COMPACT_ATOMS: atom_id res chain seq x y z
N THR A 47 7.55 -60.08 65.35
CA THR A 47 8.41 -58.97 64.97
C THR A 47 9.75 -59.51 64.49
N VAL A 48 10.44 -60.20 65.39
CA VAL A 48 11.75 -60.76 65.07
C VAL A 48 11.63 -61.79 63.96
N GLU A 49 10.58 -62.61 64.00
CA GLU A 49 10.32 -63.52 62.88
C GLU A 49 9.90 -62.76 61.64
N GLU A 50 9.12 -61.69 61.81
CA GLU A 50 8.72 -60.87 60.66
C GLU A 50 9.90 -60.11 60.08
N ALA A 51 10.67 -59.44 60.93
CA ALA A 51 11.80 -58.64 60.45
C ALA A 51 12.86 -59.50 59.78
N ASN A 52 13.20 -60.64 60.39
CA ASN A 52 14.18 -61.52 59.77
C ASN A 52 13.69 -62.08 58.44
N ALA A 53 12.38 -62.32 58.33
CA ALA A 53 11.82 -62.77 57.07
C ALA A 53 11.87 -61.69 56.01
N LEU A 54 11.57 -60.44 56.38
CA LEU A 54 11.72 -59.33 55.44
C LEU A 54 13.18 -59.16 55.05
N LEU A 55 14.09 -59.23 56.03
CA LEU A 55 15.52 -59.11 55.74
C LEU A 55 15.97 -60.20 54.78
N LYS A 56 15.39 -61.40 54.88
CA LYS A 56 15.71 -62.45 53.93
C LYS A 56 15.17 -62.12 52.55
N TRP A 57 13.97 -61.54 52.48
CA TRP A 57 13.42 -61.15 51.18
C TRP A 57 14.24 -60.02 50.56
N LYS A 58 14.70 -59.07 51.38
CA LYS A 58 15.55 -58.01 50.87
C LYS A 58 16.82 -58.56 50.23
N SER A 59 17.34 -59.66 50.76
CA SER A 59 18.54 -60.28 50.21
C SER A 59 18.35 -60.67 48.75
N THR A 60 17.11 -60.99 48.35
CA THR A 60 16.83 -61.37 46.98
C THR A 60 17.07 -60.21 46.01
N PHE A 61 16.98 -58.97 46.49
CA PHE A 61 17.00 -57.80 45.61
C PHE A 61 18.31 -57.70 44.85
N THR A 62 18.23 -57.36 43.57
CA THR A 62 19.38 -57.24 42.69
C THR A 62 19.59 -55.79 42.26
N ASN A 63 20.83 -55.50 41.89
CA ASN A 63 21.22 -54.16 41.40
C ASN A 63 20.85 -53.07 42.41
N GLN A 64 21.02 -53.39 43.69
CA GLN A 64 20.67 -52.48 44.77
C GLN A 64 21.91 -51.70 45.20
N THR A 65 21.74 -50.38 45.35
CA THR A 65 22.83 -49.49 45.74
C THR A 65 22.78 -49.22 47.24
N SER A 66 23.95 -48.87 47.79
CA SER A 66 24.05 -48.58 49.22
C SER A 66 23.28 -47.33 49.61
N SER A 67 22.88 -46.50 48.65
CA SER A 67 22.10 -45.29 48.90
C SER A 67 20.60 -45.57 48.96
N SER A 68 20.19 -46.83 48.90
CA SER A 68 18.78 -47.17 48.90
C SER A 68 18.14 -46.84 50.25
N LYS A 69 16.83 -46.60 50.22
CA LYS A 69 16.09 -46.31 51.44
C LYS A 69 16.00 -47.51 52.38
N LEU A 70 16.24 -48.72 51.88
CA LEU A 70 16.16 -49.92 52.70
C LEU A 70 17.41 -50.14 53.55
N SER A 71 18.32 -49.17 53.59
CA SER A 71 19.47 -49.26 54.49
C SER A 71 19.04 -49.29 55.96
N SER A 72 17.84 -48.77 56.27
CA SER A 72 17.34 -48.74 57.64
C SER A 72 16.97 -50.11 58.18
N TRP A 73 16.95 -51.14 57.33
CA TRP A 73 16.62 -52.51 57.76
C TRP A 73 17.89 -53.17 58.30
N VAL A 74 18.18 -52.89 59.57
CA VAL A 74 19.40 -53.42 60.16
C VAL A 74 19.08 -54.33 61.34
N ASN A 75 18.43 -53.79 62.37
CA ASN A 75 18.21 -54.52 63.60
C ASN A 75 16.82 -55.14 63.59
N PRO A 76 16.69 -56.46 63.74
CA PRO A 76 15.36 -57.10 63.71
C PRO A 76 14.57 -56.92 65.00
N ASN A 77 15.17 -56.40 66.06
CA ASN A 77 14.42 -56.18 67.29
C ASN A 77 13.34 -55.13 67.07
N THR A 78 12.22 -55.29 67.78
CA THR A 78 11.12 -54.35 67.66
C THR A 78 11.51 -52.95 68.09
N SER A 79 12.60 -52.81 68.85
CA SER A 79 13.10 -51.51 69.26
C SER A 79 13.65 -50.68 68.10
N SER A 80 13.79 -51.28 66.91
CA SER A 80 14.03 -50.51 65.70
C SER A 80 13.15 -50.93 64.53
N PHE A 81 12.60 -52.15 64.54
CA PHE A 81 11.81 -52.62 63.41
C PHE A 81 10.58 -51.77 63.17
N CYS A 82 9.80 -51.53 64.22
CA CYS A 82 8.50 -50.89 64.08
C CYS A 82 8.57 -49.37 64.07
N THR A 83 9.75 -48.79 64.25
CA THR A 83 9.87 -47.34 64.32
C THR A 83 10.88 -46.76 63.34
N SER A 84 11.98 -47.46 63.07
CA SER A 84 13.06 -46.90 62.25
C SER A 84 13.23 -47.59 60.90
N TRP A 85 12.56 -48.71 60.67
CA TRP A 85 12.62 -49.38 59.37
C TRP A 85 11.76 -48.63 58.37
N TYR A 86 12.37 -48.16 57.29
CA TYR A 86 11.63 -47.44 56.26
C TYR A 86 10.55 -48.32 55.66
N GLY A 87 9.34 -47.76 55.54
CA GLY A 87 8.27 -48.39 54.82
C GLY A 87 7.46 -49.40 55.60
N VAL A 88 7.73 -49.61 56.88
CA VAL A 88 6.96 -50.52 57.71
C VAL A 88 6.30 -49.73 58.83
N ALA A 89 5.08 -50.13 59.17
CA ALA A 89 4.34 -49.58 60.29
C ALA A 89 3.60 -50.71 60.98
N CYS A 90 3.67 -50.76 62.30
CA CYS A 90 3.15 -51.88 63.06
C CYS A 90 1.88 -51.52 63.81
N SER A 91 1.27 -52.54 64.39
CA SER A 91 0.16 -52.40 65.33
C SER A 91 0.29 -53.54 66.33
N LEU A 92 0.23 -53.21 67.62
CA LEU A 92 0.47 -54.18 68.69
C LEU A 92 1.78 -54.94 68.47
N GLY A 93 2.77 -54.24 67.92
CA GLY A 93 4.08 -54.79 67.68
C GLY A 93 4.24 -55.60 66.41
N SER A 94 3.18 -55.82 65.64
CA SER A 94 3.27 -56.63 64.42
C SER A 94 3.00 -55.76 63.20
N ILE A 95 3.76 -56.02 62.13
CA ILE A 95 3.67 -55.22 60.92
C ILE A 95 2.29 -55.38 60.31
N ILE A 96 1.59 -54.26 60.11
CA ILE A 96 0.33 -54.24 59.39
C ILE A 96 0.42 -53.42 58.10
N ARG A 97 1.52 -52.74 57.85
CA ARG A 97 1.63 -51.75 56.78
C ARG A 97 2.99 -51.92 56.11
N LEU A 98 2.99 -52.14 54.80
CA LEU A 98 4.21 -52.23 54.01
C LEU A 98 4.09 -51.26 52.84
N ASN A 99 4.82 -50.16 52.91
CA ASN A 99 4.75 -49.08 51.92
C ASN A 99 6.12 -48.92 51.28
N LEU A 100 6.29 -49.48 50.08
CA LEU A 100 7.56 -49.42 49.36
C LEU A 100 7.37 -48.87 47.96
N THR A 101 6.47 -47.89 47.82
CA THR A 101 6.28 -47.24 46.54
C THR A 101 7.53 -46.48 46.12
N ASN A 102 7.91 -46.63 44.85
CA ASN A 102 8.95 -45.81 44.22
C ASN A 102 10.28 -45.92 44.97
N THR A 103 10.60 -47.14 45.42
CA THR A 103 11.84 -47.39 46.14
C THR A 103 12.95 -47.92 45.24
N GLY A 104 12.67 -48.10 43.95
CA GLY A 104 13.68 -48.62 43.04
C GLY A 104 14.13 -50.03 43.33
N ILE A 105 13.28 -50.83 43.99
CA ILE A 105 13.63 -52.21 44.27
C ILE A 105 13.55 -53.02 42.99
N GLU A 106 14.52 -53.92 42.80
CA GLU A 106 14.58 -54.80 41.64
C GLU A 106 14.67 -56.24 42.13
N GLY A 107 13.65 -57.04 41.81
CA GLY A 107 13.62 -58.41 42.27
C GLY A 107 12.30 -59.06 41.93
N THR A 108 11.95 -60.09 42.70
CA THR A 108 10.73 -60.86 42.49
C THR A 108 10.04 -61.09 43.83
N PHE A 109 8.78 -61.52 43.77
CA PHE A 109 8.02 -61.89 44.94
C PHE A 109 8.09 -63.39 45.25
N GLU A 110 9.10 -64.08 44.73
CA GLU A 110 9.20 -65.52 44.96
C GLU A 110 9.61 -65.83 46.39
N ASP A 111 10.50 -65.01 46.95
CA ASP A 111 10.93 -65.16 48.33
C ASP A 111 10.26 -64.14 49.25
N PHE A 112 9.02 -63.76 48.93
CA PHE A 112 8.25 -62.87 49.78
C PHE A 112 7.70 -63.66 50.97
N PRO A 113 7.88 -63.18 52.19
CA PRO A 113 7.49 -63.98 53.38
C PRO A 113 5.99 -63.99 53.61
N PHE A 114 5.28 -64.74 52.76
CA PHE A 114 3.82 -64.83 52.90
C PHE A 114 3.43 -65.43 54.24
N SER A 115 4.09 -66.54 54.62
CA SER A 115 3.74 -67.22 55.86
C SER A 115 4.12 -66.42 57.10
N SER A 116 5.02 -65.45 56.98
CA SER A 116 5.57 -64.75 58.13
C SER A 116 4.87 -63.44 58.46
N LEU A 117 3.97 -62.97 57.60
CA LEU A 117 3.35 -61.65 57.76
C LEU A 117 1.84 -61.78 57.76
N PRO A 118 1.27 -62.41 58.79
CA PRO A 118 -0.19 -62.60 58.82
C PRO A 118 -0.98 -61.30 58.86
N ASN A 119 -0.49 -60.27 59.54
CA ASN A 119 -1.30 -59.11 59.88
C ASN A 119 -1.21 -57.99 58.84
N LEU A 120 -0.73 -58.28 57.64
CA LEU A 120 -0.61 -57.24 56.62
C LEU A 120 -2.00 -56.79 56.16
N THR A 121 -2.27 -55.49 56.26
CA THR A 121 -3.51 -54.90 55.76
C THR A 121 -3.30 -53.86 54.68
N PHE A 122 -2.14 -53.22 54.61
CA PHE A 122 -1.81 -52.24 53.59
C PHE A 122 -0.52 -52.67 52.91
N VAL A 123 -0.59 -52.93 51.61
CA VAL A 123 0.57 -53.32 50.82
C VAL A 123 0.58 -52.48 49.55
N ASP A 124 1.60 -51.63 49.42
CA ASP A 124 1.80 -50.82 48.23
C ASP A 124 3.24 -51.02 47.77
N LEU A 125 3.43 -51.82 46.74
CA LEU A 125 4.74 -52.11 46.17
C LEU A 125 4.83 -51.57 44.74
N SER A 126 4.22 -50.42 44.51
CA SER A 126 4.12 -49.88 43.16
C SER A 126 5.37 -49.10 42.79
N MET A 127 5.56 -48.90 41.49
CA MET A 127 6.65 -48.09 40.94
C MET A 127 8.01 -48.66 41.33
N ASN A 128 8.22 -49.93 41.00
CA ASN A 128 9.48 -50.60 41.28
C ASN A 128 9.80 -51.50 40.08
N ARG A 129 10.79 -52.37 40.25
CA ARG A 129 11.25 -53.25 39.19
C ARG A 129 11.02 -54.71 39.55
N PHE A 130 9.85 -54.98 40.13
CA PHE A 130 9.48 -56.36 40.45
C PHE A 130 9.05 -57.08 39.19
N SER A 131 9.65 -58.24 38.95
CA SER A 131 9.34 -59.06 37.79
C SER A 131 8.92 -60.45 38.28
N GLY A 132 8.13 -61.13 37.45
CA GLY A 132 7.62 -62.45 37.78
C GLY A 132 6.10 -62.48 37.73
N THR A 133 5.52 -63.32 38.58
CA THR A 133 4.08 -63.53 38.60
C THR A 133 3.51 -63.16 39.97
N ILE A 134 2.18 -63.11 40.03
CA ILE A 134 1.47 -62.82 41.27
C ILE A 134 1.10 -64.16 41.88
N SER A 135 1.78 -64.53 42.97
CA SER A 135 1.58 -65.81 43.60
C SER A 135 0.17 -65.93 44.18
N PRO A 136 -0.41 -67.13 44.17
CA PRO A 136 -1.69 -67.32 44.88
C PRO A 136 -1.58 -67.10 46.37
N GLU A 137 -0.37 -67.13 46.93
CA GLU A 137 -0.18 -66.88 48.36
C GLU A 137 -0.58 -65.47 48.75
N TRP A 138 -0.70 -64.56 47.78
CA TRP A 138 -1.14 -63.20 48.09
C TRP A 138 -2.53 -63.19 48.72
N GLY A 139 -3.37 -64.17 48.38
CA GLY A 139 -4.68 -64.29 48.98
C GLY A 139 -4.69 -64.77 50.42
N ARG A 140 -3.52 -65.13 50.96
CA ARG A 140 -3.45 -65.60 52.34
C ARG A 140 -3.59 -64.47 53.35
N PHE A 141 -3.41 -63.22 52.93
CA PHE A 141 -3.42 -62.08 53.83
C PHE A 141 -4.87 -61.74 54.16
N SER A 142 -5.41 -62.41 55.17
CA SER A 142 -6.84 -62.33 55.46
C SER A 142 -7.26 -60.91 55.80
N LYS A 143 -6.44 -60.17 56.54
CA LYS A 143 -6.80 -58.84 56.99
C LYS A 143 -6.47 -57.77 55.95
N LEU A 144 -5.91 -58.15 54.81
CA LEU A 144 -5.46 -57.18 53.81
C LEU A 144 -6.63 -56.38 53.25
N GLU A 145 -6.47 -55.06 53.21
CA GLU A 145 -7.48 -54.14 52.72
C GLU A 145 -7.04 -53.36 51.49
N TYR A 146 -5.75 -53.08 51.34
CA TYR A 146 -5.22 -52.30 50.23
C TYR A 146 -4.11 -53.10 49.57
N PHE A 147 -4.22 -53.32 48.26
CA PHE A 147 -3.28 -54.14 47.51
C PHE A 147 -2.91 -53.40 46.24
N ASP A 148 -1.65 -52.98 46.14
CA ASP A 148 -1.17 -52.13 45.05
C ASP A 148 0.15 -52.68 44.54
N LEU A 149 0.13 -53.24 43.32
CA LEU A 149 1.34 -53.71 42.65
C LEU A 149 1.52 -53.01 41.31
N SER A 150 1.00 -51.78 41.19
CA SER A 150 0.97 -51.08 39.92
C SER A 150 2.38 -50.68 39.48
N ILE A 151 2.51 -50.40 38.18
CA ILE A 151 3.76 -49.97 37.55
C ILE A 151 4.90 -50.91 37.97
N ASN A 152 4.95 -52.07 37.34
CA ASN A 152 5.98 -53.07 37.62
C ASN A 152 6.24 -53.84 36.34
N GLN A 153 6.94 -54.96 36.46
CA GLN A 153 7.21 -55.83 35.32
C GLN A 153 6.65 -57.23 35.57
N LEU A 154 5.43 -57.27 36.10
CA LEU A 154 4.78 -58.54 36.40
C LEU A 154 4.15 -59.14 35.15
N VAL A 155 4.19 -60.46 35.06
CA VAL A 155 3.60 -61.20 33.96
C VAL A 155 2.79 -62.36 34.54
N GLY A 156 2.10 -63.07 33.67
CA GLY A 156 1.28 -64.18 34.09
C GLY A 156 -0.17 -63.79 34.30
N GLU A 157 -0.89 -64.68 34.98
CA GLU A 157 -2.30 -64.46 35.25
C GLU A 157 -2.52 -63.93 36.66
N ILE A 158 -3.74 -63.49 36.92
CA ILE A 158 -4.17 -63.07 38.24
C ILE A 158 -4.73 -64.31 38.95
N PRO A 159 -4.12 -64.76 40.05
CA PRO A 159 -4.63 -65.95 40.75
C PRO A 159 -6.04 -65.73 41.24
N PRO A 160 -6.90 -66.75 41.17
CA PRO A 160 -8.23 -66.63 41.77
C PRO A 160 -8.20 -66.47 43.28
N GLU A 161 -7.08 -66.84 43.91
CA GLU A 161 -6.93 -66.71 45.35
C GLU A 161 -7.05 -65.26 45.81
N LEU A 162 -6.84 -64.29 44.91
CA LEU A 162 -7.09 -62.90 45.26
C LEU A 162 -8.54 -62.68 45.65
N GLY A 163 -9.45 -63.52 45.16
CA GLY A 163 -10.85 -63.40 45.51
C GLY A 163 -11.18 -63.69 46.96
N LYS A 164 -10.33 -64.45 47.65
CA LYS A 164 -10.55 -64.72 49.07
C LYS A 164 -9.93 -63.66 49.97
N LEU A 165 -9.61 -62.49 49.40
CA LEU A 165 -9.20 -61.33 50.19
C LEU A 165 -10.47 -60.57 50.59
N SER A 166 -11.22 -61.18 51.52
CA SER A 166 -12.56 -60.70 51.87
C SER A 166 -12.56 -59.25 52.33
N ASN A 167 -11.50 -58.81 53.00
CA ASN A 167 -11.44 -57.48 53.57
C ASN A 167 -10.89 -56.44 52.60
N LEU A 168 -10.60 -56.82 51.36
CA LEU A 168 -9.97 -55.91 50.42
C LEU A 168 -10.92 -54.79 50.02
N ASP A 169 -10.43 -53.56 50.09
CA ASP A 169 -11.17 -52.36 49.72
C ASP A 169 -10.72 -51.80 48.37
N THR A 170 -9.41 -51.81 48.11
CA THR A 170 -8.84 -51.30 46.88
C THR A 170 -7.88 -52.33 46.31
N LEU A 171 -7.94 -52.53 44.99
CA LEU A 171 -7.07 -53.46 44.29
C LEU A 171 -6.44 -52.75 43.10
N HIS A 172 -5.11 -52.62 43.11
CA HIS A 172 -4.37 -51.90 42.08
C HIS A 172 -3.31 -52.83 41.50
N LEU A 173 -3.52 -53.25 40.25
CA LEU A 173 -2.60 -54.11 39.49
C LEU A 173 -2.28 -53.46 38.15
N VAL A 174 -1.97 -52.18 38.19
CA VAL A 174 -2.01 -51.31 37.02
C VAL A 174 -0.65 -51.29 36.32
N GLU A 175 -0.69 -51.04 35.02
CA GLU A 175 0.51 -50.82 34.20
C GLU A 175 1.49 -51.98 34.33
N ASN A 176 0.98 -53.19 34.14
CA ASN A 176 1.77 -54.40 34.11
C ASN A 176 1.49 -55.15 32.82
N LYS A 177 2.00 -56.37 32.68
CA LYS A 177 1.77 -57.18 31.50
C LYS A 177 1.10 -58.50 31.86
N LEU A 178 0.11 -58.44 32.76
CA LEU A 178 -0.60 -59.65 33.16
C LEU A 178 -1.53 -60.12 32.04
N ASN A 179 -1.39 -61.37 31.64
CA ASN A 179 -2.21 -61.96 30.59
C ASN A 179 -3.15 -63.01 31.17
N GLY A 180 -4.23 -63.26 30.44
CA GLY A 180 -5.25 -64.21 30.85
C GLY A 180 -6.59 -63.52 31.07
N SER A 181 -7.54 -64.32 31.52
CA SER A 181 -8.87 -63.81 31.83
C SER A 181 -8.96 -63.45 33.30
N ILE A 182 -9.81 -62.48 33.60
CA ILE A 182 -10.04 -62.10 35.00
C ILE A 182 -10.81 -63.24 35.65
N PRO A 183 -10.31 -63.79 36.76
CA PRO A 183 -11.00 -64.91 37.39
C PRO A 183 -12.40 -64.52 37.85
N SER A 184 -13.32 -65.47 37.74
CA SER A 184 -14.68 -65.25 38.27
C SER A 184 -14.65 -64.98 39.76
N GLU A 185 -13.64 -65.50 40.47
CA GLU A 185 -13.56 -65.39 41.92
C GLU A 185 -13.28 -63.97 42.40
N ILE A 186 -12.94 -63.04 41.51
CA ILE A 186 -12.79 -61.65 41.91
C ILE A 186 -14.11 -61.09 42.40
N GLY A 187 -15.22 -61.59 41.87
CA GLY A 187 -16.56 -61.22 42.34
C GLY A 187 -16.82 -61.50 43.80
N ARG A 188 -15.92 -62.21 44.47
CA ARG A 188 -16.07 -62.48 45.91
C ARG A 188 -15.68 -61.30 46.78
N LEU A 189 -15.09 -60.25 46.21
CA LEU A 189 -14.57 -59.13 46.99
C LEU A 189 -15.72 -58.14 47.28
N THR A 190 -16.62 -58.58 48.15
CA THR A 190 -17.82 -57.81 48.45
C THR A 190 -17.52 -56.44 49.06
N LYS A 191 -16.37 -56.28 49.70
CA LYS A 191 -16.01 -55.01 50.33
C LYS A 191 -15.16 -54.11 49.43
N VAL A 192 -14.87 -54.54 48.20
CA VAL A 192 -14.04 -53.74 47.32
C VAL A 192 -14.83 -52.54 46.82
N THR A 193 -14.14 -51.40 46.68
CA THR A 193 -14.73 -50.19 46.15
C THR A 193 -14.08 -49.72 44.85
N GLU A 194 -12.79 -49.97 44.65
CA GLU A 194 -12.08 -49.60 43.43
C GLU A 194 -11.26 -50.78 42.95
N ILE A 195 -11.38 -51.09 41.66
CA ILE A 195 -10.60 -52.14 41.02
C ILE A 195 -9.97 -51.52 39.77
N ALA A 196 -8.65 -51.40 39.76
CA ALA A 196 -7.92 -50.83 38.64
C ALA A 196 -6.90 -51.85 38.16
N ILE A 197 -7.13 -52.41 36.97
CA ILE A 197 -6.21 -53.36 36.36
C ILE A 197 -5.88 -52.92 34.94
N TYR A 198 -6.02 -51.62 34.66
CA TYR A 198 -5.83 -51.15 33.30
C TYR A 198 -4.35 -51.15 32.93
N ASP A 199 -4.09 -50.95 31.64
CA ASP A 199 -2.75 -51.00 31.06
C ASP A 199 -2.10 -52.36 31.32
N ASN A 200 -2.74 -53.40 30.80
CA ASN A 200 -2.30 -54.78 30.99
C ASN A 200 -2.58 -55.55 29.70
N LEU A 201 -2.47 -56.87 29.78
CA LEU A 201 -2.71 -57.74 28.64
C LEU A 201 -3.84 -58.73 28.93
N LEU A 202 -4.85 -58.29 29.67
CA LEU A 202 -5.94 -59.17 30.06
C LEU A 202 -6.80 -59.55 28.85
N THR A 203 -7.33 -60.77 28.89
CA THR A 203 -8.16 -61.30 27.81
C THR A 203 -9.47 -61.85 28.37
N GLY A 204 -10.28 -62.45 27.53
CA GLY A 204 -11.52 -63.05 27.95
C GLY A 204 -12.57 -62.02 28.32
N PRO A 205 -13.72 -62.47 28.78
CA PRO A 205 -14.81 -61.56 29.11
C PRO A 205 -14.65 -60.96 30.50
N ILE A 206 -15.44 -59.93 30.76
CA ILE A 206 -15.57 -59.43 32.13
C ILE A 206 -16.41 -60.43 32.93
N PRO A 207 -15.97 -60.85 34.10
CA PRO A 207 -16.76 -61.84 34.87
C PRO A 207 -18.11 -61.26 35.26
N SER A 208 -19.17 -61.97 34.86
CA SER A 208 -20.52 -61.55 35.24
C SER A 208 -20.74 -61.64 36.74
N SER A 209 -19.87 -62.33 37.46
CA SER A 209 -19.89 -62.33 38.92
C SER A 209 -19.52 -60.98 39.51
N PHE A 210 -19.15 -60.00 38.68
CA PHE A 210 -18.84 -58.67 39.19
C PHE A 210 -20.07 -57.95 39.72
N GLY A 211 -21.27 -58.42 39.38
CA GLY A 211 -22.48 -57.88 39.99
C GLY A 211 -22.50 -58.04 41.50
N ASN A 212 -21.78 -59.05 42.01
CA ASN A 212 -21.69 -59.27 43.45
C ASN A 212 -20.85 -58.23 44.16
N LEU A 213 -20.19 -57.33 43.43
CA LEU A 213 -19.32 -56.32 44.04
C LEU A 213 -20.11 -55.03 44.29
N THR A 214 -21.13 -55.16 45.15
CA THR A 214 -22.11 -54.09 45.33
C THR A 214 -21.47 -52.78 45.78
N LYS A 215 -20.39 -52.84 46.54
CA LYS A 215 -19.74 -51.64 47.06
C LYS A 215 -18.83 -50.95 46.06
N LEU A 216 -18.69 -51.51 44.85
CA LEU A 216 -17.79 -50.94 43.85
C LEU A 216 -18.26 -49.57 43.41
N VAL A 217 -17.33 -48.61 43.36
CA VAL A 217 -17.65 -47.27 42.89
C VAL A 217 -16.81 -46.91 41.66
N ASN A 218 -15.63 -47.53 41.54
CA ASN A 218 -14.68 -47.21 40.49
C ASN A 218 -14.19 -48.49 39.84
N LEU A 219 -14.48 -48.65 38.55
CA LEU A 219 -14.00 -49.80 37.77
C LEU A 219 -13.14 -49.28 36.63
N TYR A 220 -11.84 -49.58 36.68
CA TYR A 220 -10.88 -49.13 35.67
C TYR A 220 -10.22 -50.37 35.05
N LEU A 221 -10.56 -50.67 33.80
CA LEU A 221 -9.98 -51.82 33.10
C LEU A 221 -9.64 -51.49 31.66
N PHE A 222 -9.27 -50.24 31.35
CA PHE A 222 -9.42 -49.84 29.96
C PHE A 222 -8.37 -50.42 29.04
N ILE A 223 -7.08 -50.16 29.28
CA ILE A 223 -6.07 -50.58 28.30
C ILE A 223 -5.85 -52.09 28.51
N ASN A 224 -6.51 -52.88 27.68
CA ASN A 224 -6.53 -54.34 27.80
C ASN A 224 -7.11 -54.89 26.51
N SER A 225 -7.30 -56.21 26.48
CA SER A 225 -7.89 -56.90 25.35
C SER A 225 -9.06 -57.77 25.79
N LEU A 226 -9.87 -57.26 26.72
CA LEU A 226 -11.06 -57.96 27.17
C LEU A 226 -12.01 -58.17 26.00
N SER A 227 -12.73 -59.29 26.02
CA SER A 227 -13.53 -59.72 24.88
C SER A 227 -14.97 -59.99 25.31
N GLY A 228 -15.80 -60.30 24.33
CA GLY A 228 -17.19 -60.65 24.58
C GLY A 228 -18.04 -59.44 24.97
N SER A 229 -19.31 -59.75 25.25
CA SER A 229 -20.27 -58.72 25.59
C SER A 229 -20.08 -58.25 27.04
N ILE A 230 -20.65 -57.11 27.34
CA ILE A 230 -20.58 -56.55 28.69
C ILE A 230 -21.61 -57.26 29.56
N PRO A 231 -21.22 -57.78 30.73
CA PRO A 231 -22.20 -58.45 31.60
C PRO A 231 -23.32 -57.51 32.00
N SER A 232 -24.56 -57.98 31.82
CA SER A 232 -25.72 -57.17 32.19
C SER A 232 -25.73 -56.85 33.67
N GLU A 233 -25.16 -57.73 34.50
CA GLU A 233 -25.12 -57.50 35.94
C GLU A 233 -24.35 -56.24 36.31
N ILE A 234 -23.44 -55.78 35.43
CA ILE A 234 -22.68 -54.56 35.71
C ILE A 234 -23.61 -53.37 35.85
N GLY A 235 -24.70 -53.34 35.07
CA GLY A 235 -25.68 -52.27 35.19
C GLY A 235 -26.38 -52.21 36.53
N ASN A 236 -26.24 -53.24 37.36
CA ASN A 236 -26.94 -53.31 38.64
C ASN A 236 -26.03 -53.03 39.84
N LEU A 237 -24.87 -52.43 39.61
CA LEU A 237 -24.04 -51.97 40.72
C LEU A 237 -24.62 -50.68 41.27
N PRO A 238 -25.08 -50.65 42.53
CA PRO A 238 -25.80 -49.45 43.01
C PRO A 238 -24.89 -48.26 43.27
N ASN A 239 -23.69 -48.49 43.79
CA ASN A 239 -22.79 -47.42 44.19
C ASN A 239 -21.77 -47.05 43.13
N LEU A 240 -21.82 -47.70 41.96
CA LEU A 240 -20.85 -47.41 40.91
C LEU A 240 -20.91 -45.95 40.49
N ARG A 241 -19.75 -45.31 40.38
CA ARG A 241 -19.64 -43.93 39.96
C ARG A 241 -18.86 -43.76 38.66
N GLU A 242 -17.82 -44.55 38.44
CA GLU A 242 -16.94 -44.41 37.27
C GLU A 242 -16.72 -45.78 36.66
N LEU A 243 -17.05 -45.91 35.37
CA LEU A 243 -16.88 -47.15 34.63
C LEU A 243 -16.06 -46.84 33.38
N CYS A 244 -14.84 -47.39 33.32
CA CYS A 244 -13.90 -47.12 32.23
C CYS A 244 -13.51 -48.46 31.59
N LEU A 245 -14.30 -48.86 30.59
CA LEU A 245 -14.04 -50.09 29.83
C LEU A 245 -13.49 -49.79 28.44
N ASP A 246 -12.99 -48.59 28.22
CA ASP A 246 -12.57 -48.15 26.90
C ASP A 246 -11.33 -48.92 26.45
N ARG A 247 -11.04 -48.83 25.14
CA ARG A 247 -9.81 -49.36 24.56
C ARG A 247 -9.67 -50.86 24.84
N ASN A 248 -10.65 -51.62 24.38
CA ASN A 248 -10.69 -53.06 24.58
C ASN A 248 -11.20 -53.71 23.30
N ASN A 249 -11.52 -54.99 23.38
CA ASN A 249 -12.05 -55.75 22.25
C ASN A 249 -13.46 -56.25 22.56
N LEU A 250 -14.26 -55.37 23.17
CA LEU A 250 -15.59 -55.74 23.64
C LEU A 250 -16.58 -55.76 22.48
N THR A 251 -17.29 -56.87 22.33
CA THR A 251 -18.30 -57.04 21.30
C THR A 251 -19.69 -56.95 21.93
N GLY A 252 -20.72 -57.03 21.08
CA GLY A 252 -22.09 -57.08 21.55
C GLY A 252 -22.70 -55.73 21.78
N LYS A 253 -23.94 -55.76 22.27
CA LYS A 253 -24.72 -54.55 22.53
C LYS A 253 -24.35 -53.96 23.89
N ILE A 254 -24.80 -52.72 24.10
CA ILE A 254 -24.66 -52.07 25.40
C ILE A 254 -25.83 -52.51 26.26
N PRO A 255 -25.57 -53.10 27.43
CA PRO A 255 -26.66 -53.65 28.25
C PRO A 255 -27.70 -52.59 28.60
N SER A 256 -28.96 -52.89 28.30
CA SER A 256 -30.05 -52.01 28.68
C SER A 256 -30.16 -51.84 30.19
N SER A 257 -29.60 -52.78 30.95
CA SER A 257 -29.56 -52.67 32.40
C SER A 257 -28.78 -51.46 32.89
N PHE A 258 -27.99 -50.83 32.01
CA PHE A 258 -27.19 -49.67 32.41
C PHE A 258 -28.06 -48.50 32.86
N GLY A 259 -29.34 -48.49 32.50
CA GLY A 259 -30.25 -47.46 32.98
C GLY A 259 -30.38 -47.41 34.49
N ASN A 260 -30.04 -48.50 35.18
CA ASN A 260 -30.14 -48.54 36.63
C ASN A 260 -29.01 -47.79 37.33
N LEU A 261 -27.92 -47.50 36.63
CA LEU A 261 -26.77 -46.84 37.25
C LEU A 261 -27.08 -45.36 37.43
N LYS A 262 -27.86 -45.07 38.47
CA LYS A 262 -28.25 -43.70 38.80
C LYS A 262 -27.15 -42.93 39.50
N ASN A 263 -26.06 -43.58 39.89
CA ASN A 263 -24.95 -42.92 40.58
C ASN A 263 -23.74 -42.69 39.69
N VAL A 264 -23.73 -43.23 38.47
CA VAL A 264 -22.55 -43.17 37.60
C VAL A 264 -22.44 -41.77 36.99
N THR A 265 -21.25 -41.18 37.11
CA THR A 265 -20.97 -39.88 36.51
C THR A 265 -20.04 -39.95 35.31
N LEU A 266 -19.27 -41.03 35.16
CA LEU A 266 -18.35 -41.17 34.05
C LEU A 266 -18.51 -42.56 33.43
N LEU A 267 -18.73 -42.60 32.12
CA LEU A 267 -18.86 -43.85 31.38
C LEU A 267 -17.95 -43.78 30.16
N ASN A 268 -16.76 -44.35 30.28
CA ASN A 268 -15.79 -44.40 29.18
C ASN A 268 -15.78 -45.82 28.63
N MET A 269 -16.28 -45.97 27.40
CA MET A 269 -16.28 -47.27 26.74
C MET A 269 -15.86 -47.13 25.28
N PHE A 270 -15.15 -46.06 24.93
CA PHE A 270 -14.74 -45.79 23.57
C PHE A 270 -13.67 -46.79 23.12
N GLU A 271 -13.39 -46.77 21.82
CA GLU A 271 -12.37 -47.61 21.21
C GLU A 271 -12.62 -49.09 21.50
N ASN A 272 -13.80 -49.54 21.07
CA ASN A 272 -14.22 -50.92 21.28
C ASN A 272 -14.90 -51.40 20.00
N GLN A 273 -15.43 -52.62 20.05
CA GLN A 273 -16.20 -53.19 18.95
C GLN A 273 -17.68 -53.34 19.32
N LEU A 274 -18.18 -52.44 20.16
CA LEU A 274 -19.59 -52.47 20.55
C LEU A 274 -20.47 -52.29 19.33
N SER A 275 -21.62 -52.95 19.33
CA SER A 275 -22.49 -52.98 18.17
C SER A 275 -23.93 -52.77 18.64
N GLY A 276 -24.88 -52.96 17.72
CA GLY A 276 -26.26 -52.67 18.04
C GLY A 276 -26.50 -51.17 18.11
N GLU A 277 -27.58 -50.81 18.82
CA GLU A 277 -27.99 -49.43 18.99
C GLU A 277 -27.78 -49.01 20.44
N ILE A 278 -27.62 -47.71 20.63
CA ILE A 278 -27.50 -47.16 21.99
C ILE A 278 -28.84 -47.36 22.70
N PRO A 279 -28.86 -48.10 23.79
CA PRO A 279 -30.13 -48.38 24.49
C PRO A 279 -30.78 -47.09 24.98
N PRO A 280 -32.07 -46.90 24.67
CA PRO A 280 -32.75 -45.68 25.13
C PRO A 280 -32.79 -45.55 26.65
N GLU A 281 -32.67 -46.65 27.39
CA GLU A 281 -32.64 -46.59 28.84
C GLU A 281 -31.42 -45.86 29.38
N ILE A 282 -30.42 -45.57 28.54
CA ILE A 282 -29.28 -44.77 28.97
C ILE A 282 -29.75 -43.41 29.47
N GLY A 283 -30.85 -42.89 28.92
CA GLY A 283 -31.38 -41.62 29.36
C GLY A 283 -31.69 -41.58 30.84
N ASN A 284 -32.02 -42.73 31.43
CA ASN A 284 -32.29 -42.79 32.86
C ASN A 284 -31.04 -42.56 33.70
N MET A 285 -29.85 -42.54 33.09
CA MET A 285 -28.60 -42.30 33.81
C MET A 285 -28.49 -40.81 34.11
N THR A 286 -29.34 -40.36 35.05
CA THR A 286 -29.54 -38.95 35.31
C THR A 286 -28.35 -38.28 35.98
N ALA A 287 -27.35 -39.04 36.44
CA ALA A 287 -26.17 -38.47 37.05
C ALA A 287 -24.96 -38.46 36.13
N LEU A 288 -25.16 -38.81 34.86
CA LEU A 288 -24.05 -38.92 33.93
C LEU A 288 -23.46 -37.55 33.61
N ASP A 289 -22.13 -37.44 33.71
CA ASP A 289 -21.39 -36.23 33.41
C ASP A 289 -20.64 -36.30 32.09
N THR A 290 -20.06 -37.46 31.77
CA THR A 290 -19.26 -37.64 30.55
C THR A 290 -19.56 -39.01 29.96
N LEU A 291 -20.04 -39.03 28.72
CA LEU A 291 -20.39 -40.26 28.03
C LEU A 291 -19.59 -40.35 26.74
N SER A 292 -18.76 -41.38 26.62
CA SER A 292 -17.86 -41.54 25.48
C SER A 292 -17.99 -42.94 24.91
N LEU A 293 -18.65 -43.06 23.76
CA LEU A 293 -18.73 -44.32 23.03
C LEU A 293 -18.03 -44.24 21.67
N HIS A 294 -17.10 -43.31 21.50
CA HIS A 294 -16.51 -43.08 20.19
C HIS A 294 -15.62 -44.26 19.78
N THR A 295 -15.36 -44.33 18.46
CA THR A 295 -14.56 -45.38 17.86
C THR A 295 -15.14 -46.76 18.18
N ASN A 296 -16.38 -46.97 17.73
CA ASN A 296 -17.08 -48.22 17.96
C ASN A 296 -17.79 -48.61 16.66
N LYS A 297 -18.62 -49.64 16.74
CA LYS A 297 -19.41 -50.11 15.60
C LYS A 297 -20.91 -49.99 15.88
N LEU A 298 -21.29 -48.98 16.68
CA LEU A 298 -22.69 -48.76 16.98
C LEU A 298 -23.47 -48.37 15.73
N THR A 299 -24.75 -48.71 15.72
CA THR A 299 -25.65 -48.42 14.61
C THR A 299 -26.97 -47.89 15.14
N GLY A 300 -27.83 -47.45 14.23
CA GLY A 300 -29.11 -46.91 14.59
C GLY A 300 -29.03 -45.44 14.97
N PRO A 301 -30.17 -44.84 15.30
CA PRO A 301 -30.20 -43.40 15.58
C PRO A 301 -29.72 -43.08 16.99
N ILE A 302 -29.44 -41.79 17.20
CA ILE A 302 -29.17 -41.30 18.56
C ILE A 302 -30.43 -41.46 19.40
N PRO A 303 -30.36 -42.03 20.61
CA PRO A 303 -31.57 -42.15 21.43
C PRO A 303 -32.04 -40.77 21.87
N SER A 304 -33.31 -40.48 21.58
CA SER A 304 -33.89 -39.19 21.98
C SER A 304 -33.90 -39.02 23.50
N THR A 305 -33.75 -40.11 24.25
CA THR A 305 -33.72 -40.06 25.70
C THR A 305 -32.45 -39.44 26.27
N LEU A 306 -31.50 -39.05 25.43
CA LEU A 306 -30.30 -38.38 25.94
C LEU A 306 -30.62 -37.02 26.54
N GLY A 307 -31.71 -36.38 26.11
CA GLY A 307 -32.08 -35.09 26.66
C GLY A 307 -32.36 -35.12 28.15
N ASN A 308 -32.81 -36.26 28.67
CA ASN A 308 -33.14 -36.34 30.09
C ASN A 308 -31.92 -36.15 30.98
N ILE A 309 -30.72 -36.47 30.50
CA ILE A 309 -29.52 -36.29 31.32
C ILE A 309 -29.21 -34.80 31.30
N LYS A 310 -29.59 -34.10 32.35
CA LYS A 310 -29.33 -32.66 32.45
C LYS A 310 -27.93 -32.34 32.97
N THR A 311 -27.20 -33.35 33.45
CA THR A 311 -25.83 -33.16 33.92
C THR A 311 -24.78 -33.46 32.86
N LEU A 312 -25.16 -33.98 31.70
CA LEU A 312 -24.19 -34.40 30.70
C LEU A 312 -23.49 -33.18 30.11
N ALA A 313 -22.18 -33.10 30.32
CA ALA A 313 -21.37 -32.01 29.79
C ALA A 313 -20.47 -32.43 28.63
N VAL A 314 -20.17 -33.72 28.50
CA VAL A 314 -19.32 -34.22 27.43
C VAL A 314 -19.99 -35.44 26.80
N LEU A 315 -20.29 -35.37 25.51
CA LEU A 315 -20.85 -36.48 24.75
C LEU A 315 -19.96 -36.72 23.54
N HIS A 316 -19.32 -37.88 23.48
CA HIS A 316 -18.45 -38.25 22.37
C HIS A 316 -19.01 -39.51 21.71
N LEU A 317 -19.76 -39.32 20.63
CA LEU A 317 -20.36 -40.40 19.86
C LEU A 317 -19.70 -40.59 18.51
N TYR A 318 -18.58 -39.91 18.25
CA TYR A 318 -18.01 -39.87 16.91
C TYR A 318 -17.37 -41.20 16.54
N LEU A 319 -17.02 -41.33 15.26
CA LEU A 319 -16.37 -42.52 14.71
C LEU A 319 -17.21 -43.78 14.95
N ASN A 320 -18.41 -43.76 14.38
CA ASN A 320 -19.37 -44.85 14.52
C ASN A 320 -20.19 -44.93 13.24
N GLN A 321 -21.30 -45.67 13.30
CA GLN A 321 -22.17 -45.88 12.16
C GLN A 321 -23.61 -45.53 12.50
N LEU A 322 -23.82 -44.52 13.34
CA LEU A 322 -25.19 -44.11 13.64
C LEU A 322 -25.80 -43.39 12.45
N ASN A 323 -27.06 -43.69 12.17
CA ASN A 323 -27.80 -43.15 11.05
C ASN A 323 -29.01 -42.36 11.54
N GLY A 324 -29.83 -41.91 10.60
CA GLY A 324 -31.03 -41.18 10.95
C GLY A 324 -30.75 -39.71 11.24
N SER A 325 -31.77 -39.05 11.79
CA SER A 325 -31.72 -37.63 12.06
C SER A 325 -31.34 -37.37 13.51
N ILE A 326 -30.84 -36.16 13.76
CA ILE A 326 -30.50 -35.73 15.11
C ILE A 326 -31.78 -35.46 15.88
N PRO A 327 -31.99 -36.12 17.03
CA PRO A 327 -33.21 -35.88 17.81
C PRO A 327 -33.28 -34.45 18.28
N PRO A 328 -34.41 -33.77 18.06
CA PRO A 328 -34.57 -32.40 18.59
C PRO A 328 -34.44 -32.32 20.10
N GLU A 329 -34.60 -33.44 20.80
CA GLU A 329 -34.47 -33.46 22.26
C GLU A 329 -33.03 -33.27 22.73
N LEU A 330 -32.05 -33.37 21.83
CA LEU A 330 -30.67 -33.09 22.21
C LEU A 330 -30.47 -31.61 22.57
N GLY A 331 -31.36 -30.73 22.12
CA GLY A 331 -31.30 -29.35 22.55
C GLY A 331 -31.58 -29.15 24.02
N GLU A 332 -32.16 -30.14 24.67
CA GLU A 332 -32.53 -30.06 26.08
C GLU A 332 -31.42 -30.52 27.01
N MET A 333 -30.28 -30.94 26.48
CA MET A 333 -29.13 -31.33 27.30
C MET A 333 -28.47 -30.03 27.78
N GLU A 334 -28.96 -29.53 28.91
CA GLU A 334 -28.64 -28.16 29.35
C GLU A 334 -27.16 -27.99 29.63
N SER A 335 -26.53 -28.97 30.30
CA SER A 335 -25.16 -28.83 30.75
C SER A 335 -24.14 -29.11 29.65
N MET A 336 -24.59 -29.41 28.43
CA MET A 336 -23.68 -29.88 27.40
C MET A 336 -22.63 -28.82 27.05
N ILE A 337 -21.37 -29.26 27.03
CA ILE A 337 -20.24 -28.41 26.67
C ILE A 337 -19.54 -28.91 25.42
N ASP A 338 -19.33 -30.23 25.31
CA ASP A 338 -18.56 -30.85 24.24
C ASP A 338 -19.45 -31.89 23.57
N LEU A 339 -20.01 -31.53 22.41
CA LEU A 339 -20.94 -32.38 21.66
C LEU A 339 -20.26 -32.80 20.36
N GLU A 340 -19.98 -34.10 20.23
CA GLU A 340 -19.23 -34.63 19.09
C GLU A 340 -19.94 -35.84 18.53
N ILE A 341 -20.50 -35.69 17.33
CA ILE A 341 -21.20 -36.78 16.65
C ILE A 341 -20.59 -36.95 15.26
N SER A 342 -19.32 -36.59 15.10
CA SER A 342 -18.69 -36.57 13.79
C SER A 342 -18.46 -37.99 13.28
N GLU A 343 -18.08 -38.07 11.99
CA GLU A 343 -17.71 -39.32 11.32
C GLU A 343 -18.80 -40.38 11.53
N ASN A 344 -19.99 -40.08 11.03
CA ASN A 344 -21.13 -40.96 11.18
C ASN A 344 -21.92 -40.95 9.88
N LYS A 345 -23.12 -41.52 9.92
CA LYS A 345 -24.02 -41.56 8.78
C LYS A 345 -25.35 -40.91 9.12
N LEU A 346 -25.29 -39.84 9.92
CA LEU A 346 -26.49 -39.09 10.27
C LEU A 346 -27.02 -38.34 9.04
N THR A 347 -28.31 -38.06 9.06
CA THR A 347 -28.98 -37.39 7.95
C THR A 347 -29.92 -36.34 8.52
N GLY A 348 -30.57 -35.58 7.64
CA GLY A 348 -31.56 -34.62 8.02
C GLY A 348 -30.95 -33.32 8.53
N PRO A 349 -31.81 -32.40 8.93
CA PRO A 349 -31.32 -31.09 9.38
C PRO A 349 -30.95 -31.09 10.85
N VAL A 350 -30.15 -30.08 11.22
CA VAL A 350 -29.86 -29.83 12.63
C VAL A 350 -31.08 -29.21 13.29
N PRO A 351 -31.50 -29.69 14.45
CA PRO A 351 -32.67 -29.09 15.11
C PRO A 351 -32.38 -27.68 15.59
N ASP A 352 -33.38 -26.80 15.41
CA ASP A 352 -33.29 -25.45 15.95
C ASP A 352 -33.18 -25.44 17.47
N SER A 353 -33.52 -26.56 18.13
CA SER A 353 -33.43 -26.68 19.57
C SER A 353 -31.99 -26.55 20.08
N PHE A 354 -31.00 -26.66 19.20
CA PHE A 354 -29.61 -26.49 19.61
C PHE A 354 -29.34 -25.10 20.18
N GLY A 355 -30.20 -24.13 19.90
CA GLY A 355 -30.06 -22.82 20.52
C GLY A 355 -30.18 -22.86 22.03
N LYS A 356 -30.87 -23.87 22.56
CA LYS A 356 -31.01 -24.00 24.01
C LYS A 356 -29.74 -24.49 24.69
N LEU A 357 -28.74 -24.95 23.93
CA LEU A 357 -27.44 -25.31 24.47
C LEU A 357 -26.65 -24.02 24.70
N THR A 358 -26.88 -23.41 25.87
CA THR A 358 -26.29 -22.11 26.16
C THR A 358 -24.84 -22.20 26.64
N ALA A 359 -24.35 -23.38 26.98
CA ALA A 359 -22.97 -23.54 27.47
C ALA A 359 -22.12 -24.36 26.53
N LEU A 360 -22.54 -24.54 25.28
CA LEU A 360 -21.79 -25.35 24.34
C LEU A 360 -20.50 -24.66 23.92
N GLU A 361 -19.43 -25.45 23.80
CA GLU A 361 -18.13 -24.94 23.38
C GLU A 361 -17.56 -25.65 22.16
N TRP A 362 -17.75 -26.96 22.05
CA TRP A 362 -17.34 -27.74 20.89
C TRP A 362 -18.56 -28.41 20.28
N LEU A 363 -18.84 -28.12 19.02
CA LEU A 363 -19.90 -28.79 18.27
C LEU A 363 -19.25 -29.49 17.07
N PHE A 364 -19.10 -30.80 17.17
CA PHE A 364 -18.46 -31.62 16.14
C PHE A 364 -19.55 -32.37 15.40
N LEU A 365 -19.87 -31.90 14.19
CA LEU A 365 -20.86 -32.55 13.32
C LEU A 365 -20.27 -32.95 11.98
N ARG A 366 -18.97 -32.81 11.80
CA ARG A 366 -18.34 -33.00 10.50
C ARG A 366 -18.42 -34.46 10.05
N ASP A 367 -18.19 -34.67 8.77
CA ASP A 367 -18.14 -36.00 8.16
C ASP A 367 -19.45 -36.76 8.38
N ASN A 368 -20.52 -36.21 7.84
CA ASN A 368 -21.85 -36.80 7.99
C ASN A 368 -22.62 -36.55 6.71
N GLN A 369 -23.93 -36.83 6.75
CA GLN A 369 -24.81 -36.64 5.59
C GLN A 369 -25.96 -35.70 5.92
N LEU A 370 -25.73 -34.75 6.82
CA LEU A 370 -26.76 -33.77 7.15
C LEU A 370 -26.99 -32.82 5.98
N SER A 371 -28.14 -32.17 6.00
CA SER A 371 -28.57 -31.34 4.87
C SER A 371 -29.45 -30.21 5.39
N GLY A 372 -29.89 -29.36 4.46
CA GLY A 372 -30.75 -28.24 4.77
C GLY A 372 -29.97 -27.03 5.24
N PRO A 373 -30.68 -26.00 5.68
CA PRO A 373 -30.02 -24.78 6.16
C PRO A 373 -29.48 -24.95 7.57
N ILE A 374 -28.62 -24.03 7.95
CA ILE A 374 -28.07 -23.96 9.30
C ILE A 374 -29.03 -23.14 10.15
N PRO A 375 -29.62 -23.70 11.21
CA PRO A 375 -30.48 -22.91 12.10
C PRO A 375 -29.67 -21.87 12.83
N PRO A 376 -30.23 -20.68 13.05
CA PRO A 376 -29.47 -19.63 13.76
C PRO A 376 -29.08 -20.02 15.16
N GLY A 377 -29.73 -21.01 15.76
CA GLY A 377 -29.44 -21.41 17.12
C GLY A 377 -28.16 -22.20 17.30
N ILE A 378 -27.54 -22.64 16.21
CA ILE A 378 -26.31 -23.43 16.32
C ILE A 378 -25.22 -22.62 17.02
N ALA A 379 -25.03 -21.36 16.59
CA ALA A 379 -24.03 -20.49 17.16
C ALA A 379 -24.61 -19.54 18.21
N ASN A 380 -25.73 -19.90 18.83
CA ASN A 380 -26.30 -19.08 19.89
C ASN A 380 -25.35 -18.97 21.08
N SER A 381 -24.50 -19.97 21.27
CA SER A 381 -23.66 -20.02 22.47
C SER A 381 -22.59 -18.94 22.43
N THR A 382 -22.50 -18.16 23.51
CA THR A 382 -21.44 -17.18 23.64
C THR A 382 -20.09 -17.83 23.98
N GLU A 383 -20.11 -19.09 24.43
CA GLU A 383 -18.89 -19.81 24.77
C GLU A 383 -18.48 -20.78 23.67
N LEU A 384 -19.16 -20.76 22.52
CA LEU A 384 -18.75 -21.58 21.38
C LEU A 384 -17.35 -21.21 20.93
N THR A 385 -16.51 -22.22 20.73
CA THR A 385 -15.12 -21.97 20.33
C THR A 385 -14.73 -22.77 19.09
N VAL A 386 -15.36 -23.92 18.87
CA VAL A 386 -15.03 -24.80 17.76
C VAL A 386 -16.32 -25.26 17.09
N LEU A 387 -16.44 -25.03 15.78
CA LEU A 387 -17.64 -25.32 15.01
C LEU A 387 -17.20 -26.05 13.74
N GLN A 388 -17.16 -27.38 13.79
CA GLN A 388 -16.67 -28.21 12.69
C GLN A 388 -17.86 -28.80 11.92
N LEU A 389 -17.98 -28.44 10.64
CA LEU A 389 -19.09 -28.90 9.82
C LEU A 389 -18.69 -29.46 8.46
N ASP A 390 -17.40 -29.69 8.19
CA ASP A 390 -16.99 -30.10 6.85
C ASP A 390 -17.55 -31.47 6.51
N THR A 391 -17.45 -31.80 5.22
CA THR A 391 -17.89 -33.09 4.68
C THR A 391 -19.37 -33.36 4.99
N ASN A 392 -20.22 -32.47 4.45
CA ASN A 392 -21.65 -32.57 4.67
C ASN A 392 -22.37 -31.99 3.44
N ASN A 393 -23.70 -31.99 3.49
CA ASN A 393 -24.54 -31.59 2.38
C ASN A 393 -25.45 -30.42 2.74
N PHE A 394 -24.91 -29.42 3.43
CA PHE A 394 -25.74 -28.30 3.87
C PHE A 394 -25.96 -27.30 2.73
N THR A 395 -26.94 -26.42 2.93
CA THR A 395 -27.32 -25.43 1.95
C THR A 395 -27.63 -24.12 2.66
N GLY A 396 -27.63 -23.03 1.89
CA GLY A 396 -28.09 -21.75 2.37
C GLY A 396 -27.00 -20.87 2.94
N PHE A 397 -27.44 -19.85 3.69
CA PHE A 397 -26.57 -18.82 4.23
C PHE A 397 -26.07 -19.19 5.62
N LEU A 398 -25.01 -18.51 6.05
CA LEU A 398 -24.54 -18.62 7.43
C LEU A 398 -25.35 -17.70 8.34
N PRO A 399 -25.65 -18.13 9.56
CA PRO A 399 -26.45 -17.29 10.46
C PRO A 399 -25.63 -16.14 11.01
N ASP A 400 -26.33 -15.03 11.30
CA ASP A 400 -25.66 -13.85 11.83
C ASP A 400 -25.18 -14.02 13.26
N THR A 401 -25.57 -15.10 13.93
CA THR A 401 -25.12 -15.41 15.28
C THR A 401 -23.76 -16.10 15.32
N ILE A 402 -23.02 -16.07 14.21
CA ILE A 402 -21.91 -17.01 14.00
C ILE A 402 -20.85 -16.88 15.09
N CYS A 403 -20.47 -15.65 15.44
CA CYS A 403 -19.47 -15.39 16.47
C CYS A 403 -20.04 -14.43 17.50
N ARG A 404 -21.28 -14.70 17.92
CA ARG A 404 -22.00 -13.81 18.83
C ARG A 404 -21.20 -13.53 20.10
N GLY A 405 -20.64 -14.58 20.70
CA GLY A 405 -19.88 -14.39 21.93
C GLY A 405 -18.47 -13.87 21.74
N GLY A 406 -18.01 -13.78 20.50
CA GLY A 406 -16.67 -13.28 20.24
C GLY A 406 -15.56 -14.20 20.67
N LYS A 407 -15.83 -15.49 20.82
CA LYS A 407 -14.86 -16.45 21.31
C LYS A 407 -14.58 -17.58 20.32
N LEU A 408 -15.24 -17.60 19.17
CA LEU A 408 -15.04 -18.66 18.20
C LEU A 408 -13.60 -18.69 17.71
N GLU A 409 -12.99 -19.88 17.78
CA GLU A 409 -11.60 -20.09 17.36
C GLU A 409 -11.49 -20.82 16.04
N ASN A 410 -12.13 -21.97 15.92
CA ASN A 410 -11.96 -22.87 14.78
C ASN A 410 -13.32 -23.10 14.12
N LEU A 411 -13.47 -22.66 12.87
CA LEU A 411 -14.69 -22.81 12.10
C LEU A 411 -14.38 -23.56 10.81
N THR A 412 -15.19 -24.59 10.53
CA THR A 412 -14.87 -25.55 9.46
C THR A 412 -16.13 -25.83 8.64
N LEU A 413 -16.09 -25.53 7.34
CA LEU A 413 -17.27 -25.65 6.47
C LEU A 413 -16.96 -26.32 5.13
N ASP A 414 -15.92 -27.14 5.08
CA ASP A 414 -15.43 -27.64 3.79
C ASP A 414 -16.47 -28.51 3.09
N ASP A 415 -16.43 -28.49 1.75
CA ASP A 415 -17.13 -29.43 0.90
C ASP A 415 -18.63 -29.48 1.22
N ASN A 416 -19.29 -28.34 0.99
CA ASN A 416 -20.70 -28.19 1.27
C ASN A 416 -21.31 -27.38 0.13
N HIS A 417 -22.54 -26.92 0.32
CA HIS A 417 -23.25 -26.11 -0.67
C HIS A 417 -23.75 -24.83 -0.02
N PHE A 418 -22.87 -24.20 0.75
CA PHE A 418 -23.17 -22.89 1.31
C PHE A 418 -23.06 -21.82 0.24
N GLU A 419 -23.87 -20.78 0.39
CA GLU A 419 -23.89 -19.67 -0.54
C GLU A 419 -24.17 -18.39 0.24
N GLY A 420 -24.19 -17.27 -0.47
CA GLY A 420 -24.43 -15.99 0.15
C GLY A 420 -23.17 -15.40 0.76
N PRO A 421 -23.30 -14.27 1.45
CA PRO A 421 -22.12 -13.56 1.93
C PRO A 421 -21.67 -14.02 3.30
N VAL A 422 -20.56 -13.45 3.78
CA VAL A 422 -20.07 -13.74 5.13
C VAL A 422 -20.79 -12.81 6.10
N PRO A 423 -21.36 -13.34 7.19
CA PRO A 423 -22.08 -12.49 8.12
C PRO A 423 -21.18 -11.45 8.77
N LYS A 424 -21.76 -10.29 9.07
CA LYS A 424 -21.00 -9.21 9.68
C LYS A 424 -20.39 -9.63 11.00
N SER A 425 -21.03 -10.58 11.71
CA SER A 425 -20.49 -11.08 12.96
C SER A 425 -19.19 -11.84 12.76
N LEU A 426 -19.03 -12.50 11.60
CA LEU A 426 -17.79 -13.20 11.30
C LEU A 426 -16.68 -12.24 10.89
N ARG A 427 -17.03 -11.15 10.20
CA ARG A 427 -16.02 -10.16 9.83
C ARG A 427 -15.37 -9.55 11.06
N ASP A 428 -16.16 -9.23 12.08
CA ASP A 428 -15.66 -8.58 13.29
C ASP A 428 -15.19 -9.57 14.35
N CYS A 429 -15.36 -10.86 14.13
CA CYS A 429 -14.93 -11.88 15.09
C CYS A 429 -13.41 -11.99 15.06
N LYS A 430 -12.75 -11.37 16.05
CA LYS A 430 -11.28 -11.29 16.07
C LYS A 430 -10.61 -12.54 16.63
N SER A 431 -11.37 -13.47 17.21
CA SER A 431 -10.78 -14.61 17.90
C SER A 431 -10.56 -15.82 17.01
N LEU A 432 -10.65 -15.68 15.70
CA LEU A 432 -10.52 -16.82 14.80
C LEU A 432 -9.08 -17.34 14.80
N ILE A 433 -8.94 -18.66 14.67
CA ILE A 433 -7.64 -19.31 14.61
C ILE A 433 -7.53 -20.12 13.33
N ARG A 434 -8.48 -21.03 13.11
CA ARG A 434 -8.56 -21.82 11.89
C ARG A 434 -9.91 -21.56 11.23
N VAL A 435 -9.88 -21.10 9.98
CA VAL A 435 -11.08 -20.86 9.19
C VAL A 435 -10.97 -21.69 7.92
N ARG A 436 -12.02 -22.42 7.59
CA ARG A 436 -12.02 -23.32 6.44
C ARG A 436 -13.34 -23.18 5.70
N PHE A 437 -13.31 -22.42 4.61
CA PHE A 437 -14.48 -22.21 3.75
C PHE A 437 -14.43 -23.06 2.48
N LYS A 438 -13.47 -23.97 2.37
CA LYS A 438 -13.15 -24.62 1.10
C LYS A 438 -14.36 -25.33 0.51
N GLY A 439 -14.47 -25.28 -0.82
CA GLY A 439 -15.49 -26.03 -1.54
C GLY A 439 -16.91 -25.60 -1.27
N ASN A 440 -17.27 -24.38 -1.64
CA ASN A 440 -18.61 -23.85 -1.44
C ASN A 440 -18.91 -22.88 -2.58
N SER A 441 -19.97 -22.11 -2.41
CA SER A 441 -20.36 -21.06 -3.37
C SER A 441 -20.52 -19.73 -2.66
N PHE A 442 -19.64 -19.46 -1.71
CA PHE A 442 -19.67 -18.17 -1.01
C PHE A 442 -19.39 -17.03 -1.97
N SER A 443 -19.98 -15.87 -1.69
CA SER A 443 -19.90 -14.72 -2.57
C SER A 443 -19.63 -13.47 -1.76
N GLY A 444 -19.31 -12.39 -2.47
CA GLY A 444 -19.08 -11.10 -1.87
C GLY A 444 -17.69 -10.57 -2.16
N ASP A 445 -17.49 -9.31 -1.80
CA ASP A 445 -16.21 -8.65 -1.99
C ASP A 445 -15.24 -9.13 -0.92
N ILE A 446 -14.11 -9.71 -1.34
CA ILE A 446 -13.18 -10.32 -0.39
C ILE A 446 -12.64 -9.29 0.58
N SER A 447 -12.47 -8.04 0.14
CA SER A 447 -12.01 -6.98 1.05
C SER A 447 -13.12 -6.46 1.94
N GLU A 448 -14.38 -6.65 1.55
CA GLU A 448 -15.53 -6.25 2.35
C GLU A 448 -16.04 -7.36 3.25
N ALA A 449 -15.64 -8.61 3.00
CA ALA A 449 -16.16 -9.76 3.72
C ALA A 449 -15.45 -10.02 5.04
N PHE A 450 -14.12 -9.88 5.07
CA PHE A 450 -13.32 -10.23 6.24
C PHE A 450 -12.71 -8.98 6.86
N GLY A 451 -12.68 -8.97 8.20
CA GLY A 451 -12.01 -7.89 8.92
C GLY A 451 -10.57 -8.24 9.26
N VAL A 452 -10.11 -7.84 10.42
CA VAL A 452 -8.76 -8.15 10.89
C VAL A 452 -8.85 -9.26 11.93
N TYR A 453 -7.85 -10.14 11.93
CA TYR A 453 -7.82 -11.29 12.83
C TYR A 453 -6.42 -11.44 13.39
N PRO A 454 -6.16 -10.85 14.57
CA PRO A 454 -4.79 -10.89 15.11
C PRO A 454 -4.32 -12.28 15.51
N THR A 455 -5.24 -13.21 15.79
CA THR A 455 -4.89 -14.56 16.20
C THR A 455 -5.08 -15.59 15.09
N LEU A 456 -5.29 -15.14 13.86
CA LEU A 456 -5.54 -16.06 12.77
C LEU A 456 -4.26 -16.83 12.44
N ASN A 457 -4.41 -18.15 12.28
CA ASN A 457 -3.29 -19.04 12.01
C ASN A 457 -3.41 -19.72 10.65
N PHE A 458 -4.58 -20.27 10.33
CA PHE A 458 -4.78 -21.02 9.10
C PHE A 458 -6.13 -20.62 8.51
N ILE A 459 -6.15 -20.30 7.22
CA ILE A 459 -7.38 -19.95 6.53
C ILE A 459 -7.32 -20.51 5.12
N ASP A 460 -8.44 -21.10 4.67
CA ASP A 460 -8.53 -21.70 3.34
C ASP A 460 -9.90 -21.38 2.77
N LEU A 461 -9.94 -20.42 1.84
CA LEU A 461 -11.18 -19.99 1.19
C LEU A 461 -11.31 -20.51 -0.22
N SER A 462 -10.63 -21.61 -0.54
CA SER A 462 -10.53 -22.09 -1.92
C SER A 462 -11.87 -22.60 -2.43
N ASN A 463 -12.00 -22.59 -3.75
CA ASN A 463 -13.19 -23.11 -4.45
C ASN A 463 -14.46 -22.39 -3.99
N ASN A 464 -14.48 -21.08 -4.24
CA ASN A 464 -15.61 -20.24 -3.87
C ASN A 464 -15.78 -19.18 -4.96
N ASN A 465 -16.67 -18.22 -4.73
CA ASN A 465 -16.99 -17.19 -5.70
C ASN A 465 -16.77 -15.80 -5.10
N PHE A 466 -15.67 -15.63 -4.38
CA PHE A 466 -15.31 -14.32 -3.85
C PHE A 466 -14.72 -13.45 -4.96
N HIS A 467 -15.25 -12.23 -5.10
CA HIS A 467 -14.73 -11.27 -6.05
C HIS A 467 -14.04 -10.13 -5.30
N GLY A 468 -13.48 -9.20 -6.06
CA GLY A 468 -12.82 -8.03 -5.49
C GLY A 468 -11.32 -8.20 -5.41
N GLN A 469 -10.69 -7.20 -4.79
CA GLN A 469 -9.25 -7.17 -4.61
C GLN A 469 -8.91 -7.44 -3.15
N LEU A 470 -7.70 -7.94 -2.91
CA LEU A 470 -7.29 -8.32 -1.57
C LEU A 470 -7.04 -7.09 -0.72
N SER A 471 -7.68 -7.03 0.45
CA SER A 471 -7.45 -5.96 1.38
C SER A 471 -6.09 -6.09 2.05
N ALA A 472 -5.48 -4.95 2.35
CA ALA A 472 -4.22 -4.97 3.08
C ALA A 472 -4.41 -5.28 4.56
N ASN A 473 -5.65 -5.55 4.99
CA ASN A 473 -5.91 -5.93 6.37
C ASN A 473 -5.23 -7.23 6.75
N TRP A 474 -4.96 -8.11 5.78
CA TRP A 474 -4.37 -9.41 6.08
C TRP A 474 -2.99 -9.27 6.73
N GLU A 475 -2.30 -8.15 6.49
CA GLU A 475 -0.99 -7.96 7.11
C GLU A 475 -1.07 -7.95 8.62
N GLN A 476 -2.18 -7.47 9.19
CA GLN A 476 -2.33 -7.43 10.63
C GLN A 476 -2.51 -8.81 11.24
N SER A 477 -2.81 -9.83 10.43
CA SER A 477 -2.85 -11.21 10.90
C SER A 477 -1.42 -11.72 10.98
N GLN A 478 -0.66 -11.14 11.91
CA GLN A 478 0.77 -11.38 12.00
C GLN A 478 1.11 -12.82 12.38
N LYS A 479 0.13 -13.58 12.87
CA LYS A 479 0.35 -14.98 13.22
C LYS A 479 -0.07 -15.94 12.12
N LEU A 480 -0.50 -15.42 10.96
CA LEU A 480 -0.92 -16.28 9.86
C LEU A 480 0.29 -16.98 9.24
N VAL A 481 0.16 -18.29 9.06
CA VAL A 481 1.21 -19.07 8.41
C VAL A 481 0.75 -19.70 7.10
N ALA A 482 -0.56 -19.84 6.88
CA ALA A 482 -1.08 -20.43 5.64
C ALA A 482 -2.23 -19.57 5.13
N PHE A 483 -2.00 -18.87 4.03
CA PHE A 483 -3.03 -18.12 3.33
C PHE A 483 -3.30 -18.82 2.00
N ILE A 484 -4.48 -19.44 1.89
CA ILE A 484 -4.82 -20.28 0.74
C ILE A 484 -6.17 -19.81 0.21
N LEU A 485 -6.16 -19.18 -0.97
CA LEU A 485 -7.36 -18.59 -1.55
C LEU A 485 -7.47 -18.95 -3.03
N SER A 486 -7.27 -20.22 -3.36
CA SER A 486 -7.24 -20.61 -4.77
C SER A 486 -8.64 -20.75 -5.35
N ASN A 487 -8.71 -20.68 -6.68
CA ASN A 487 -9.93 -20.91 -7.45
C ASN A 487 -11.07 -19.98 -7.02
N ASN A 488 -10.79 -18.67 -7.09
CA ASN A 488 -11.82 -17.68 -6.83
C ASN A 488 -11.86 -16.66 -7.97
N SER A 489 -12.64 -15.60 -7.81
CA SER A 489 -12.80 -14.57 -8.83
C SER A 489 -12.17 -13.25 -8.38
N ILE A 490 -11.04 -13.34 -7.68
CA ILE A 490 -10.40 -12.14 -7.14
C ILE A 490 -9.55 -11.48 -8.21
N THR A 491 -9.73 -10.17 -8.37
CA THR A 491 -9.02 -9.32 -9.31
C THR A 491 -8.07 -8.40 -8.56
N GLY A 492 -7.43 -7.50 -9.31
CA GLY A 492 -6.53 -6.54 -8.71
C GLY A 492 -5.15 -7.13 -8.45
N ALA A 493 -4.35 -6.35 -7.73
CA ALA A 493 -2.96 -6.70 -7.47
C ALA A 493 -2.79 -7.19 -6.04
N ILE A 494 -1.63 -7.79 -5.78
CA ILE A 494 -1.29 -8.29 -4.44
C ILE A 494 -0.83 -7.11 -3.61
N PRO A 495 -1.47 -6.82 -2.48
CA PRO A 495 -1.04 -5.70 -1.64
C PRO A 495 0.40 -5.88 -1.23
N PRO A 496 1.22 -4.82 -1.30
CA PRO A 496 2.63 -4.96 -0.91
C PRO A 496 2.80 -5.36 0.55
N GLU A 497 1.81 -5.09 1.40
CA GLU A 497 1.89 -5.46 2.80
C GLU A 497 1.86 -6.96 3.02
N ILE A 498 1.40 -7.73 2.02
CA ILE A 498 1.38 -9.19 2.15
C ILE A 498 2.78 -9.73 2.34
N TRP A 499 3.77 -9.10 1.69
CA TRP A 499 5.15 -9.55 1.86
C TRP A 499 5.71 -9.20 3.24
N ASN A 500 5.16 -8.19 3.91
CA ASN A 500 5.55 -7.90 5.28
C ASN A 500 4.96 -8.90 6.27
N MET A 501 4.26 -9.93 5.80
CA MET A 501 3.80 -11.04 6.65
C MET A 501 4.89 -12.10 6.70
N THR A 502 5.90 -11.83 7.54
CA THR A 502 7.10 -12.67 7.57
C THR A 502 6.82 -14.10 7.99
N GLN A 503 5.74 -14.34 8.74
CA GLN A 503 5.48 -15.68 9.28
C GLN A 503 4.80 -16.61 8.30
N LEU A 504 4.53 -16.15 7.07
CA LEU A 504 3.86 -16.99 6.09
C LEU A 504 4.78 -18.12 5.63
N SER A 505 4.25 -19.34 5.64
CA SER A 505 4.96 -20.50 5.11
C SER A 505 4.32 -21.08 3.86
N GLN A 506 3.02 -20.90 3.69
CA GLN A 506 2.31 -21.35 2.49
C GLN A 506 1.41 -20.22 1.99
N LEU A 507 1.60 -19.81 0.75
CA LEU A 507 0.76 -18.81 0.12
C LEU A 507 0.24 -19.39 -1.19
N ASP A 508 -1.08 -19.36 -1.37
CA ASP A 508 -1.73 -19.96 -2.53
C ASP A 508 -2.84 -19.03 -2.99
N LEU A 509 -2.56 -18.26 -4.04
CA LEU A 509 -3.54 -17.40 -4.68
C LEU A 509 -3.83 -17.86 -6.10
N SER A 510 -3.64 -19.16 -6.36
CA SER A 510 -3.69 -19.69 -7.71
C SER A 510 -5.12 -19.70 -8.26
N SER A 511 -5.22 -19.76 -9.58
CA SER A 511 -6.50 -19.87 -10.29
C SER A 511 -7.40 -18.68 -9.99
N ASN A 512 -6.85 -17.48 -10.18
CA ASN A 512 -7.56 -16.23 -9.93
C ASN A 512 -7.27 -15.28 -11.08
N ARG A 513 -7.66 -14.03 -10.91
CA ARG A 513 -7.43 -12.98 -11.89
C ARG A 513 -6.62 -11.85 -11.29
N ILE A 514 -5.58 -12.19 -10.54
CA ILE A 514 -4.72 -11.21 -9.90
C ILE A 514 -3.75 -10.65 -10.94
N THR A 515 -3.63 -9.32 -10.97
CA THR A 515 -2.79 -8.59 -11.91
C THR A 515 -1.61 -7.97 -11.18
N GLY A 516 -0.80 -7.22 -11.92
CA GLY A 516 0.37 -6.59 -11.35
C GLY A 516 1.61 -7.45 -11.51
N GLU A 517 2.70 -7.00 -10.90
CA GLU A 517 3.95 -7.71 -10.95
C GLU A 517 4.52 -7.91 -9.55
N LEU A 518 5.26 -9.00 -9.38
CA LEU A 518 5.82 -9.35 -8.09
C LEU A 518 7.01 -8.43 -7.78
N PRO A 519 7.04 -7.79 -6.62
CA PRO A 519 8.14 -6.87 -6.31
C PRO A 519 9.38 -7.61 -5.84
N GLU A 520 10.49 -6.89 -5.84
CA GLU A 520 11.71 -7.43 -5.23
C GLU A 520 11.58 -7.57 -3.72
N SER A 521 10.53 -6.99 -3.13
CA SER A 521 10.20 -7.21 -1.73
C SER A 521 9.72 -8.62 -1.45
N ILE A 522 9.53 -9.43 -2.51
CA ILE A 522 9.16 -10.84 -2.37
C ILE A 522 10.09 -11.57 -1.41
N SER A 523 11.32 -11.07 -1.24
CA SER A 523 12.29 -11.69 -0.36
C SER A 523 11.88 -11.66 1.11
N ASN A 524 10.91 -10.80 1.47
CA ASN A 524 10.55 -10.56 2.86
C ASN A 524 9.86 -11.75 3.53
N ILE A 525 9.53 -12.81 2.79
CA ILE A 525 8.74 -13.92 3.32
C ILE A 525 9.58 -15.18 3.33
N ASN A 526 10.89 -15.04 3.53
CA ASN A 526 11.84 -16.13 3.36
C ASN A 526 11.47 -17.39 4.14
N ARG A 527 10.56 -17.29 5.11
CA ARG A 527 10.08 -18.47 5.80
C ARG A 527 9.15 -19.33 4.95
N ILE A 528 8.78 -18.85 3.75
CA ILE A 528 7.84 -19.58 2.91
C ILE A 528 8.48 -20.88 2.40
N SER A 529 7.63 -21.88 2.17
CA SER A 529 8.05 -23.12 1.52
C SER A 529 7.14 -23.55 0.38
N LYS A 530 5.92 -23.06 0.31
CA LYS A 530 5.01 -23.33 -0.81
C LYS A 530 4.51 -21.99 -1.34
N LEU A 531 4.85 -21.67 -2.59
CA LEU A 531 4.42 -20.44 -3.24
C LEU A 531 3.64 -20.84 -4.49
N GLN A 532 2.32 -20.68 -4.45
CA GLN A 532 1.44 -21.05 -5.57
C GLN A 532 0.74 -19.78 -6.05
N LEU A 533 1.34 -19.13 -7.05
CA LEU A 533 0.77 -17.93 -7.67
C LEU A 533 0.35 -18.19 -9.10
N ASN A 534 0.27 -19.45 -9.51
CA ASN A 534 0.03 -19.80 -10.90
C ASN A 534 -1.42 -19.52 -11.30
N GLY A 535 -1.64 -19.48 -12.62
CA GLY A 535 -2.97 -19.26 -13.14
C GLY A 535 -3.52 -17.88 -12.84
N ASN A 536 -2.73 -16.85 -13.13
CA ASN A 536 -3.14 -15.48 -12.86
C ASN A 536 -2.68 -14.60 -14.01
N ARG A 537 -2.85 -13.29 -13.86
CA ARG A 537 -2.40 -12.32 -14.85
C ARG A 537 -1.22 -11.49 -14.33
N LEU A 538 -0.35 -12.12 -13.54
CA LEU A 538 0.86 -11.45 -13.08
C LEU A 538 1.79 -11.20 -14.24
N SER A 539 2.35 -9.99 -14.29
CA SER A 539 3.14 -9.53 -15.43
C SER A 539 4.50 -9.05 -14.95
N GLY A 540 5.27 -8.43 -15.83
CA GLY A 540 6.59 -7.95 -15.47
C GLY A 540 7.57 -9.10 -15.33
N LYS A 541 8.78 -8.77 -14.92
CA LYS A 541 9.81 -9.77 -14.75
C LYS A 541 9.64 -10.48 -13.41
N ILE A 542 10.13 -11.71 -13.34
CA ILE A 542 10.17 -12.46 -12.08
C ILE A 542 11.23 -11.83 -11.19
N PRO A 543 10.89 -11.40 -9.98
CA PRO A 543 11.87 -10.69 -9.15
C PRO A 543 13.04 -11.58 -8.78
N SER A 544 14.24 -11.01 -8.78
CA SER A 544 15.41 -11.74 -8.33
C SER A 544 15.40 -12.03 -6.85
N GLY A 545 14.47 -11.42 -6.10
CA GLY A 545 14.33 -11.68 -4.68
C GLY A 545 13.84 -13.08 -4.35
N ILE A 546 13.43 -13.85 -5.35
CA ILE A 546 13.11 -15.26 -5.13
C ILE A 546 14.36 -16.03 -4.73
N ARG A 547 15.54 -15.53 -5.08
CA ARG A 547 16.79 -16.17 -4.68
C ARG A 547 16.86 -16.37 -3.18
N LEU A 548 16.40 -15.39 -2.42
CA LEU A 548 16.59 -15.38 -0.97
C LEU A 548 15.52 -16.14 -0.20
N LEU A 549 14.58 -16.78 -0.89
CA LEU A 549 13.60 -17.64 -0.23
C LEU A 549 14.17 -19.06 -0.21
N THR A 550 15.12 -19.28 0.71
CA THR A 550 15.87 -20.52 0.72
C THR A 550 15.08 -21.70 1.26
N ASN A 551 14.10 -21.46 2.13
CA ASN A 551 13.27 -22.53 2.65
C ASN A 551 12.21 -22.99 1.67
N LEU A 552 12.16 -22.38 0.49
CA LEU A 552 11.16 -22.71 -0.52
C LEU A 552 11.30 -24.14 -0.99
N GLU A 553 10.18 -24.86 -1.02
CA GLU A 553 10.10 -26.23 -1.52
C GLU A 553 9.37 -26.35 -2.85
N TYR A 554 8.32 -25.57 -3.06
CA TYR A 554 7.40 -25.75 -4.17
C TYR A 554 7.08 -24.39 -4.76
N LEU A 555 7.46 -24.18 -6.02
CA LEU A 555 7.21 -22.93 -6.72
C LEU A 555 6.30 -23.19 -7.91
N ASP A 556 5.22 -22.43 -8.00
CA ASP A 556 4.30 -22.51 -9.13
C ASP A 556 3.98 -21.09 -9.56
N LEU A 557 4.64 -20.62 -10.63
CA LEU A 557 4.40 -19.32 -11.22
C LEU A 557 3.82 -19.42 -12.62
N SER A 558 3.30 -20.58 -12.99
CA SER A 558 2.91 -20.86 -14.36
C SER A 558 1.57 -20.22 -14.69
N SER A 559 1.20 -20.29 -15.97
CA SER A 559 -0.03 -19.70 -16.50
C SER A 559 -0.18 -18.25 -16.05
N ASN A 560 0.79 -17.44 -16.45
CA ASN A 560 0.86 -16.04 -16.05
C ASN A 560 1.38 -15.24 -17.25
N ARG A 561 1.75 -13.99 -17.01
CA ARG A 561 2.25 -13.10 -18.06
C ARG A 561 3.63 -12.54 -17.72
N PHE A 562 4.44 -13.29 -16.98
CA PHE A 562 5.83 -12.92 -16.79
C PHE A 562 6.52 -12.84 -18.15
N SER A 563 7.32 -11.79 -18.35
CA SER A 563 7.67 -11.37 -19.71
C SER A 563 9.16 -11.29 -20.01
N PHE A 564 10.03 -11.17 -19.01
CA PHE A 564 11.45 -11.02 -19.27
C PHE A 564 12.21 -12.26 -18.78
N GLU A 565 13.54 -12.19 -18.92
CA GLU A 565 14.38 -13.36 -18.76
C GLU A 565 14.38 -13.88 -17.33
N ILE A 566 14.59 -15.19 -17.20
CA ILE A 566 14.67 -15.85 -15.89
C ILE A 566 15.83 -15.26 -15.11
N PRO A 567 15.70 -15.01 -13.81
CA PRO A 567 16.82 -14.50 -13.02
C PRO A 567 18.00 -15.46 -13.07
N PRO A 568 19.16 -15.00 -13.55
CA PRO A 568 20.35 -15.85 -13.53
C PRO A 568 20.91 -16.07 -12.14
N THR A 569 20.38 -15.37 -11.13
CA THR A 569 20.81 -15.49 -9.75
C THR A 569 20.03 -16.54 -8.97
N LEU A 570 19.16 -17.30 -9.63
CA LEU A 570 18.38 -18.34 -8.96
C LEU A 570 19.19 -19.63 -8.92
N ASN A 571 20.13 -19.67 -7.97
CA ASN A 571 20.98 -20.85 -7.82
C ASN A 571 21.18 -21.24 -6.36
N ASN A 572 20.28 -20.84 -5.45
CA ASN A 572 20.47 -21.05 -4.02
C ASN A 572 19.19 -21.55 -3.36
N LEU A 573 18.51 -22.50 -3.99
CA LEU A 573 17.31 -23.09 -3.39
C LEU A 573 17.57 -24.54 -3.02
N PRO A 574 18.19 -24.79 -1.86
CA PRO A 574 18.65 -26.16 -1.55
C PRO A 574 17.52 -27.14 -1.23
N ARG A 575 16.27 -26.68 -1.11
CA ARG A 575 15.16 -27.56 -0.80
C ARG A 575 14.10 -27.59 -1.89
N LEU A 576 14.27 -26.82 -2.96
CA LEU A 576 13.27 -26.79 -4.03
C LEU A 576 13.29 -28.11 -4.80
N TYR A 577 12.15 -28.79 -4.84
CA TYR A 577 11.98 -29.98 -5.66
C TYR A 577 10.94 -29.79 -6.76
N TYR A 578 10.31 -28.62 -6.84
CA TYR A 578 9.29 -28.33 -7.83
C TYR A 578 9.45 -26.90 -8.30
N MET A 579 9.34 -26.70 -9.61
CA MET A 579 9.39 -25.35 -10.19
C MET A 579 8.65 -25.39 -11.52
N ASN A 580 7.49 -24.73 -11.57
CA ASN A 580 6.68 -24.65 -12.78
C ASN A 580 6.62 -23.18 -13.21
N LEU A 581 7.20 -22.89 -14.38
CA LEU A 581 7.21 -21.54 -14.95
C LEU A 581 6.54 -21.51 -16.32
N SER A 582 5.64 -22.45 -16.58
CA SER A 582 5.09 -22.66 -17.91
C SER A 582 4.05 -21.60 -18.26
N ARG A 583 3.77 -21.47 -19.55
CA ARG A 583 2.75 -20.56 -20.08
C ARG A 583 3.02 -19.11 -19.65
N ASN A 584 4.15 -18.60 -20.12
CA ASN A 584 4.59 -17.25 -19.82
C ASN A 584 5.33 -16.71 -21.04
N ASP A 585 6.02 -15.58 -20.87
CA ASP A 585 6.67 -14.88 -21.98
C ASP A 585 8.16 -14.66 -21.73
N LEU A 586 8.82 -15.56 -20.99
CA LEU A 586 10.24 -15.40 -20.74
C LEU A 586 11.02 -15.60 -22.03
N ASP A 587 11.99 -14.70 -22.28
CA ASP A 587 12.40 -14.37 -23.63
C ASP A 587 13.89 -14.53 -23.90
N GLN A 588 14.61 -15.36 -23.13
CA GLN A 588 16.03 -15.51 -23.38
C GLN A 588 16.46 -16.93 -23.01
N THR A 589 17.76 -17.14 -22.92
CA THR A 589 18.31 -18.47 -22.69
C THR A 589 18.14 -18.88 -21.23
N ILE A 590 17.96 -20.18 -21.02
CA ILE A 590 17.85 -20.75 -19.67
C ILE A 590 19.16 -20.48 -18.94
N PRO A 591 19.12 -19.86 -17.76
CA PRO A 591 20.37 -19.54 -17.06
C PRO A 591 21.04 -20.79 -16.50
N GLU A 592 22.37 -20.75 -16.47
CA GLU A 592 23.14 -21.87 -15.95
C GLU A 592 22.92 -22.07 -14.45
N GLY A 593 22.48 -21.04 -13.74
CA GLY A 593 22.27 -21.15 -12.30
C GLY A 593 21.14 -22.07 -11.91
N LEU A 594 20.24 -22.41 -12.86
CA LEU A 594 19.18 -23.35 -12.56
C LEU A 594 19.72 -24.74 -12.29
N THR A 595 20.76 -25.14 -13.03
CA THR A 595 21.37 -26.46 -12.84
C THR A 595 22.05 -26.61 -11.49
N LYS A 596 22.27 -25.52 -10.76
CA LYS A 596 22.91 -25.59 -9.45
C LYS A 596 21.94 -25.92 -8.33
N LEU A 597 20.63 -25.93 -8.60
CA LEU A 597 19.65 -26.41 -7.63
C LEU A 597 19.59 -27.92 -7.73
N SER A 598 20.31 -28.62 -6.85
CA SER A 598 20.50 -30.06 -6.99
C SER A 598 19.21 -30.86 -6.78
N GLN A 599 18.24 -30.32 -6.05
CA GLN A 599 17.14 -31.13 -5.52
C GLN A 599 15.86 -31.08 -6.36
N LEU A 600 15.87 -30.50 -7.56
CA LEU A 600 14.65 -30.52 -8.36
C LEU A 600 14.26 -31.94 -8.73
N GLN A 601 12.95 -32.20 -8.67
CA GLN A 601 12.35 -33.40 -9.24
C GLN A 601 11.55 -33.10 -10.50
N MET A 602 10.87 -31.96 -10.53
CA MET A 602 10.07 -31.55 -11.68
C MET A 602 10.42 -30.11 -12.05
N LEU A 603 10.57 -29.87 -13.35
CA LEU A 603 10.96 -28.55 -13.84
C LEU A 603 10.28 -28.33 -15.18
N ASP A 604 9.25 -27.48 -15.19
CA ASP A 604 8.48 -27.20 -16.39
C ASP A 604 8.78 -25.78 -16.85
N LEU A 605 9.37 -25.66 -18.04
CA LEU A 605 9.63 -24.37 -18.66
C LEU A 605 8.89 -24.22 -19.99
N SER A 606 7.79 -24.95 -20.16
CA SER A 606 7.13 -25.04 -21.46
C SER A 606 6.35 -23.77 -21.77
N TYR A 607 5.93 -23.65 -23.04
CA TYR A 607 5.03 -22.61 -23.51
C TYR A 607 5.59 -21.21 -23.21
N ASN A 608 6.74 -20.93 -23.80
CA ASN A 608 7.49 -19.72 -23.49
C ASN A 608 8.07 -19.17 -24.78
N GLN A 609 8.97 -18.19 -24.64
CA GLN A 609 9.74 -17.64 -25.75
C GLN A 609 11.23 -17.86 -25.54
N LEU A 610 11.58 -18.96 -24.89
CA LEU A 610 12.97 -19.25 -24.57
C LEU A 610 13.73 -19.65 -25.82
N ASP A 611 14.91 -19.07 -26.01
CA ASP A 611 15.77 -19.39 -27.14
C ASP A 611 17.14 -19.82 -26.62
N GLY A 612 18.07 -20.04 -27.54
CA GLY A 612 19.40 -20.48 -27.16
C GLY A 612 19.49 -22.00 -27.10
N GLU A 613 20.66 -22.46 -26.65
CA GLU A 613 20.98 -23.88 -26.60
C GLU A 613 20.75 -24.42 -25.20
N ILE A 614 20.27 -25.66 -25.13
CA ILE A 614 20.07 -26.34 -23.85
C ILE A 614 21.44 -26.61 -23.25
N SER A 615 21.76 -25.92 -22.16
CA SER A 615 23.05 -26.12 -21.51
C SER A 615 23.25 -27.57 -21.10
N SER A 616 24.43 -28.11 -21.39
CA SER A 616 24.76 -29.47 -21.01
C SER A 616 24.91 -29.66 -19.51
N GLN A 617 25.00 -28.56 -18.75
CA GLN A 617 25.16 -28.65 -17.30
C GLN A 617 23.91 -29.16 -16.60
N PHE A 618 22.81 -29.36 -17.32
CA PHE A 618 21.62 -29.98 -16.72
C PHE A 618 21.89 -31.41 -16.26
N ARG A 619 22.98 -32.01 -16.72
CA ARG A 619 23.41 -33.31 -16.24
C ARG A 619 23.66 -33.31 -14.73
N SER A 620 23.91 -32.14 -14.15
CA SER A 620 24.15 -32.04 -12.70
C SER A 620 22.90 -32.32 -11.88
N LEU A 621 21.71 -32.18 -12.46
CA LEU A 621 20.45 -32.40 -11.73
C LEU A 621 20.24 -33.90 -11.60
N GLN A 622 20.87 -34.47 -10.56
CA GLN A 622 20.89 -35.91 -10.38
C GLN A 622 19.54 -36.48 -9.92
N ASN A 623 18.67 -35.64 -9.36
CA ASN A 623 17.36 -36.09 -8.89
C ASN A 623 16.22 -35.71 -9.83
N LEU A 624 16.53 -35.10 -10.96
CA LEU A 624 15.49 -34.63 -11.88
C LEU A 624 14.72 -35.81 -12.46
N GLU A 625 13.39 -35.77 -12.31
CA GLU A 625 12.52 -36.81 -12.84
C GLU A 625 11.68 -36.35 -14.03
N ARG A 626 11.34 -35.07 -14.11
CA ARG A 626 10.50 -34.56 -15.18
C ARG A 626 11.14 -33.32 -15.79
N LEU A 627 11.03 -33.22 -17.12
CA LEU A 627 11.54 -32.08 -17.87
C LEU A 627 10.58 -31.77 -19.00
N ASP A 628 10.13 -30.52 -19.10
CA ASP A 628 9.24 -30.08 -20.15
C ASP A 628 9.76 -28.75 -20.68
N LEU A 629 10.34 -28.78 -21.89
CA LEU A 629 10.87 -27.60 -22.55
C LEU A 629 10.13 -27.32 -23.85
N SER A 630 8.91 -27.82 -23.98
CA SER A 630 8.18 -27.74 -25.24
C SER A 630 7.70 -26.31 -25.50
N HIS A 631 7.34 -26.06 -26.76
CA HIS A 631 6.79 -24.78 -27.21
C HIS A 631 7.76 -23.64 -26.90
N ASN A 632 8.95 -23.73 -27.48
CA ASN A 632 10.01 -22.75 -27.28
C ASN A 632 10.74 -22.55 -28.60
N ASN A 633 11.81 -21.76 -28.57
CA ASN A 633 12.67 -21.53 -29.72
C ASN A 633 14.09 -21.95 -29.41
N LEU A 634 14.24 -23.03 -28.65
CA LEU A 634 15.57 -23.55 -28.32
C LEU A 634 16.20 -24.18 -29.55
N SER A 635 17.46 -23.86 -29.80
CA SER A 635 18.20 -24.35 -30.95
C SER A 635 19.40 -25.17 -30.47
N GLY A 636 20.21 -25.60 -31.43
CA GLY A 636 21.32 -26.48 -31.13
C GLY A 636 20.86 -27.92 -31.02
N GLN A 637 21.80 -28.78 -30.64
CA GLN A 637 21.53 -30.19 -30.43
C GLN A 637 21.29 -30.48 -28.96
N ILE A 638 20.39 -31.43 -28.70
CA ILE A 638 20.16 -31.92 -27.34
C ILE A 638 21.46 -32.51 -26.82
N PRO A 639 21.98 -32.03 -25.69
CA PRO A 639 23.29 -32.47 -25.23
C PRO A 639 23.33 -33.96 -24.98
N PRO A 640 24.24 -34.69 -25.64
CA PRO A 640 24.30 -36.15 -25.47
C PRO A 640 24.64 -36.58 -24.06
N SER A 641 25.08 -35.67 -23.19
CA SER A 641 25.33 -36.02 -21.79
C SER A 641 24.05 -36.27 -21.00
N PHE A 642 22.88 -36.20 -21.63
CA PHE A 642 21.63 -36.49 -20.95
C PHE A 642 21.36 -37.98 -20.80
N LYS A 643 22.14 -38.83 -21.48
CA LYS A 643 22.00 -40.27 -21.31
C LYS A 643 22.36 -40.73 -19.91
N ASP A 644 23.14 -39.94 -19.18
CA ASP A 644 23.61 -40.31 -17.85
C ASP A 644 22.66 -39.86 -16.74
N MET A 645 21.48 -39.37 -17.08
CA MET A 645 20.49 -38.94 -16.08
C MET A 645 19.53 -40.09 -15.86
N LEU A 646 19.83 -40.92 -14.85
CA LEU A 646 19.07 -42.13 -14.61
C LEU A 646 17.71 -41.85 -13.99
N ALA A 647 17.60 -40.76 -13.22
CA ALA A 647 16.34 -40.45 -12.56
C ALA A 647 15.27 -39.94 -13.53
N LEU A 648 15.69 -39.38 -14.67
CA LEU A 648 14.74 -38.82 -15.63
C LEU A 648 13.80 -39.90 -16.16
N THR A 649 12.50 -39.59 -16.18
CA THR A 649 11.49 -40.50 -16.72
C THR A 649 10.65 -39.89 -17.82
N HIS A 650 10.31 -38.62 -17.73
CA HIS A 650 9.43 -37.96 -18.70
C HIS A 650 10.16 -36.78 -19.33
N VAL A 651 10.09 -36.69 -20.65
CA VAL A 651 10.67 -35.57 -21.40
C VAL A 651 9.65 -35.10 -22.43
N ASP A 652 9.65 -33.79 -22.69
CA ASP A 652 8.87 -33.22 -23.79
C ASP A 652 9.68 -32.09 -24.40
N VAL A 653 10.13 -32.28 -25.65
CA VAL A 653 10.94 -31.29 -26.34
C VAL A 653 10.24 -30.81 -27.62
N SER A 654 8.95 -31.08 -27.74
CA SER A 654 8.22 -30.80 -28.96
C SER A 654 8.15 -29.30 -29.24
N HIS A 655 7.90 -28.97 -30.51
CA HIS A 655 7.69 -27.59 -30.95
C HIS A 655 8.88 -26.70 -30.61
N ASN A 656 10.03 -27.03 -31.20
CA ASN A 656 11.28 -26.31 -30.93
C ASN A 656 12.08 -26.27 -32.22
N ASN A 657 13.35 -25.85 -32.11
CA ASN A 657 14.23 -25.66 -33.25
C ASN A 657 15.55 -26.39 -33.06
N LEU A 658 15.48 -27.60 -32.50
CA LEU A 658 16.66 -28.41 -32.23
C LEU A 658 16.89 -29.43 -33.34
N GLN A 659 18.05 -30.07 -33.28
CA GLN A 659 18.47 -31.01 -34.31
C GLN A 659 19.41 -32.04 -33.71
N GLY A 660 19.61 -33.13 -34.44
CA GLY A 660 20.58 -34.13 -34.06
C GLY A 660 19.94 -35.35 -33.41
N PRO A 661 20.71 -36.44 -33.32
CA PRO A 661 20.18 -37.65 -32.67
C PRO A 661 20.09 -37.47 -31.17
N ILE A 662 18.99 -37.95 -30.58
CA ILE A 662 18.74 -37.79 -29.16
C ILE A 662 19.67 -38.72 -28.38
N PRO A 663 20.16 -38.32 -27.21
CA PRO A 663 20.88 -39.26 -26.34
C PRO A 663 19.95 -40.36 -25.86
N ASP A 664 20.54 -41.51 -25.55
CA ASP A 664 19.79 -42.72 -25.21
C ASP A 664 19.72 -42.86 -23.69
N ASN A 665 18.53 -42.65 -23.13
CA ASN A 665 18.26 -42.96 -21.73
C ASN A 665 16.85 -43.52 -21.64
N ALA A 666 16.46 -43.91 -20.43
CA ALA A 666 15.15 -44.52 -20.22
C ALA A 666 14.01 -43.58 -20.60
N ALA A 667 14.20 -42.27 -20.39
CA ALA A 667 13.12 -41.32 -20.64
C ALA A 667 12.88 -41.12 -22.13
N PHE A 668 13.95 -40.99 -22.91
CA PHE A 668 13.80 -40.73 -24.34
C PHE A 668 13.23 -41.94 -25.07
N ARG A 669 13.54 -43.16 -24.62
CA ARG A 669 13.07 -44.35 -25.31
C ARG A 669 11.56 -44.47 -25.25
N ASN A 670 10.98 -44.38 -24.05
CA ASN A 670 9.55 -44.50 -23.87
C ASN A 670 8.78 -43.23 -24.24
N ALA A 671 9.46 -42.22 -24.76
CA ALA A 671 8.78 -40.99 -25.14
C ALA A 671 7.85 -41.25 -26.33
N PRO A 672 6.60 -40.81 -26.27
CA PRO A 672 5.68 -40.99 -27.39
C PRO A 672 6.05 -40.07 -28.54
N PRO A 673 5.42 -40.24 -29.71
CA PRO A 673 5.74 -39.33 -30.84
C PRO A 673 5.43 -37.88 -30.56
N ASP A 674 4.57 -37.57 -29.59
CA ASP A 674 4.27 -36.18 -29.27
C ASP A 674 5.45 -35.47 -28.62
N ALA A 675 6.37 -36.21 -28.00
CA ALA A 675 7.49 -35.61 -27.28
C ALA A 675 8.59 -35.09 -28.20
N PHE A 676 8.42 -35.18 -29.53
CA PHE A 676 9.42 -34.67 -30.45
C PHE A 676 8.82 -33.90 -31.62
N GLU A 677 7.54 -33.56 -31.57
CA GLU A 677 6.88 -32.90 -32.68
C GLU A 677 7.46 -31.51 -32.93
N GLY A 678 7.34 -31.06 -34.18
CA GLY A 678 7.66 -29.69 -34.54
C GLY A 678 9.08 -29.25 -34.24
N ASN A 679 10.06 -30.09 -34.55
CA ASN A 679 11.46 -29.71 -34.48
C ASN A 679 12.02 -29.61 -35.89
N LYS A 680 13.31 -29.27 -35.99
CA LYS A 680 13.89 -29.03 -37.31
C LYS A 680 14.56 -30.27 -37.92
N ASP A 681 15.58 -30.80 -37.25
CA ASP A 681 16.38 -31.88 -37.83
C ASP A 681 16.72 -32.95 -36.80
N LEU A 682 15.74 -33.36 -36.00
CA LEU A 682 16.01 -34.35 -34.95
C LEU A 682 16.16 -35.73 -35.58
N CYS A 683 17.37 -36.28 -35.52
CA CYS A 683 17.64 -37.62 -36.03
C CYS A 683 17.06 -38.70 -35.12
N ASN B 26 -5.56 -39.06 12.26
CA ASN B 26 -5.83 -40.45 11.96
C ASN B 26 -4.60 -41.32 12.16
N ALA B 27 -4.61 -42.51 11.55
CA ALA B 27 -3.49 -43.43 11.70
C ALA B 27 -2.19 -42.82 11.17
N GLU B 28 -2.22 -42.29 9.95
CA GLU B 28 -1.02 -41.69 9.37
C GLU B 28 -0.57 -40.47 10.18
N GLY B 29 -1.53 -39.67 10.65
CA GLY B 29 -1.17 -38.50 11.43
C GLY B 29 -0.56 -38.83 12.78
N ASP B 30 -1.10 -39.87 13.44
CA ASP B 30 -0.50 -40.32 14.70
C ASP B 30 0.89 -40.88 14.46
N ALA B 31 1.09 -41.59 13.35
CA ALA B 31 2.41 -42.12 13.02
C ALA B 31 3.43 -41.00 12.85
N LEU B 32 3.09 -39.96 12.08
CA LEU B 32 3.99 -38.82 11.93
C LEU B 32 4.16 -38.07 13.24
N SER B 33 3.15 -38.10 14.11
CA SER B 33 3.29 -37.47 15.41
C SER B 33 4.32 -38.19 16.28
N ALA B 34 4.46 -39.50 16.11
CA ALA B 34 5.52 -40.22 16.81
C ALA B 34 6.89 -39.71 16.40
N LEU B 35 7.09 -39.48 15.11
CA LEU B 35 8.34 -38.89 14.63
C LEU B 35 8.57 -37.52 15.27
N LYS B 36 7.52 -36.71 15.35
CA LYS B 36 7.65 -35.33 15.84
C LYS B 36 8.16 -35.29 17.27
N ASN B 37 7.83 -36.29 18.08
CA ASN B 37 8.23 -36.29 19.49
C ASN B 37 9.61 -36.88 19.73
N SER B 38 10.13 -37.70 18.82
CA SER B 38 11.45 -38.28 18.97
C SER B 38 12.55 -37.44 18.34
N LEU B 39 12.21 -36.35 17.67
CA LEU B 39 13.20 -35.46 17.08
C LEU B 39 13.24 -34.13 17.85
N ALA B 40 14.45 -33.65 18.09
CA ALA B 40 14.64 -32.29 18.60
C ALA B 40 14.60 -31.33 17.42
N ASP B 41 13.78 -30.28 17.54
CA ASP B 41 13.50 -29.35 16.45
C ASP B 41 13.87 -27.95 16.92
N PRO B 42 15.14 -27.56 16.79
CA PRO B 42 15.52 -26.21 17.19
C PRO B 42 15.00 -25.14 16.25
N ASN B 43 14.79 -25.46 14.98
CA ASN B 43 14.37 -24.50 13.98
C ASN B 43 12.86 -24.42 13.82
N LYS B 44 12.10 -25.12 14.68
CA LYS B 44 10.64 -25.10 14.65
C LYS B 44 10.08 -25.53 13.30
N VAL B 45 10.75 -26.46 12.63
CA VAL B 45 10.32 -26.90 11.31
C VAL B 45 9.01 -27.69 11.42
N LEU B 46 8.91 -28.57 12.42
CA LEU B 46 7.76 -29.43 12.61
C LEU B 46 6.61 -28.75 13.34
N GLN B 47 6.64 -27.42 13.44
CA GLN B 47 5.65 -26.70 14.24
C GLN B 47 4.24 -26.93 13.72
N SER B 48 4.06 -26.93 12.40
CA SER B 48 2.73 -27.06 11.81
C SER B 48 2.09 -28.42 12.07
N TRP B 49 2.84 -29.40 12.56
CA TRP B 49 2.36 -30.77 12.71
C TRP B 49 1.44 -30.84 13.92
N ASP B 50 0.17 -30.49 13.67
CA ASP B 50 -0.84 -30.44 14.72
C ASP B 50 -1.53 -31.80 14.81
N ALA B 51 -1.32 -32.49 15.94
CA ALA B 51 -1.81 -33.85 16.10
C ALA B 51 -3.33 -33.94 16.14
N THR B 52 -4.02 -32.87 16.52
CA THR B 52 -5.46 -32.90 16.69
C THR B 52 -6.23 -32.73 15.39
N LEU B 53 -5.55 -32.79 14.25
CA LEU B 53 -6.20 -32.71 12.95
C LEU B 53 -6.52 -34.11 12.43
N VAL B 54 -7.56 -34.21 11.60
CA VAL B 54 -8.00 -35.50 11.10
C VAL B 54 -6.86 -36.20 10.35
N THR B 55 -6.29 -35.52 9.35
CA THR B 55 -5.15 -36.00 8.60
C THR B 55 -4.02 -34.98 8.65
N PRO B 56 -2.79 -35.42 8.43
CA PRO B 56 -1.65 -34.48 8.38
C PRO B 56 -1.48 -33.79 7.04
N CYS B 57 -2.49 -33.85 6.16
CA CYS B 57 -2.36 -33.34 4.81
C CYS B 57 -2.27 -31.82 4.76
N THR B 58 -2.76 -31.12 5.78
CA THR B 58 -2.64 -29.67 5.85
C THR B 58 -1.36 -29.22 6.54
N TRP B 59 -0.49 -30.15 6.92
CA TRP B 59 0.79 -29.81 7.52
C TRP B 59 1.78 -29.37 6.45
N PHE B 60 2.79 -28.62 6.88
CA PHE B 60 3.87 -28.24 5.97
C PHE B 60 4.89 -29.37 5.90
N HIS B 61 5.61 -29.42 4.78
CA HIS B 61 6.61 -30.42 4.43
C HIS B 61 5.98 -31.80 4.22
N VAL B 62 4.66 -31.92 4.31
CA VAL B 62 3.94 -33.16 4.06
C VAL B 62 2.95 -32.92 2.94
N THR B 63 2.95 -33.79 1.94
CA THR B 63 2.01 -33.71 0.82
C THR B 63 1.25 -35.01 0.68
N CYS B 64 -0.05 -34.90 0.41
CA CYS B 64 -0.93 -36.04 0.22
C CYS B 64 -1.42 -36.11 -1.22
N ASN B 65 -2.00 -37.26 -1.56
CA ASN B 65 -2.68 -37.43 -2.83
C ASN B 65 -4.17 -37.16 -2.65
N SER B 66 -4.96 -37.37 -3.71
CA SER B 66 -6.38 -37.07 -3.66
C SER B 66 -7.13 -37.91 -2.62
N ASP B 67 -6.53 -38.99 -2.14
CA ASP B 67 -7.15 -39.83 -1.12
C ASP B 67 -6.78 -39.41 0.30
N ASN B 68 -6.02 -38.32 0.45
CA ASN B 68 -5.57 -37.83 1.75
C ASN B 68 -4.62 -38.81 2.44
N SER B 69 -3.89 -39.60 1.64
CA SER B 69 -2.83 -40.46 2.14
C SER B 69 -1.50 -39.76 1.93
N VAL B 70 -0.65 -39.78 2.96
CA VAL B 70 0.64 -39.10 2.86
C VAL B 70 1.52 -39.81 1.84
N THR B 71 2.04 -39.05 0.88
CA THR B 71 2.90 -39.59 -0.17
C THR B 71 4.29 -38.98 -0.18
N ARG B 72 4.54 -37.90 0.57
CA ARG B 72 5.84 -37.25 0.55
C ARG B 72 6.12 -36.63 1.91
N VAL B 73 7.38 -36.70 2.33
CA VAL B 73 7.86 -36.02 3.54
C VAL B 73 9.19 -35.36 3.22
N ASP B 74 9.17 -34.05 3.02
CA ASP B 74 10.36 -33.30 2.60
C ASP B 74 10.97 -32.61 3.82
N LEU B 75 11.81 -33.34 4.54
CA LEU B 75 12.45 -32.84 5.74
C LEU B 75 13.97 -32.69 5.57
N GLY B 76 14.41 -32.51 4.33
CA GLY B 76 15.83 -32.32 4.08
C GLY B 76 16.32 -30.97 4.58
N ASN B 77 17.53 -30.97 5.14
CA ASN B 77 18.21 -29.75 5.59
C ASN B 77 17.36 -28.98 6.60
N ALA B 78 16.86 -29.70 7.61
CA ALA B 78 15.97 -29.13 8.61
C ALA B 78 16.63 -28.97 9.97
N ASN B 79 17.91 -29.31 10.11
CA ASN B 79 18.62 -29.25 11.39
C ASN B 79 17.93 -30.07 12.47
N LEU B 80 17.31 -31.18 12.08
CA LEU B 80 16.60 -32.05 13.01
C LEU B 80 17.58 -33.03 13.65
N SER B 81 17.64 -33.01 14.98
CA SER B 81 18.41 -33.99 15.74
C SER B 81 17.47 -34.91 16.49
N GLY B 82 17.90 -36.16 16.65
CA GLY B 82 17.10 -37.15 17.33
C GLY B 82 17.32 -38.52 16.72
N GLN B 83 16.33 -39.39 16.92
CA GLN B 83 16.38 -40.77 16.45
C GLN B 83 15.14 -41.08 15.63
N LEU B 84 15.32 -41.94 14.63
CA LEU B 84 14.21 -42.38 13.80
C LEU B 84 13.19 -43.17 14.63
N VAL B 85 12.05 -43.43 14.01
CA VAL B 85 10.89 -43.99 14.68
C VAL B 85 10.31 -45.12 13.83
N MET B 86 9.98 -46.24 14.47
CA MET B 86 9.46 -47.39 13.73
C MET B 86 8.07 -47.15 13.18
N GLN B 87 7.35 -46.13 13.67
CA GLN B 87 6.05 -45.78 13.08
C GLN B 87 6.16 -45.28 11.65
N LEU B 88 7.36 -45.10 11.11
CA LEU B 88 7.52 -44.67 9.73
C LEU B 88 7.01 -45.69 8.72
N GLY B 89 6.74 -46.91 9.14
CA GLY B 89 6.19 -47.93 8.27
C GLY B 89 4.68 -47.93 8.18
N GLN B 90 4.01 -46.98 8.82
CA GLN B 90 2.55 -46.86 8.80
C GLN B 90 2.07 -45.99 7.65
N LEU B 91 2.93 -45.63 6.70
CA LEU B 91 2.56 -44.77 5.60
C LEU B 91 2.55 -45.57 4.30
N PRO B 92 1.46 -46.30 4.02
CA PRO B 92 1.47 -47.21 2.87
C PRO B 92 1.74 -46.54 1.53
N ASN B 93 1.20 -45.35 1.31
CA ASN B 93 1.32 -44.66 0.03
C ASN B 93 2.50 -43.70 -0.02
N LEU B 94 3.26 -43.57 1.06
CA LEU B 94 4.42 -42.66 1.10
C LEU B 94 5.43 -43.02 0.02
N GLN B 95 5.62 -42.14 -0.95
CA GLN B 95 6.49 -42.40 -2.10
C GLN B 95 7.89 -41.82 -1.93
N TYR B 96 8.01 -40.63 -1.36
CA TYR B 96 9.30 -39.96 -1.23
C TYR B 96 9.54 -39.61 0.24
N LEU B 97 10.65 -40.09 0.78
CA LEU B 97 11.03 -39.87 2.17
C LEU B 97 12.36 -39.13 2.19
N GLU B 98 12.33 -37.84 2.50
CA GLU B 98 13.49 -36.96 2.45
C GLU B 98 13.86 -36.52 3.86
N LEU B 99 14.74 -37.28 4.51
CA LEU B 99 15.29 -36.91 5.82
C LEU B 99 16.77 -36.56 5.74
N TYR B 100 17.29 -36.32 4.54
CA TYR B 100 18.72 -36.11 4.37
C TYR B 100 19.19 -34.80 5.01
N SER B 101 20.50 -34.72 5.23
CA SER B 101 21.16 -33.50 5.70
C SER B 101 20.60 -33.03 7.04
N ASN B 102 20.76 -33.88 8.06
CA ASN B 102 20.39 -33.54 9.43
C ASN B 102 21.38 -34.21 10.38
N ASN B 103 21.17 -34.00 11.67
CA ASN B 103 22.00 -34.59 12.73
C ASN B 103 21.29 -35.74 13.43
N ILE B 104 20.50 -36.50 12.67
CA ILE B 104 19.73 -37.60 13.24
C ILE B 104 20.64 -38.76 13.57
N THR B 105 20.46 -39.33 14.76
CA THR B 105 21.24 -40.46 15.23
C THR B 105 20.36 -41.71 15.33
N GLY B 106 20.95 -42.79 15.82
CA GLY B 106 20.23 -44.03 16.00
C GLY B 106 20.32 -44.96 14.82
N THR B 107 19.50 -46.00 14.87
CA THR B 107 19.46 -47.03 13.85
C THR B 107 18.33 -46.80 12.86
N ILE B 108 18.34 -47.58 11.80
CA ILE B 108 17.25 -47.59 10.82
C ILE B 108 16.28 -48.69 11.23
N PRO B 109 15.04 -48.36 11.56
CA PRO B 109 14.09 -49.41 11.97
C PRO B 109 13.62 -50.23 10.77
N GLU B 110 13.76 -51.55 10.89
CA GLU B 110 13.40 -52.45 9.80
C GLU B 110 11.96 -52.30 9.32
N GLN B 111 11.11 -51.60 10.10
CA GLN B 111 9.71 -51.46 9.74
C GLN B 111 9.47 -50.53 8.55
N LEU B 112 10.50 -49.82 8.07
CA LEU B 112 10.31 -49.08 6.82
C LEU B 112 10.11 -49.99 5.62
N GLY B 113 10.35 -51.29 5.76
CA GLY B 113 10.02 -52.24 4.71
C GLY B 113 8.53 -52.43 4.50
N ASN B 114 7.70 -51.88 5.38
CA ASN B 114 6.25 -51.97 5.24
C ASN B 114 5.69 -50.94 4.27
N LEU B 115 6.52 -50.04 3.75
CA LEU B 115 6.09 -49.00 2.82
C LEU B 115 5.90 -49.64 1.46
N THR B 116 4.68 -50.17 1.23
CA THR B 116 4.41 -50.95 0.03
C THR B 116 4.70 -50.14 -1.23
N GLU B 117 4.09 -48.97 -1.35
CA GLU B 117 4.42 -48.04 -2.43
C GLU B 117 5.55 -47.15 -1.92
N LEU B 118 6.60 -47.02 -2.73
CA LEU B 118 7.81 -46.34 -2.29
C LEU B 118 8.70 -46.09 -3.49
N VAL B 119 9.28 -44.89 -3.57
CA VAL B 119 10.17 -44.52 -4.67
C VAL B 119 11.56 -44.14 -4.17
N SER B 120 11.63 -43.20 -3.22
CA SER B 120 12.91 -42.61 -2.83
C SER B 120 13.11 -42.70 -1.32
N LEU B 121 14.29 -43.16 -0.91
CA LEU B 121 14.78 -43.11 0.47
C LEU B 121 16.08 -42.31 0.48
N ASP B 122 16.00 -41.06 0.93
CA ASP B 122 17.16 -40.18 1.01
C ASP B 122 17.48 -39.91 2.48
N LEU B 123 18.36 -40.73 3.05
CA LEU B 123 18.79 -40.61 4.43
C LEU B 123 20.25 -40.17 4.55
N TYR B 124 20.87 -39.78 3.44
CA TYR B 124 22.29 -39.46 3.43
C TYR B 124 22.58 -38.23 4.29
N LEU B 125 23.88 -38.02 4.56
CA LEU B 125 24.37 -36.87 5.32
C LEU B 125 23.73 -36.81 6.71
N ASN B 126 23.98 -37.85 7.50
CA ASN B 126 23.44 -37.94 8.85
C ASN B 126 24.48 -38.63 9.73
N ASN B 127 24.05 -38.99 10.95
CA ASN B 127 24.90 -39.68 11.91
C ASN B 127 24.29 -41.02 12.30
N LEU B 128 23.57 -41.63 11.34
CA LEU B 128 22.95 -42.92 11.60
C LEU B 128 23.99 -44.00 11.78
N SER B 129 23.64 -45.02 12.56
CA SER B 129 24.55 -46.14 12.82
C SER B 129 23.79 -47.45 12.69
N GLY B 130 24.45 -48.55 13.04
CA GLY B 130 23.86 -49.86 12.95
C GLY B 130 23.85 -50.40 11.53
N PRO B 131 23.20 -51.53 11.32
CA PRO B 131 23.21 -52.19 10.00
C PRO B 131 22.18 -51.57 9.06
N ILE B 132 22.14 -52.12 7.86
CA ILE B 132 21.13 -51.76 6.85
C ILE B 132 20.08 -52.87 6.87
N PRO B 133 18.86 -52.60 7.33
CA PRO B 133 17.87 -53.67 7.47
C PRO B 133 17.64 -54.41 6.15
N SER B 134 17.56 -55.74 6.26
CA SER B 134 17.24 -56.58 5.11
C SER B 134 15.80 -56.45 4.65
N THR B 135 14.96 -55.76 5.42
CA THR B 135 13.56 -55.60 5.08
C THR B 135 13.32 -54.62 3.94
N LEU B 136 14.33 -53.83 3.55
CA LEU B 136 14.17 -52.91 2.44
C LEU B 136 14.00 -53.64 1.11
N GLY B 137 14.25 -54.95 1.06
CA GLY B 137 14.01 -55.70 -0.16
C GLY B 137 12.55 -55.89 -0.51
N ARG B 138 11.65 -55.58 0.41
CA ARG B 138 10.22 -55.62 0.11
C ARG B 138 9.75 -54.40 -0.66
N LEU B 139 10.55 -53.33 -0.68
CA LEU B 139 10.20 -52.10 -1.39
C LEU B 139 10.59 -52.27 -2.86
N LYS B 140 9.82 -53.12 -3.55
CA LYS B 140 10.12 -53.43 -4.94
C LYS B 140 9.94 -52.24 -5.87
N LYS B 141 9.26 -51.18 -5.43
CA LYS B 141 9.10 -49.99 -6.25
C LYS B 141 10.26 -48.99 -6.09
N LEU B 142 11.19 -49.27 -5.17
CA LEU B 142 12.28 -48.34 -4.88
C LEU B 142 13.12 -48.06 -6.12
N ARG B 143 13.41 -46.78 -6.35
CA ARG B 143 14.29 -46.36 -7.45
C ARG B 143 15.60 -45.75 -6.98
N PHE B 144 15.58 -44.96 -5.90
CA PHE B 144 16.75 -44.20 -5.48
C PHE B 144 16.98 -44.41 -3.99
N LEU B 145 18.17 -44.89 -3.63
CA LEU B 145 18.54 -45.12 -2.24
C LEU B 145 19.92 -44.53 -2.01
N ARG B 146 19.99 -43.45 -1.23
CA ARG B 146 21.23 -42.75 -0.95
C ARG B 146 21.42 -42.66 0.57
N LEU B 147 22.43 -43.35 1.10
CA LEU B 147 22.70 -43.38 2.53
C LEU B 147 24.12 -42.92 2.85
N ASN B 148 24.77 -42.20 1.94
CA ASN B 148 26.18 -41.89 2.10
C ASN B 148 26.41 -40.88 3.23
N ASN B 149 27.68 -40.67 3.56
CA ASN B 149 28.11 -39.76 4.61
C ASN B 149 27.37 -40.03 5.92
N ASN B 150 27.55 -41.25 6.43
CA ASN B 150 26.92 -41.69 7.66
C ASN B 150 27.92 -42.55 8.43
N SER B 151 27.44 -43.17 9.52
CA SER B 151 28.23 -44.07 10.34
C SER B 151 27.70 -45.51 10.26
N LEU B 152 27.17 -45.90 9.10
CA LEU B 152 26.57 -47.22 8.95
C LEU B 152 27.65 -48.30 8.92
N SER B 153 27.31 -49.48 9.46
CA SER B 153 28.24 -50.58 9.54
C SER B 153 27.50 -51.90 9.34
N GLY B 154 28.09 -52.80 8.57
CA GLY B 154 27.48 -54.08 8.27
C GLY B 154 27.85 -54.52 6.86
N GLU B 155 26.92 -55.23 6.23
CA GLU B 155 27.10 -55.72 4.87
C GLU B 155 25.81 -55.50 4.08
N ILE B 156 25.95 -55.36 2.77
CA ILE B 156 24.82 -55.09 1.89
C ILE B 156 23.97 -56.34 1.76
N PRO B 157 22.69 -56.29 2.12
CA PRO B 157 21.83 -57.48 2.01
C PRO B 157 21.68 -57.94 0.56
N ARG B 158 21.59 -59.26 0.39
CA ARG B 158 21.28 -59.82 -0.92
C ARG B 158 19.89 -59.40 -1.38
N SER B 159 18.99 -59.10 -0.44
CA SER B 159 17.61 -58.75 -0.79
C SER B 159 17.55 -57.50 -1.65
N LEU B 160 18.48 -56.55 -1.46
CA LEU B 160 18.49 -55.33 -2.24
C LEU B 160 18.76 -55.57 -3.72
N THR B 161 19.21 -56.76 -4.10
CA THR B 161 19.44 -57.07 -5.51
C THR B 161 18.17 -57.54 -6.22
N ALA B 162 17.09 -57.83 -5.50
CA ALA B 162 15.86 -58.35 -6.08
C ALA B 162 14.84 -57.27 -6.40
N VAL B 163 15.17 -56.00 -6.18
CA VAL B 163 14.19 -54.93 -6.39
C VAL B 163 13.92 -54.73 -7.88
N LEU B 164 14.98 -54.86 -8.70
CA LEU B 164 15.02 -54.72 -10.18
C LEU B 164 14.67 -53.29 -10.65
N THR B 165 14.17 -52.43 -9.77
CA THR B 165 13.84 -51.05 -10.13
C THR B 165 14.84 -50.04 -9.60
N LEU B 166 15.78 -50.44 -8.75
CA LEU B 166 16.79 -49.53 -8.23
C LEU B 166 17.62 -48.96 -9.35
N GLN B 167 17.55 -47.64 -9.53
CA GLN B 167 18.31 -46.94 -10.56
C GLN B 167 19.56 -46.26 -10.02
N VAL B 168 19.44 -45.54 -8.91
CA VAL B 168 20.53 -44.77 -8.32
C VAL B 168 20.80 -45.30 -6.93
N LEU B 169 22.05 -45.66 -6.65
CA LEU B 169 22.46 -46.25 -5.39
C LEU B 169 23.75 -45.57 -4.92
N ASP B 170 23.87 -45.37 -3.62
CA ASP B 170 25.04 -44.70 -3.06
C ASP B 170 25.18 -45.05 -1.59
N LEU B 171 26.30 -45.69 -1.23
CA LEU B 171 26.63 -46.01 0.16
C LEU B 171 28.03 -45.49 0.52
N SER B 172 28.44 -44.38 -0.08
CA SER B 172 29.78 -43.85 0.13
C SER B 172 29.97 -43.37 1.56
N ASN B 173 31.23 -43.19 1.95
CA ASN B 173 31.61 -42.59 3.22
C ASN B 173 30.99 -43.33 4.41
N ASN B 174 31.07 -44.66 4.37
CA ASN B 174 30.45 -45.49 5.39
C ASN B 174 31.29 -46.74 5.65
N PRO B 175 31.55 -47.07 6.91
CA PRO B 175 32.36 -48.27 7.24
C PRO B 175 31.58 -49.57 7.20
N LEU B 176 31.34 -50.08 5.99
CA LEU B 176 30.77 -51.41 5.83
C LEU B 176 31.88 -52.43 5.61
N THR B 177 31.49 -53.70 5.52
CA THR B 177 32.41 -54.80 5.30
C THR B 177 31.79 -55.81 4.34
N GLY B 178 32.64 -56.63 3.74
CA GLY B 178 32.20 -57.65 2.80
C GLY B 178 32.43 -57.21 1.36
N ASP B 179 32.11 -58.13 0.45
CA ASP B 179 32.31 -57.89 -0.97
C ASP B 179 31.06 -57.26 -1.59
N ILE B 180 31.27 -56.55 -2.68
CA ILE B 180 30.18 -55.88 -3.40
C ILE B 180 29.30 -56.95 -4.03
N PRO B 181 28.06 -57.13 -3.59
CA PRO B 181 27.21 -58.19 -4.15
C PRO B 181 26.62 -57.76 -5.50
N VAL B 182 27.15 -58.35 -6.58
CA VAL B 182 26.51 -58.27 -7.88
C VAL B 182 25.72 -59.56 -8.04
N ASN B 183 24.46 -59.53 -7.59
CA ASN B 183 23.56 -60.66 -7.72
C ASN B 183 22.60 -60.53 -8.89
N GLY B 184 22.68 -59.43 -9.63
CA GLY B 184 21.77 -59.14 -10.72
C GLY B 184 20.82 -58.01 -10.35
N SER B 185 21.13 -56.81 -10.87
CA SER B 185 20.56 -55.50 -10.58
C SER B 185 21.70 -54.56 -10.25
N PHE B 186 22.63 -55.02 -9.41
CA PHE B 186 23.83 -54.28 -9.07
C PHE B 186 24.89 -54.34 -10.17
N SER B 187 24.63 -55.10 -11.24
CA SER B 187 25.59 -55.21 -12.33
C SER B 187 25.76 -53.89 -13.07
N LEU B 188 24.73 -53.03 -13.06
CA LEU B 188 24.76 -51.78 -13.79
C LEU B 188 25.44 -50.65 -13.05
N PHE B 189 25.83 -50.85 -11.79
CA PHE B 189 26.33 -49.76 -10.98
C PHE B 189 27.85 -49.66 -11.05
N THR B 190 28.35 -48.47 -10.71
CA THR B 190 29.70 -47.94 -10.84
C THR B 190 30.38 -47.84 -9.47
N PRO B 191 31.70 -48.04 -9.39
CA PRO B 191 32.39 -47.97 -8.09
C PRO B 191 32.21 -46.64 -7.34
N ILE B 192 31.63 -45.61 -7.95
CA ILE B 192 31.33 -44.40 -7.20
C ILE B 192 30.24 -44.65 -6.17
N SER B 193 29.34 -45.61 -6.45
CA SER B 193 28.31 -45.99 -5.49
C SER B 193 28.88 -46.64 -4.25
N PHE B 194 30.06 -47.24 -4.34
CA PHE B 194 30.66 -47.99 -3.23
C PHE B 194 32.01 -47.41 -2.82
N ALA B 195 32.29 -46.16 -3.15
CA ALA B 195 33.57 -45.56 -2.81
C ALA B 195 33.64 -45.25 -1.32
N ASN B 196 34.87 -45.32 -0.78
CA ASN B 196 35.15 -45.00 0.63
C ASN B 196 34.31 -45.85 1.58
N THR B 197 34.03 -47.09 1.20
CA THR B 197 33.15 -47.97 1.96
C THR B 197 33.89 -49.04 2.74
N LYS B 198 35.19 -49.24 2.48
CA LYS B 198 35.99 -50.26 3.15
C LYS B 198 35.41 -51.66 2.95
N LEU B 199 34.77 -51.88 1.79
CA LEU B 199 34.19 -53.18 1.48
C LEU B 199 35.28 -54.18 1.09
N THR B 200 36.04 -53.88 0.04
CA THR B 200 37.10 -54.77 -0.41
C THR B 200 38.41 -54.01 -0.60
N GLU C 1 -1.17 -47.08 41.30
CA GLU C 1 -1.88 -45.80 41.23
C GLU C 1 -3.24 -45.99 40.57
N SER C 2 -3.97 -44.89 40.39
CA SER C 2 -5.27 -44.95 39.75
C SER C 2 -5.60 -43.58 39.16
N SER C 3 -6.32 -43.61 38.04
CA SER C 3 -6.81 -42.41 37.39
C SER C 3 -7.84 -42.83 36.35
N SER C 4 -8.70 -41.89 35.98
CA SER C 4 -9.69 -42.17 34.96
C SER C 4 -9.08 -42.02 33.57
N SER C 5 -9.85 -42.39 32.56
CA SER C 5 -9.46 -42.20 31.17
C SER C 5 -10.17 -41.00 30.61
N HIS C 6 -9.47 -40.21 29.80
CA HIS C 6 -10.01 -38.99 29.23
C HIS C 6 -10.32 -39.25 27.77
N SER C 7 -11.60 -39.21 27.41
CA SER C 7 -11.99 -39.27 26.01
C SER C 7 -11.43 -38.06 25.29
N GLU C 8 -10.49 -38.28 24.38
CA GLU C 8 -9.86 -37.18 23.68
C GLU C 8 -10.78 -36.68 22.57
N ARG C 9 -10.78 -35.36 22.37
CA ARG C 9 -11.63 -34.72 21.37
C ARG C 9 -11.43 -35.33 20.00
N ALA C 10 -12.40 -35.17 19.12
CA ALA C 10 -12.32 -35.72 17.78
C ALA C 10 -11.34 -34.87 16.97
N GLY C 11 -11.25 -35.14 15.67
CA GLY C 11 -10.19 -34.55 14.90
C GLY C 11 -10.54 -33.14 14.46
N GLY C 12 -10.34 -32.82 13.20
CA GLY C 12 -10.63 -31.51 12.69
C GLY C 12 -9.92 -31.27 11.39
N ARG C 13 -10.46 -30.34 10.62
CA ARG C 13 -9.98 -30.11 9.27
C ARG C 13 -9.11 -28.87 9.23
N THR D 47 -8.25 -9.50 -41.95
CA THR D 47 -8.91 -10.80 -41.87
C THR D 47 -10.29 -10.69 -41.25
N VAL D 48 -11.08 -11.75 -41.39
CA VAL D 48 -12.40 -11.78 -40.78
C VAL D 48 -12.27 -11.90 -39.26
N GLU D 49 -11.30 -12.68 -38.78
CA GLU D 49 -11.10 -12.84 -37.35
C GLU D 49 -10.59 -11.54 -36.71
N GLU D 50 -9.76 -10.79 -37.44
CA GLU D 50 -9.31 -9.49 -36.95
C GLU D 50 -10.48 -8.53 -36.85
N ALA D 51 -11.29 -8.43 -37.91
CA ALA D 51 -12.39 -7.48 -37.92
C ALA D 51 -13.43 -7.79 -36.85
N ASN D 52 -13.76 -9.06 -36.66
CA ASN D 52 -14.70 -9.42 -35.60
C ASN D 52 -14.15 -9.05 -34.23
N ALA D 53 -12.84 -9.17 -34.05
CA ALA D 53 -12.22 -8.84 -32.76
C ALA D 53 -12.28 -7.33 -32.50
N LEU D 54 -12.03 -6.52 -33.53
CA LEU D 54 -12.20 -5.08 -33.38
C LEU D 54 -13.66 -4.72 -33.15
N LEU D 55 -14.57 -5.38 -33.89
CA LEU D 55 -15.99 -5.10 -33.75
C LEU D 55 -16.49 -5.40 -32.35
N LYS D 56 -15.92 -6.42 -31.70
CA LYS D 56 -16.29 -6.70 -30.32
C LYS D 56 -15.79 -5.61 -29.38
N TRP D 57 -14.57 -5.12 -29.61
CA TRP D 57 -14.03 -4.05 -28.78
C TRP D 57 -14.85 -2.78 -28.93
N LYS D 58 -15.26 -2.45 -30.16
CA LYS D 58 -16.01 -1.23 -30.41
C LYS D 58 -17.33 -1.23 -29.65
N SER D 59 -17.97 -2.40 -29.51
CA SER D 59 -19.24 -2.49 -28.81
C SER D 59 -19.15 -2.01 -27.36
N THR D 60 -17.97 -2.07 -26.76
CA THR D 60 -17.77 -1.63 -25.39
C THR D 60 -17.69 -0.12 -25.23
N PHE D 61 -17.58 0.64 -26.32
CA PHE D 61 -17.38 2.08 -26.24
C PHE D 61 -18.57 2.76 -25.56
N THR D 62 -18.27 3.81 -24.81
CA THR D 62 -19.27 4.53 -24.03
C THR D 62 -19.58 5.87 -24.70
N ASN D 63 -20.80 6.36 -24.47
CA ASN D 63 -21.25 7.66 -24.95
C ASN D 63 -20.99 7.82 -26.44
N GLN D 64 -21.24 6.76 -27.20
CA GLN D 64 -20.94 6.74 -28.62
C GLN D 64 -22.15 7.21 -29.42
N THR D 65 -21.92 8.13 -30.35
CA THR D 65 -22.98 8.68 -31.18
C THR D 65 -23.04 7.95 -32.52
N SER D 66 -24.23 7.94 -33.12
CA SER D 66 -24.44 7.33 -34.42
C SER D 66 -23.67 8.03 -35.52
N SER D 67 -23.17 9.24 -35.26
CA SER D 67 -22.48 10.06 -36.26
C SER D 67 -20.98 9.79 -36.31
N SER D 68 -20.46 8.90 -35.47
CA SER D 68 -19.02 8.67 -35.44
C SER D 68 -18.54 7.99 -36.72
N LYS D 69 -17.28 8.23 -37.06
CA LYS D 69 -16.68 7.66 -38.25
C LYS D 69 -16.57 6.14 -38.18
N LEU D 70 -16.75 5.54 -37.00
CA LEU D 70 -16.72 4.09 -36.86
C LEU D 70 -18.00 3.42 -37.34
N SER D 71 -18.94 4.19 -37.89
CA SER D 71 -20.11 3.60 -38.54
C SER D 71 -19.71 2.72 -39.72
N SER D 72 -18.54 2.96 -40.30
CA SER D 72 -18.05 2.17 -41.43
C SER D 72 -17.65 0.75 -41.04
N TRP D 73 -17.59 0.45 -39.74
CA TRP D 73 -17.24 -0.89 -39.27
C TRP D 73 -18.52 -1.73 -39.27
N VAL D 74 -18.85 -2.30 -40.43
CA VAL D 74 -20.12 -3.00 -40.62
C VAL D 74 -19.90 -4.50 -40.79
N ASN D 75 -19.17 -4.91 -41.83
CA ASN D 75 -19.05 -6.34 -42.06
C ASN D 75 -17.62 -6.81 -41.84
N PRO D 76 -17.44 -7.90 -41.09
CA PRO D 76 -16.08 -8.36 -40.77
C PRO D 76 -15.34 -8.98 -41.95
N ASN D 77 -16.03 -9.27 -43.05
CA ASN D 77 -15.37 -9.85 -44.21
C ASN D 77 -14.37 -8.86 -44.80
N THR D 78 -13.28 -9.39 -45.32
CA THR D 78 -12.30 -8.54 -45.99
C THR D 78 -12.92 -7.96 -47.26
N SER D 79 -12.17 -7.08 -47.91
CA SER D 79 -12.55 -6.38 -49.13
C SER D 79 -13.59 -5.31 -48.85
N SER D 80 -14.06 -5.24 -47.60
CA SER D 80 -14.76 -4.08 -47.10
C SER D 80 -14.10 -3.67 -45.78
N PHE D 81 -13.55 -4.65 -45.08
CA PHE D 81 -12.73 -4.38 -43.91
C PHE D 81 -11.48 -3.60 -44.29
N CYS D 82 -10.75 -4.09 -45.28
CA CYS D 82 -9.48 -3.48 -45.68
C CYS D 82 -9.65 -2.35 -46.68
N THR D 83 -10.89 -1.97 -47.00
CA THR D 83 -11.10 -0.86 -47.92
C THR D 83 -12.01 0.22 -47.36
N SER D 84 -13.02 -0.14 -46.57
CA SER D 84 -14.06 0.80 -46.19
C SER D 84 -14.15 1.10 -44.70
N TRP D 85 -13.48 0.32 -43.85
CA TRP D 85 -13.53 0.57 -42.41
C TRP D 85 -12.64 1.75 -42.08
N TYR D 86 -13.22 2.79 -41.48
CA TYR D 86 -12.47 3.99 -41.16
C TYR D 86 -11.32 3.67 -40.20
N GLY D 87 -10.13 4.16 -40.54
CA GLY D 87 -8.99 4.08 -39.65
C GLY D 87 -8.21 2.79 -39.68
N VAL D 88 -8.53 1.86 -40.57
CA VAL D 88 -7.79 0.61 -40.68
C VAL D 88 -7.10 0.56 -42.04
N ALA D 89 -5.90 0.01 -42.05
CA ALA D 89 -5.15 -0.23 -43.28
C ALA D 89 -4.49 -1.59 -43.18
N CYS D 90 -4.57 -2.38 -44.24
CA CYS D 90 -4.08 -3.75 -44.22
C CYS D 90 -2.84 -3.90 -45.09
N SER D 91 -2.23 -5.08 -44.95
CA SER D 91 -1.18 -5.56 -45.83
C SER D 91 -1.36 -7.06 -45.96
N LEU D 92 -1.44 -7.54 -47.20
CA LEU D 92 -1.69 -8.96 -47.47
C LEU D 92 -2.95 -9.45 -46.75
N GLY D 93 -3.96 -8.58 -46.69
CA GLY D 93 -5.25 -8.91 -46.12
C GLY D 93 -5.33 -8.89 -44.60
N SER D 94 -4.28 -8.47 -43.90
CA SER D 94 -4.28 -8.37 -42.46
C SER D 94 -3.99 -6.94 -42.03
N ILE D 95 -4.71 -6.49 -41.00
CA ILE D 95 -4.57 -5.10 -40.54
C ILE D 95 -3.16 -4.88 -40.01
N ILE D 96 -2.49 -3.86 -40.53
CA ILE D 96 -1.19 -3.44 -40.02
C ILE D 96 -1.20 -2.03 -39.46
N ARG D 97 -2.30 -1.29 -39.64
CA ARG D 97 -2.34 0.12 -39.30
C ARG D 97 -3.73 0.44 -38.73
N LEU D 98 -3.76 0.99 -37.52
CA LEU D 98 -5.00 1.38 -36.86
C LEU D 98 -4.87 2.85 -36.48
N ASN D 99 -5.58 3.71 -37.20
CA ASN D 99 -5.47 5.16 -37.05
C ASN D 99 -6.83 5.70 -36.58
N LEU D 100 -6.94 5.95 -35.27
CA LEU D 100 -8.18 6.42 -34.68
C LEU D 100 -7.98 7.73 -33.94
N THR D 101 -7.09 8.58 -34.44
CA THR D 101 -6.87 9.88 -33.83
C THR D 101 -8.12 10.73 -33.90
N ASN D 102 -8.48 11.35 -32.77
CA ASN D 102 -9.53 12.36 -32.71
C ASN D 102 -10.86 11.83 -33.26
N THR D 103 -11.16 10.57 -32.93
CA THR D 103 -12.41 9.95 -33.35
C THR D 103 -13.51 10.09 -32.31
N GLY D 104 -13.23 10.77 -31.19
CA GLY D 104 -14.22 10.92 -30.14
C GLY D 104 -14.58 9.64 -29.45
N ILE D 105 -13.69 8.65 -29.45
CA ILE D 105 -13.95 7.38 -28.79
C ILE D 105 -13.86 7.57 -27.28
N GLU D 106 -14.79 6.94 -26.57
CA GLU D 106 -14.75 6.89 -25.11
C GLU D 106 -14.82 5.43 -24.69
N GLY D 107 -13.81 4.97 -23.97
CA GLY D 107 -13.77 3.56 -23.59
C GLY D 107 -12.47 3.21 -22.90
N THR D 108 -12.09 1.93 -23.03
CA THR D 108 -10.95 1.36 -22.33
C THR D 108 -10.27 0.35 -23.25
N PHE D 109 -8.98 0.11 -23.00
CA PHE D 109 -8.23 -0.94 -23.67
C PHE D 109 -8.32 -2.28 -22.95
N GLU D 110 -9.35 -2.48 -22.12
CA GLU D 110 -9.51 -3.74 -21.42
C GLU D 110 -9.91 -4.86 -22.38
N ASP D 111 -10.77 -4.55 -23.35
CA ASP D 111 -11.20 -5.51 -24.35
C ASP D 111 -10.53 -5.27 -25.71
N PHE D 112 -9.33 -4.72 -25.70
CA PHE D 112 -8.58 -4.55 -26.93
C PHE D 112 -8.08 -5.91 -27.40
N PRO D 113 -8.31 -6.29 -28.65
CA PRO D 113 -7.92 -7.64 -29.12
C PRO D 113 -6.43 -7.77 -29.37
N PHE D 114 -5.66 -7.81 -28.28
CA PHE D 114 -4.22 -8.00 -28.40
C PHE D 114 -3.89 -9.30 -29.11
N SER D 115 -4.57 -10.38 -28.73
CA SER D 115 -4.28 -11.69 -29.30
C SER D 115 -4.64 -11.80 -30.77
N SER D 116 -5.50 -10.90 -31.27
CA SER D 116 -6.05 -11.02 -32.61
C SER D 116 -5.35 -10.16 -33.65
N LEU D 117 -4.42 -9.28 -33.26
CA LEU D 117 -3.79 -8.34 -34.18
C LEU D 117 -2.28 -8.45 -34.13
N PRO D 118 -1.73 -9.59 -34.55
CA PRO D 118 -0.27 -9.77 -34.50
C PRO D 118 0.50 -8.80 -35.38
N ASN D 119 -0.07 -8.41 -36.53
CA ASN D 119 0.66 -7.69 -37.56
C ASN D 119 0.53 -6.16 -37.43
N LEU D 120 0.10 -5.66 -36.28
CA LEU D 120 -0.01 -4.22 -36.09
C LEU D 120 1.37 -3.57 -36.07
N THR D 121 1.56 -2.55 -36.91
CA THR D 121 2.79 -1.78 -36.95
C THR D 121 2.60 -0.30 -36.63
N PHE D 122 1.43 0.26 -36.89
CA PHE D 122 1.14 1.67 -36.64
C PHE D 122 -0.13 1.75 -35.80
N VAL D 123 -0.02 2.33 -34.61
CA VAL D 123 -1.15 2.52 -33.71
C VAL D 123 -1.16 3.95 -33.23
N ASP D 124 -2.22 4.69 -33.57
CA ASP D 124 -2.43 6.04 -33.06
C ASP D 124 -3.86 6.12 -32.56
N LEU D 125 -4.03 6.12 -31.24
CA LEU D 125 -5.32 6.23 -30.58
C LEU D 125 -5.38 7.52 -29.76
N SER D 126 -4.77 8.58 -30.28
CA SER D 126 -4.63 9.82 -29.53
C SER D 126 -5.85 10.72 -29.70
N MET D 127 -6.00 11.66 -28.77
CA MET D 127 -7.07 12.65 -28.78
C MET D 127 -8.45 11.98 -28.69
N ASN D 128 -8.60 11.16 -27.65
CA ASN D 128 -9.86 10.47 -27.39
C ASN D 128 -10.10 10.49 -25.89
N ARG D 129 -11.08 9.70 -25.45
CA ARG D 129 -11.44 9.59 -24.04
C ARG D 129 -11.19 8.18 -23.53
N PHE D 130 -10.07 7.59 -23.92
CA PHE D 130 -9.69 6.29 -23.41
C PHE D 130 -9.19 6.42 -21.98
N SER D 131 -9.76 5.62 -21.08
CA SER D 131 -9.41 5.62 -19.68
C SER D 131 -8.96 4.23 -19.25
N GLY D 132 -8.20 4.18 -18.17
CA GLY D 132 -7.67 2.93 -17.65
C GLY D 132 -6.16 2.93 -17.60
N THR D 133 -5.59 1.75 -17.77
CA THR D 133 -4.15 1.56 -17.69
C THR D 133 -3.61 1.04 -19.02
N ILE D 134 -2.29 1.05 -19.14
CA ILE D 134 -1.60 0.55 -20.32
C ILE D 134 -1.23 -0.90 -20.04
N SER D 135 -1.96 -1.82 -20.65
CA SER D 135 -1.75 -3.24 -20.40
C SER D 135 -0.35 -3.67 -20.85
N PRO D 136 0.25 -4.63 -20.15
CA PRO D 136 1.52 -5.21 -20.63
C PRO D 136 1.40 -5.83 -22.00
N GLU D 137 0.19 -6.21 -22.41
CA GLU D 137 -0.02 -6.87 -23.70
C GLU D 137 0.39 -5.98 -24.87
N TRP D 138 0.50 -4.66 -24.66
CA TRP D 138 0.95 -3.77 -25.73
C TRP D 138 2.34 -4.13 -26.21
N GLY D 139 3.16 -4.73 -25.34
CA GLY D 139 4.49 -5.16 -25.74
C GLY D 139 4.51 -6.40 -26.61
N ARG D 140 3.36 -7.04 -26.82
CA ARG D 140 3.29 -8.24 -27.67
C ARG D 140 3.27 -7.92 -29.16
N PHE D 141 3.06 -6.66 -29.53
CA PHE D 141 3.00 -6.27 -30.94
C PHE D 141 4.43 -6.15 -31.47
N SER D 142 4.98 -7.29 -31.89
CA SER D 142 6.38 -7.35 -32.30
C SER D 142 6.66 -6.45 -33.49
N LYS D 143 5.72 -6.36 -34.42
CA LYS D 143 5.91 -5.57 -35.63
C LYS D 143 5.67 -4.08 -35.41
N LEU D 144 5.22 -3.68 -34.22
CA LEU D 144 4.85 -2.30 -33.97
C LEU D 144 6.05 -1.37 -34.09
N GLU D 145 5.88 -0.29 -34.84
CA GLU D 145 6.90 0.73 -35.05
C GLU D 145 6.48 2.11 -34.56
N TYR D 146 5.18 2.42 -34.57
CA TYR D 146 4.65 3.71 -34.14
C TYR D 146 3.59 3.46 -33.10
N PHE D 147 3.75 4.04 -31.92
CA PHE D 147 2.86 3.83 -30.79
C PHE D 147 2.47 5.18 -30.21
N ASP D 148 1.20 5.55 -30.34
CA ASP D 148 0.71 6.86 -29.93
C ASP D 148 -0.59 6.70 -29.14
N LEU D 149 -0.50 6.86 -27.82
CA LEU D 149 -1.66 6.85 -26.94
C LEU D 149 -1.86 8.21 -26.26
N SER D 150 -1.35 9.28 -26.87
CA SER D 150 -1.33 10.58 -26.24
C SER D 150 -2.74 11.16 -26.11
N ILE D 151 -2.85 12.18 -25.24
CA ILE D 151 -4.06 12.96 -25.08
C ILE D 151 -5.26 12.04 -24.83
N ASN D 152 -5.30 11.49 -23.62
CA ASN D 152 -6.35 10.58 -23.18
C ASN D 152 -6.51 10.77 -21.68
N GLN D 153 -7.20 9.84 -21.03
CA GLN D 153 -7.32 9.84 -19.58
C GLN D 153 -6.81 8.53 -18.99
N LEU D 154 -5.67 8.06 -19.50
CA LEU D 154 -5.02 6.87 -18.97
C LEU D 154 -4.31 7.17 -17.66
N VAL D 155 -4.30 6.18 -16.77
CA VAL D 155 -3.68 6.28 -15.46
C VAL D 155 -2.83 5.03 -15.24
N GLY D 156 -2.12 5.01 -14.11
CA GLY D 156 -1.27 3.88 -13.80
C GLY D 156 0.16 4.10 -14.23
N GLU D 157 0.91 3.01 -14.22
CA GLU D 157 2.32 3.04 -14.59
C GLU D 157 2.51 2.59 -16.03
N ILE D 158 3.74 2.73 -16.50
CA ILE D 158 4.13 2.26 -17.83
C ILE D 158 4.67 0.83 -17.68
N PRO D 159 4.08 -0.16 -18.32
CA PRO D 159 4.56 -1.53 -18.18
C PRO D 159 5.97 -1.67 -18.71
N PRO D 160 6.81 -2.48 -18.06
CA PRO D 160 8.13 -2.79 -18.64
C PRO D 160 8.02 -3.52 -19.96
N GLU D 161 6.89 -4.18 -20.22
CA GLU D 161 6.69 -4.91 -21.46
C GLU D 161 6.81 -4.02 -22.69
N LEU D 162 6.65 -2.71 -22.54
CA LEU D 162 6.86 -1.80 -23.67
C LEU D 162 8.27 -1.93 -24.21
N GLY D 163 9.22 -2.33 -23.37
CA GLY D 163 10.58 -2.60 -23.83
C GLY D 163 10.68 -3.74 -24.81
N LYS D 164 9.64 -4.57 -24.91
CA LYS D 164 9.62 -5.69 -25.85
C LYS D 164 9.26 -5.27 -27.26
N LEU D 165 9.08 -3.97 -27.51
CA LEU D 165 8.76 -3.45 -28.84
C LEU D 165 10.06 -3.12 -29.58
N SER D 166 10.80 -4.19 -29.91
CA SER D 166 12.13 -4.05 -30.50
C SER D 166 12.11 -3.15 -31.73
N ASN D 167 11.08 -3.26 -32.55
CA ASN D 167 11.02 -2.54 -33.83
C ASN D 167 10.40 -1.15 -33.70
N LEU D 168 10.06 -0.72 -32.49
CA LEU D 168 9.40 0.56 -32.30
C LEU D 168 10.35 1.71 -32.62
N ASP D 169 9.86 2.66 -33.42
CA ASP D 169 10.60 3.86 -33.78
C ASP D 169 10.13 5.09 -33.00
N THR D 170 8.83 5.22 -32.77
CA THR D 170 8.27 6.39 -32.10
C THR D 170 7.33 5.93 -30.98
N LEU D 171 7.42 6.60 -29.83
CA LEU D 171 6.61 6.31 -28.66
C LEU D 171 6.01 7.60 -28.14
N HIS D 172 4.68 7.69 -28.15
CA HIS D 172 3.96 8.88 -27.71
C HIS D 172 2.94 8.48 -26.66
N LEU D 173 3.17 8.89 -25.42
CA LEU D 173 2.29 8.61 -24.27
C LEU D 173 1.95 9.92 -23.57
N VAL D 174 1.60 10.92 -24.36
CA VAL D 174 1.66 12.32 -23.95
C VAL D 174 0.32 12.80 -23.41
N GLU D 175 0.39 13.72 -22.45
CA GLU D 175 -0.77 14.41 -21.90
C GLU D 175 -1.76 13.42 -21.31
N ASN D 176 -1.23 12.56 -20.45
CA ASN D 176 -2.02 11.61 -19.68
C ASN D 176 -1.66 11.79 -18.21
N LYS D 177 -2.15 10.92 -17.35
CA LYS D 177 -1.88 11.00 -15.92
C LYS D 177 -1.13 9.76 -15.44
N LEU D 178 -0.18 9.31 -16.25
CA LEU D 178 0.61 8.13 -15.89
C LEU D 178 1.58 8.47 -14.78
N ASN D 179 1.55 7.68 -13.70
CA ASN D 179 2.47 7.89 -12.59
C ASN D 179 3.37 6.67 -12.42
N GLY D 180 4.43 6.86 -11.67
CA GLY D 180 5.42 5.83 -11.42
C GLY D 180 6.75 6.20 -12.02
N SER D 181 7.68 5.26 -11.93
CA SER D 181 9.00 5.44 -12.51
C SER D 181 9.03 4.90 -13.94
N ILE D 182 9.89 5.47 -14.76
CA ILE D 182 10.06 4.96 -16.12
C ILE D 182 10.81 3.63 -16.05
N PRO D 183 10.26 2.55 -16.62
CA PRO D 183 10.92 1.26 -16.53
C PRO D 183 12.30 1.27 -17.17
N SER D 184 13.24 0.58 -16.53
CA SER D 184 14.57 0.42 -17.11
C SER D 184 14.52 -0.27 -18.47
N GLU D 185 13.48 -1.09 -18.69
CA GLU D 185 13.36 -1.86 -19.93
C GLU D 185 13.08 -0.98 -21.15
N ILE D 186 12.74 0.29 -20.97
CA ILE D 186 12.60 1.20 -22.11
C ILE D 186 13.93 1.32 -22.85
N GLY D 187 15.04 1.16 -22.14
CA GLY D 187 16.36 1.15 -22.75
C GLY D 187 16.57 0.03 -23.77
N ARG D 188 15.66 -0.94 -23.83
CA ARG D 188 15.75 -2.00 -24.83
C ARG D 188 15.26 -1.57 -26.20
N LEU D 189 14.69 -0.37 -26.32
CA LEU D 189 14.14 0.10 -27.59
C LEU D 189 15.28 0.64 -28.45
N THR D 190 16.08 -0.30 -28.97
CA THR D 190 17.29 0.04 -29.69
C THR D 190 17.00 0.91 -30.91
N LYS D 191 15.85 0.70 -31.57
CA LYS D 191 15.53 1.40 -32.81
C LYS D 191 14.73 2.68 -32.60
N VAL D 192 14.43 3.04 -31.35
CA VAL D 192 13.58 4.21 -31.11
C VAL D 192 14.37 5.48 -31.38
N THR D 193 13.70 6.47 -31.99
CA THR D 193 14.30 7.76 -32.28
C THR D 193 13.64 8.92 -31.53
N GLU D 194 12.36 8.80 -31.20
CA GLU D 194 11.65 9.83 -30.43
C GLU D 194 10.86 9.17 -29.32
N ILE D 195 10.97 9.71 -28.10
CA ILE D 195 10.21 9.26 -26.94
C ILE D 195 9.59 10.49 -26.30
N ALA D 196 8.28 10.61 -26.37
CA ALA D 196 7.56 11.74 -25.79
C ALA D 196 6.58 11.21 -24.74
N ILE D 197 6.85 11.52 -23.46
CA ILE D 197 5.99 11.11 -22.35
C ILE D 197 5.64 12.35 -21.52
N TYR D 198 5.69 13.52 -22.13
CA TYR D 198 5.60 14.74 -21.34
C TYR D 198 4.16 15.01 -20.91
N ASP D 199 4.03 15.93 -19.95
CA ASP D 199 2.74 16.32 -19.35
C ASP D 199 2.04 15.10 -18.74
N ASN D 200 2.71 14.51 -17.75
CA ASN D 200 2.25 13.32 -17.06
C ASN D 200 2.56 13.48 -15.57
N LEU D 201 2.47 12.38 -14.83
CA LEU D 201 2.75 12.36 -13.40
C LEU D 201 3.90 11.42 -13.08
N LEU D 202 4.89 11.37 -13.96
CA LEU D 202 6.01 10.45 -13.78
C LEU D 202 6.86 10.84 -12.59
N THR D 203 7.42 9.82 -11.93
CA THR D 203 8.26 9.98 -10.75
C THR D 203 9.56 9.21 -10.96
N GLY D 204 10.42 9.25 -9.94
CA GLY D 204 11.66 8.50 -9.97
C GLY D 204 12.70 9.13 -10.88
N PRO D 205 13.83 8.46 -11.04
CA PRO D 205 14.90 8.99 -11.89
C PRO D 205 14.67 8.67 -13.36
N ILE D 206 15.46 9.31 -14.21
CA ILE D 206 15.54 8.90 -15.61
C ILE D 206 16.37 7.62 -15.69
N PRO D 207 15.88 6.58 -16.36
CA PRO D 207 16.61 5.32 -16.40
C PRO D 207 17.97 5.49 -17.07
N SER D 208 19.03 5.10 -16.35
CA SER D 208 20.38 5.19 -16.90
C SER D 208 20.56 4.29 -18.10
N SER D 209 19.68 3.30 -18.30
CA SER D 209 19.69 2.48 -19.50
C SER D 209 19.32 3.25 -20.75
N PHE D 210 18.97 4.54 -20.63
CA PHE D 210 18.63 5.33 -21.81
C PHE D 210 19.84 5.58 -22.69
N GLY D 211 21.05 5.42 -22.17
CA GLY D 211 22.22 5.46 -23.03
C GLY D 211 22.19 4.40 -24.11
N ASN D 212 21.50 3.29 -23.85
CA ASN D 212 21.37 2.22 -24.83
C ASN D 212 20.49 2.61 -26.02
N LEU D 213 19.83 3.77 -25.97
CA LEU D 213 18.96 4.24 -27.05
C LEU D 213 19.78 5.08 -28.03
N THR D 214 20.71 4.41 -28.71
CA THR D 214 21.67 5.11 -29.56
C THR D 214 20.99 5.87 -30.69
N LYS D 215 19.89 5.36 -31.21
CA LYS D 215 19.19 6.01 -32.32
C LYS D 215 18.29 7.16 -31.89
N LEU D 216 18.18 7.42 -30.60
CA LEU D 216 17.29 8.47 -30.10
C LEU D 216 17.76 9.85 -30.55
N VAL D 217 16.82 10.65 -31.08
CA VAL D 217 17.16 12.02 -31.47
C VAL D 217 16.32 13.03 -30.69
N ASN D 218 15.13 12.61 -30.23
CA ASN D 218 14.18 13.51 -29.57
C ASN D 218 13.72 12.87 -28.27
N LEU D 219 14.09 13.48 -27.14
CA LEU D 219 13.66 13.02 -25.81
C LEU D 219 12.86 14.13 -25.15
N TYR D 220 11.57 13.90 -24.96
CA TYR D 220 10.65 14.89 -24.38
C TYR D 220 10.04 14.30 -23.11
N LEU D 221 10.45 14.83 -21.95
CA LEU D 221 10.01 14.32 -20.66
C LEU D 221 9.59 15.44 -19.71
N PHE D 222 9.10 16.55 -20.24
CA PHE D 222 8.84 17.70 -19.38
C PHE D 222 7.44 17.63 -18.79
N ILE D 223 7.17 18.54 -17.85
CA ILE D 223 5.93 18.57 -17.09
C ILE D 223 5.73 17.22 -16.42
N ASN D 224 6.56 16.93 -15.43
CA ASN D 224 6.55 15.67 -14.71
C ASN D 224 7.25 15.91 -13.37
N SER D 225 7.48 14.85 -12.61
CA SER D 225 8.16 14.94 -11.34
C SER D 225 9.31 13.95 -11.27
N LEU D 226 10.03 13.79 -12.37
CA LEU D 226 11.23 12.97 -12.38
C LEU D 226 12.25 13.57 -11.42
N SER D 227 12.98 12.70 -10.72
CA SER D 227 13.81 13.09 -9.59
C SER D 227 15.23 12.59 -9.77
N GLY D 228 16.09 12.95 -8.82
CA GLY D 228 17.48 12.52 -8.83
C GLY D 228 18.30 13.25 -9.89
N SER D 229 19.56 12.83 -10.00
CA SER D 229 20.46 13.41 -10.97
C SER D 229 20.18 12.89 -12.37
N ILE D 230 20.61 13.65 -13.37
CA ILE D 230 20.48 13.23 -14.76
C ILE D 230 21.52 12.15 -15.05
N PRO D 231 21.15 11.01 -15.63
CA PRO D 231 22.15 10.00 -15.99
C PRO D 231 23.18 10.56 -16.95
N SER D 232 24.46 10.41 -16.59
CA SER D 232 25.53 10.87 -17.47
C SER D 232 25.47 10.19 -18.84
N GLU D 233 24.89 8.98 -18.90
CA GLU D 233 24.80 8.25 -20.16
C GLU D 233 24.03 9.02 -21.22
N ILE D 234 23.14 9.93 -20.81
CA ILE D 234 22.37 10.71 -21.78
C ILE D 234 23.31 11.51 -22.67
N GLY D 235 24.41 12.00 -22.11
CA GLY D 235 25.40 12.74 -22.88
C GLY D 235 26.11 11.92 -23.95
N ASN D 236 25.98 10.60 -23.91
CA ASN D 236 26.64 9.73 -24.88
C ASN D 236 25.71 9.28 -25.99
N LEU D 237 24.54 9.89 -26.11
CA LEU D 237 23.63 9.59 -27.21
C LEU D 237 24.11 10.33 -28.46
N PRO D 238 24.56 9.61 -29.48
CA PRO D 238 25.23 10.29 -30.61
C PRO D 238 24.29 11.09 -31.47
N ASN D 239 23.08 10.58 -31.74
CA ASN D 239 22.15 11.21 -32.66
C ASN D 239 21.17 12.15 -31.98
N LEU D 240 21.26 12.32 -30.66
CA LEU D 240 20.34 13.19 -29.94
C LEU D 240 20.39 14.60 -30.51
N ARG D 241 19.22 15.17 -30.74
CA ARG D 241 19.10 16.53 -31.28
C ARG D 241 18.38 17.48 -30.35
N GLU D 242 17.31 17.04 -29.69
CA GLU D 242 16.55 17.88 -28.78
C GLU D 242 16.33 17.13 -27.47
N LEU D 243 16.74 17.76 -26.37
CA LEU D 243 16.61 17.20 -25.03
C LEU D 243 15.81 18.18 -24.19
N CYS D 244 14.61 17.79 -23.79
CA CYS D 244 13.69 18.64 -23.03
C CYS D 244 13.32 17.96 -21.72
N LEU D 245 14.12 18.21 -20.68
CA LEU D 245 13.86 17.68 -19.35
C LEU D 245 13.33 18.76 -18.40
N ASP D 246 12.76 19.82 -18.93
CA ASP D 246 12.32 20.95 -18.13
C ASP D 246 11.12 20.58 -17.26
N ARG D 247 10.86 21.41 -16.25
CA ARG D 247 9.66 21.29 -15.41
C ARG D 247 9.58 19.91 -14.75
N ASN D 248 10.59 19.60 -13.94
CA ASN D 248 10.67 18.34 -13.24
C ASN D 248 11.30 18.60 -11.88
N ASN D 249 11.67 17.54 -11.17
CA ASN D 249 12.31 17.67 -9.86
C ASN D 249 13.71 17.08 -9.89
N LEU D 250 14.44 17.32 -10.97
CA LEU D 250 15.79 16.80 -11.13
C LEU D 250 16.76 17.61 -10.28
N THR D 251 17.54 16.91 -9.46
CA THR D 251 18.52 17.52 -8.58
C THR D 251 19.93 17.21 -9.10
N GLY D 252 20.92 17.72 -8.39
CA GLY D 252 22.30 17.40 -8.69
C GLY D 252 22.91 18.29 -9.75
N LYS D 253 24.12 17.91 -10.15
CA LYS D 253 24.88 18.65 -11.14
C LYS D 253 24.42 18.27 -12.55
N ILE D 254 24.76 19.15 -13.50
CA ILE D 254 24.53 18.84 -14.91
C ILE D 254 25.68 17.98 -15.42
N PRO D 255 25.39 16.82 -16.02
CA PRO D 255 26.47 15.91 -16.41
C PRO D 255 27.47 16.56 -17.35
N SER D 256 28.75 16.49 -16.98
CA SER D 256 29.82 16.90 -17.86
C SER D 256 29.85 16.09 -19.15
N SER D 257 29.21 14.92 -19.15
CA SER D 257 29.09 14.10 -20.35
C SER D 257 28.34 14.81 -21.46
N PHE D 258 27.58 15.86 -21.13
CA PHE D 258 26.82 16.60 -22.13
C PHE D 258 27.71 17.25 -23.18
N GLY D 259 29.00 17.42 -22.88
CA GLY D 259 29.92 17.94 -23.88
C GLY D 259 30.01 17.08 -25.13
N ASN D 260 29.70 15.79 -25.02
CA ASN D 260 29.71 14.89 -26.16
C ASN D 260 28.49 15.05 -27.06
N LEU D 261 27.46 15.76 -26.60
CA LEU D 261 26.24 15.95 -27.38
C LEU D 261 26.48 17.00 -28.47
N LYS D 262 27.22 16.57 -29.49
CA LYS D 262 27.63 17.47 -30.56
C LYS D 262 26.56 17.67 -31.63
N ASN D 263 25.47 16.89 -31.59
CA ASN D 263 24.37 17.06 -32.52
C ASN D 263 23.15 17.73 -31.91
N VAL D 264 23.16 18.00 -30.61
CA VAL D 264 21.99 18.54 -29.93
C VAL D 264 21.86 20.02 -30.25
N THR D 265 20.66 20.42 -30.68
CA THR D 265 20.39 21.82 -31.01
C THR D 265 19.46 22.51 -30.02
N LEU D 266 18.73 21.76 -29.19
CA LEU D 266 17.84 22.33 -28.19
C LEU D 266 18.02 21.61 -26.87
N LEU D 267 18.30 22.36 -25.81
CA LEU D 267 18.46 21.80 -24.46
C LEU D 267 17.61 22.63 -23.50
N ASN D 268 16.42 22.14 -23.21
CA ASN D 268 15.52 22.74 -22.23
C ASN D 268 15.53 21.89 -20.98
N MET D 269 16.05 22.44 -19.88
CA MET D 269 16.04 21.80 -18.57
C MET D 269 15.63 22.79 -17.49
N PHE D 270 14.86 23.81 -17.86
CA PHE D 270 14.48 24.86 -16.93
C PHE D 270 13.45 24.33 -15.93
N GLU D 271 13.26 25.09 -14.86
CA GLU D 271 12.31 24.77 -13.80
C GLU D 271 12.61 23.39 -13.20
N ASN D 272 13.80 23.28 -12.63
CA ASN D 272 14.25 22.05 -11.97
C ASN D 272 14.98 22.46 -10.69
N GLN D 273 15.55 21.47 -10.01
CA GLN D 273 16.35 21.70 -8.81
C GLN D 273 17.83 21.39 -9.05
N LEU D 274 18.29 21.51 -10.29
CA LEU D 274 19.69 21.27 -10.61
C LEU D 274 20.58 22.24 -9.82
N SER D 275 21.75 21.75 -9.43
CA SER D 275 22.62 22.48 -8.52
C SER D 275 24.05 22.38 -9.04
N GLY D 276 25.00 22.83 -8.22
CA GLY D 276 26.39 22.88 -8.62
C GLY D 276 26.64 23.99 -9.62
N GLU D 277 27.73 23.84 -10.36
CA GLU D 277 28.14 24.81 -11.36
C GLU D 277 27.91 24.27 -12.76
N ILE D 278 27.70 25.18 -13.71
CA ILE D 278 27.53 24.80 -15.10
C ILE D 278 28.85 24.24 -15.62
N PRO D 279 28.87 22.98 -16.09
CA PRO D 279 30.12 22.38 -16.53
C PRO D 279 30.70 23.12 -17.73
N PRO D 280 31.99 23.46 -17.70
CA PRO D 280 32.61 24.11 -18.86
C PRO D 280 32.52 23.26 -20.13
N GLU D 281 32.41 21.95 -20.00
CA GLU D 281 32.24 21.07 -21.16
C GLU D 281 30.99 21.40 -21.98
N ILE D 282 30.06 22.20 -21.44
CA ILE D 282 28.87 22.58 -22.20
C ILE D 282 29.27 23.38 -23.43
N GLY D 283 30.33 24.17 -23.34
CA GLY D 283 30.82 24.90 -24.50
C GLY D 283 31.13 24.00 -25.69
N ASN D 284 31.50 22.75 -25.43
CA ASN D 284 31.76 21.81 -26.51
C ASN D 284 30.50 21.42 -27.28
N MET D 285 29.32 21.80 -26.80
CA MET D 285 28.06 21.55 -27.51
C MET D 285 27.92 22.57 -28.65
N THR D 286 28.78 22.39 -29.66
CA THR D 286 28.92 23.34 -30.75
C THR D 286 27.70 23.40 -31.67
N ALA D 287 26.67 22.59 -31.43
CA ALA D 287 25.46 22.63 -32.24
C ALA D 287 24.28 23.27 -31.53
N LEU D 288 24.48 23.81 -30.34
CA LEU D 288 23.37 24.34 -29.56
C LEU D 288 22.78 25.58 -30.22
N ASP D 289 21.45 25.58 -30.35
CA ASP D 289 20.70 26.74 -30.83
C ASP D 289 19.96 27.45 -29.71
N THR D 290 19.45 26.69 -28.74
CA THR D 290 18.68 27.26 -27.62
C THR D 290 19.08 26.51 -26.35
N LEU D 291 19.59 27.24 -25.37
CA LEU D 291 19.96 26.67 -24.08
C LEU D 291 19.17 27.39 -22.99
N SER D 292 18.38 26.64 -22.23
CA SER D 292 17.51 27.20 -21.20
C SER D 292 17.66 26.39 -19.92
N LEU D 293 18.36 26.95 -18.94
CA LEU D 293 18.50 26.34 -17.62
C LEU D 293 17.88 27.23 -16.53
N HIS D 294 16.93 28.08 -16.91
CA HIS D 294 16.39 29.05 -15.96
C HIS D 294 15.55 28.39 -14.88
N THR D 295 15.33 29.11 -13.80
CA THR D 295 14.59 28.64 -12.63
C THR D 295 15.18 27.34 -12.10
N ASN D 296 16.43 27.43 -11.69
CA ASN D 296 17.15 26.29 -11.10
C ASN D 296 17.91 26.81 -9.89
N LYS D 297 18.77 25.95 -9.33
CA LYS D 297 19.59 26.30 -8.18
C LYS D 297 21.08 26.26 -8.51
N LEU D 298 21.41 26.57 -9.77
CA LEU D 298 22.78 26.57 -10.22
C LEU D 298 23.58 27.66 -9.53
N THR D 299 24.86 27.39 -9.29
CA THR D 299 25.76 28.30 -8.60
C THR D 299 27.07 28.40 -9.38
N GLY D 300 27.96 29.27 -8.91
CA GLY D 300 29.23 29.48 -9.56
C GLY D 300 29.12 30.41 -10.75
N PRO D 301 30.23 30.62 -11.46
CA PRO D 301 30.23 31.58 -12.56
C PRO D 301 29.69 30.97 -13.85
N ILE D 302 29.31 31.86 -14.75
CA ILE D 302 28.93 31.47 -16.12
C ILE D 302 30.17 30.95 -16.83
N PRO D 303 30.12 29.79 -17.48
CA PRO D 303 31.32 29.25 -18.12
C PRO D 303 31.74 30.10 -19.32
N SER D 304 32.99 30.56 -19.29
CA SER D 304 33.53 31.33 -20.41
C SER D 304 33.55 30.51 -21.70
N THR D 305 33.43 29.19 -21.60
CA THR D 305 33.43 28.32 -22.78
C THR D 305 32.16 28.45 -23.60
N LEU D 306 31.15 29.17 -23.10
CA LEU D 306 29.91 29.35 -23.87
C LEU D 306 30.17 30.10 -25.18
N GLY D 307 31.21 30.94 -25.21
CA GLY D 307 31.53 31.65 -26.44
C GLY D 307 31.87 30.75 -27.60
N ASN D 308 32.30 29.51 -27.31
CA ASN D 308 32.60 28.57 -28.37
C ASN D 308 31.38 28.23 -29.22
N ILE D 309 30.19 28.25 -28.62
CA ILE D 309 28.97 27.88 -29.32
C ILE D 309 28.56 29.06 -30.19
N LYS D 310 28.91 29.00 -31.48
CA LYS D 310 28.60 30.09 -32.39
C LYS D 310 27.18 30.01 -32.95
N THR D 311 26.49 28.90 -32.76
CA THR D 311 25.12 28.75 -33.23
C THR D 311 24.08 29.14 -32.19
N LEU D 312 24.49 29.38 -30.95
CA LEU D 312 23.56 29.62 -29.86
C LEU D 312 22.90 30.99 -30.03
N ALA D 313 21.57 30.98 -30.22
CA ALA D 313 20.81 32.22 -30.38
C ALA D 313 19.93 32.56 -29.18
N VAL D 314 19.61 31.58 -28.33
CA VAL D 314 18.79 31.81 -27.15
C VAL D 314 19.51 31.23 -25.95
N LEU D 315 19.85 32.08 -24.98
CA LEU D 315 20.47 31.66 -23.72
C LEU D 315 19.61 32.18 -22.58
N HIS D 316 19.01 31.27 -21.81
CA HIS D 316 18.17 31.62 -20.68
C HIS D 316 18.78 31.01 -19.41
N LEU D 317 19.55 31.83 -18.69
CA LEU D 317 20.17 31.41 -17.44
C LEU D 317 19.58 32.13 -16.23
N TYR D 318 18.44 32.80 -16.40
CA TYR D 318 17.92 33.63 -15.32
C TYR D 318 17.32 32.77 -14.21
N LEU D 319 17.03 33.42 -13.07
CA LEU D 319 16.48 32.77 -11.89
C LEU D 319 17.37 31.63 -11.41
N ASN D 320 18.60 31.99 -11.07
CA ASN D 320 19.59 31.05 -10.56
C ASN D 320 20.41 31.76 -9.49
N GLN D 321 21.52 31.15 -9.08
CA GLN D 321 22.40 31.74 -8.08
C GLN D 321 23.81 31.91 -8.61
N LEU D 322 23.94 32.21 -9.89
CA LEU D 322 25.25 32.40 -10.50
C LEU D 322 25.88 33.69 -9.99
N ASN D 323 27.14 33.62 -9.58
CA ASN D 323 27.87 34.78 -9.08
C ASN D 323 29.11 35.02 -9.94
N GLY D 324 29.93 35.98 -9.53
CA GLY D 324 31.10 36.35 -10.29
C GLY D 324 30.78 37.36 -11.37
N SER D 325 31.73 37.53 -12.27
CA SER D 325 31.63 38.50 -13.35
C SER D 325 31.18 37.82 -14.63
N ILE D 326 30.64 38.62 -15.55
CA ILE D 326 30.22 38.13 -16.86
C ILE D 326 31.47 37.87 -17.68
N PRO D 327 31.66 36.65 -18.19
CA PRO D 327 32.85 36.35 -18.99
C PRO D 327 32.86 37.17 -20.27
N PRO D 328 33.96 37.88 -20.54
CA PRO D 328 34.03 38.65 -21.79
C PRO D 328 33.90 37.80 -23.04
N GLU D 329 34.17 36.50 -22.93
CA GLU D 329 34.03 35.59 -24.07
C GLU D 329 32.58 35.39 -24.50
N LEU D 330 31.61 35.81 -23.68
CA LEU D 330 30.21 35.71 -24.08
C LEU D 330 29.92 36.56 -25.31
N GLY D 331 30.67 37.66 -25.49
CA GLY D 331 30.50 38.49 -26.68
C GLY D 331 30.83 37.78 -27.97
N GLU D 332 31.51 36.63 -27.91
CA GLU D 332 31.86 35.86 -29.08
C GLU D 332 30.73 34.92 -29.53
N MET D 333 29.60 34.93 -28.84
CA MET D 333 28.42 34.18 -29.27
C MET D 333 27.79 34.96 -30.42
N GLU D 334 28.28 34.67 -31.64
CA GLU D 334 27.90 35.47 -32.81
C GLU D 334 26.39 35.46 -33.04
N SER D 335 25.76 34.29 -32.91
CA SER D 335 24.36 34.14 -33.26
C SER D 335 23.41 34.56 -32.15
N MET D 336 23.94 35.06 -31.02
CA MET D 336 23.08 35.34 -29.87
C MET D 336 22.02 36.36 -30.19
N ILE D 337 20.76 36.01 -29.88
CA ILE D 337 19.61 36.85 -30.15
C ILE D 337 18.87 37.22 -28.87
N ASP D 338 18.65 36.24 -27.99
CA ASP D 338 17.91 36.42 -26.74
C ASP D 338 18.83 36.01 -25.60
N LEU D 339 19.46 36.99 -24.95
CA LEU D 339 20.43 36.76 -23.88
C LEU D 339 19.84 37.23 -22.57
N GLU D 340 19.59 36.29 -21.65
CA GLU D 340 18.95 36.59 -20.37
C GLU D 340 19.70 35.86 -19.26
N ILE D 341 20.36 36.63 -18.39
CA ILE D 341 21.02 36.09 -17.22
C ILE D 341 20.54 36.82 -15.98
N SER D 342 19.30 37.33 -16.02
CA SER D 342 18.74 38.13 -14.94
C SER D 342 18.55 37.29 -13.68
N GLU D 343 18.17 37.98 -12.60
CA GLU D 343 17.80 37.35 -11.33
C GLU D 343 18.87 36.34 -10.89
N ASN D 344 20.06 36.87 -10.66
CA ASN D 344 21.22 36.09 -10.27
C ASN D 344 22.01 36.91 -9.26
N LYS D 345 23.23 36.48 -8.96
CA LYS D 345 24.11 37.18 -8.04
C LYS D 345 25.42 37.58 -8.72
N LEU D 346 25.31 37.96 -10.00
CA LEU D 346 26.48 38.38 -10.76
C LEU D 346 26.98 39.73 -10.27
N THR D 347 28.28 39.97 -10.46
CA THR D 347 28.94 41.19 -10.02
C THR D 347 29.87 41.67 -11.12
N GLY D 348 30.43 42.86 -10.91
CA GLY D 348 31.41 43.40 -11.83
C GLY D 348 30.80 44.06 -13.06
N PRO D 349 31.66 44.56 -13.94
CA PRO D 349 31.18 45.32 -15.10
C PRO D 349 30.74 44.42 -16.24
N VAL D 350 29.95 45.00 -17.13
CA VAL D 350 29.58 44.34 -18.38
C VAL D 350 30.77 44.42 -19.34
N PRO D 351 31.15 43.32 -20.00
CA PRO D 351 32.29 43.37 -20.92
C PRO D 351 32.01 44.23 -22.13
N ASP D 352 33.07 44.87 -22.64
CA ASP D 352 32.99 45.61 -23.90
C ASP D 352 32.62 44.70 -25.06
N SER D 353 32.87 43.40 -24.94
CA SER D 353 32.63 42.46 -26.02
C SER D 353 31.17 42.33 -26.40
N PHE D 354 30.25 42.82 -25.56
CA PHE D 354 28.84 42.78 -25.89
C PHE D 354 28.53 43.59 -27.15
N GLY D 355 29.41 44.49 -27.56
CA GLY D 355 29.26 45.16 -28.84
C GLY D 355 29.36 44.20 -30.01
N LYS D 356 30.06 43.07 -29.83
CA LYS D 356 30.20 42.08 -30.89
C LYS D 356 28.94 41.28 -31.13
N LEU D 357 27.96 41.34 -30.23
CA LEU D 357 26.67 40.68 -30.42
C LEU D 357 25.85 41.54 -31.39
N THR D 358 26.08 41.31 -32.68
CA THR D 358 25.47 42.16 -33.71
C THR D 358 24.01 41.83 -33.98
N ALA D 359 23.51 40.70 -33.50
CA ALA D 359 22.13 40.28 -33.73
C ALA D 359 21.32 40.25 -32.45
N LEU D 360 21.80 40.90 -31.39
CA LEU D 360 21.13 40.88 -30.10
C LEU D 360 19.81 41.64 -30.17
N GLU D 361 18.77 41.07 -29.57
CA GLU D 361 17.45 41.67 -29.52
C GLU D 361 16.92 41.81 -28.10
N TRP D 362 17.20 40.85 -27.23
CA TRP D 362 16.85 40.91 -25.81
C TRP D 362 18.11 40.77 -24.99
N LEU D 363 18.40 41.77 -24.16
CA LEU D 363 19.50 41.69 -23.20
C LEU D 363 18.89 41.87 -21.82
N PHE D 364 18.77 40.78 -21.07
CA PHE D 364 18.19 40.78 -19.74
C PHE D 364 19.33 40.69 -18.72
N LEU D 365 19.67 41.82 -18.10
CA LEU D 365 20.69 41.87 -17.07
C LEU D 365 20.13 42.31 -15.72
N ARG D 366 18.81 42.47 -15.62
CA ARG D 366 18.21 43.05 -14.43
C ARG D 366 18.35 42.12 -13.23
N ASP D 367 18.15 42.70 -12.04
CA ASP D 367 18.14 41.95 -10.78
C ASP D 367 19.45 41.20 -10.56
N ASN D 368 20.53 41.98 -10.45
CA ASN D 368 21.86 41.43 -10.22
C ASN D 368 22.64 42.42 -9.38
N GLN D 369 23.95 42.23 -9.30
CA GLN D 369 24.82 43.11 -8.52
C GLN D 369 25.95 43.66 -9.38
N LEU D 370 25.70 43.81 -10.68
CA LEU D 370 26.68 44.38 -11.58
C LEU D 370 26.88 45.86 -11.27
N SER D 371 28.01 46.39 -11.74
CA SER D 371 28.44 47.72 -11.35
C SER D 371 29.31 48.32 -12.45
N GLY D 372 29.78 49.54 -12.21
CA GLY D 372 30.62 50.23 -13.14
C GLY D 372 29.83 50.96 -14.21
N PRO D 373 30.52 51.55 -15.18
CA PRO D 373 29.83 52.21 -16.28
C PRO D 373 29.24 51.20 -17.25
N ILE D 374 28.28 51.67 -18.03
CA ILE D 374 27.66 50.87 -19.09
C ILE D 374 28.48 51.06 -20.35
N PRO D 375 29.11 50.01 -20.88
CA PRO D 375 29.90 50.14 -22.11
C PRO D 375 29.01 50.51 -23.28
N PRO D 376 29.50 51.36 -24.20
CA PRO D 376 28.67 51.75 -25.34
C PRO D 376 28.25 50.59 -26.21
N GLY D 377 28.95 49.45 -26.13
CA GLY D 377 28.63 48.29 -26.93
C GLY D 377 27.39 47.52 -26.51
N ILE D 378 26.84 47.82 -25.34
CA ILE D 378 25.65 47.11 -24.88
C ILE D 378 24.49 47.35 -25.84
N ALA D 379 24.27 48.62 -26.21
CA ALA D 379 23.21 48.99 -27.13
C ALA D 379 23.72 49.15 -28.56
N ASN D 380 24.91 48.59 -28.86
CA ASN D 380 25.49 48.71 -30.19
C ASN D 380 24.66 48.01 -31.25
N SER D 381 23.88 47.00 -30.87
CA SER D 381 23.12 46.23 -31.84
C SER D 381 22.00 47.07 -32.46
N THR D 382 21.93 47.07 -33.80
CA THR D 382 20.87 47.78 -34.48
C THR D 382 19.52 47.09 -34.36
N GLU D 383 19.50 45.81 -33.98
CA GLU D 383 18.28 45.05 -33.81
C GLU D 383 17.85 44.94 -32.36
N LEU D 384 18.52 45.62 -31.45
CA LEU D 384 18.15 45.60 -30.04
C LEU D 384 16.75 46.19 -29.87
N THR D 385 15.92 45.50 -29.09
CA THR D 385 14.57 45.95 -28.81
C THR D 385 14.21 46.00 -27.33
N VAL D 386 14.90 45.24 -26.47
CA VAL D 386 14.64 45.22 -25.04
C VAL D 386 15.97 45.27 -24.31
N LEU D 387 16.10 46.23 -23.40
CA LEU D 387 17.31 46.40 -22.58
C LEU D 387 16.89 46.55 -21.12
N GLN D 388 16.85 45.43 -20.40
CA GLN D 388 16.48 45.40 -18.99
C GLN D 388 17.75 45.46 -18.14
N LEU D 389 17.92 46.56 -17.41
CA LEU D 389 19.11 46.78 -16.60
C LEU D 389 18.79 47.16 -15.15
N ASP D 390 17.53 47.15 -14.75
CA ASP D 390 17.15 47.62 -13.43
C ASP D 390 17.71 46.70 -12.34
N THR D 391 17.64 47.19 -11.10
CA THR D 391 18.05 46.42 -9.93
C THR D 391 19.51 45.97 -10.04
N ASN D 392 20.39 46.96 -10.12
CA ASN D 392 21.83 46.74 -10.24
C ASN D 392 22.54 47.89 -9.54
N ASN D 393 23.86 47.92 -9.67
CA ASN D 393 24.68 48.99 -9.08
C ASN D 393 25.48 49.72 -10.15
N PHE D 394 24.83 50.01 -11.28
CA PHE D 394 25.51 50.68 -12.38
C PHE D 394 25.73 52.16 -12.05
N THR D 395 26.69 52.76 -12.75
CA THR D 395 27.12 54.13 -12.49
C THR D 395 27.40 54.82 -13.82
N GLY D 396 27.38 56.15 -13.79
CA GLY D 396 27.77 56.92 -14.95
C GLY D 396 26.62 57.26 -15.88
N PHE D 397 27.00 57.62 -17.11
CA PHE D 397 26.09 58.11 -18.11
C PHE D 397 25.58 56.97 -18.99
N LEU D 398 24.49 57.24 -19.71
CA LEU D 398 24.02 56.29 -20.71
C LEU D 398 24.78 56.49 -22.02
N PRO D 399 25.11 55.40 -22.70
CA PRO D 399 25.80 55.54 -24.00
C PRO D 399 24.91 56.19 -25.04
N ASP D 400 25.53 56.92 -25.95
CA ASP D 400 24.81 57.57 -27.03
C ASP D 400 24.34 56.58 -28.10
N THR D 401 24.79 55.33 -28.02
CA THR D 401 24.35 54.26 -28.92
C THR D 401 23.05 53.61 -28.47
N ILE D 402 22.29 54.25 -27.57
CA ILE D 402 21.22 53.55 -26.85
C ILE D 402 20.14 53.06 -27.82
N CYS D 403 19.73 53.90 -28.77
CA CYS D 403 18.73 53.53 -29.76
C CYS D 403 19.30 53.67 -31.16
N ARG D 404 20.53 53.18 -31.35
CA ARG D 404 21.25 53.31 -32.62
C ARG D 404 20.43 52.75 -33.78
N GLY D 405 19.87 51.56 -33.60
CA GLY D 405 19.10 50.95 -34.67
C GLY D 405 17.68 51.46 -34.83
N GLY D 406 17.21 52.27 -33.88
CA GLY D 406 15.86 52.80 -33.97
C GLY D 406 14.78 51.78 -33.76
N LYS D 407 15.09 50.66 -33.10
CA LYS D 407 14.12 49.60 -32.86
C LYS D 407 13.88 49.34 -31.38
N LEU D 408 14.59 50.03 -30.49
CA LEU D 408 14.48 49.77 -29.06
C LEU D 408 13.05 50.01 -28.59
N GLU D 409 12.49 49.02 -27.91
CA GLU D 409 11.12 49.09 -27.42
C GLU D 409 11.06 49.33 -25.92
N ASN D 410 11.77 48.53 -25.13
CA ASN D 410 11.62 48.53 -23.68
C ASN D 410 12.97 48.68 -23.01
N LEU D 411 13.12 49.73 -22.22
CA LEU D 411 14.36 50.05 -21.53
C LEU D 411 14.06 50.20 -20.06
N THR D 412 14.82 49.50 -19.21
CA THR D 412 14.54 49.45 -17.79
C THR D 412 15.84 49.76 -17.05
N LEU D 413 15.82 50.85 -16.27
CA LEU D 413 17.02 51.33 -15.57
C LEU D 413 16.77 51.57 -14.10
N ASP D 414 15.76 50.93 -13.52
CA ASP D 414 15.32 51.26 -12.16
C ASP D 414 16.43 51.00 -11.15
N ASP D 415 16.42 51.80 -10.09
CA ASP D 415 17.22 51.55 -8.88
C ASP D 415 18.69 51.36 -9.22
N ASN D 416 19.28 52.40 -9.79
CA ASN D 416 20.66 52.39 -10.23
C ASN D 416 21.30 53.71 -9.78
N HIS D 417 22.51 53.98 -10.27
CA HIS D 417 23.25 55.20 -9.93
C HIS D 417 23.68 55.91 -11.20
N PHE D 418 22.75 56.04 -12.14
CA PHE D 418 23.02 56.72 -13.39
C PHE D 418 22.97 58.23 -13.20
N GLU D 419 23.69 58.95 -14.07
CA GLU D 419 23.76 60.40 -14.02
C GLU D 419 23.60 60.95 -15.43
N GLY D 420 23.68 62.27 -15.54
CA GLY D 420 23.76 62.94 -16.82
C GLY D 420 22.44 63.02 -17.56
N PRO D 421 22.50 63.51 -18.80
CA PRO D 421 21.28 63.73 -19.57
C PRO D 421 20.82 62.49 -20.34
N VAL D 422 19.70 62.63 -21.04
CA VAL D 422 19.22 61.58 -21.95
C VAL D 422 19.90 61.74 -23.29
N PRO D 423 20.54 60.69 -23.83
CA PRO D 423 21.23 60.82 -25.12
C PRO D 423 20.28 61.24 -26.22
N LYS D 424 20.82 62.02 -27.17
CA LYS D 424 20.01 62.53 -28.27
C LYS D 424 19.34 61.41 -29.06
N SER D 425 20.00 60.26 -29.18
CA SER D 425 19.41 59.15 -29.90
C SER D 425 18.21 58.57 -29.16
N LEU D 426 18.21 58.66 -27.82
CA LEU D 426 17.05 58.24 -27.05
C LEU D 426 15.92 59.26 -27.15
N ARG D 427 16.26 60.55 -27.26
CA ARG D 427 15.26 61.57 -27.51
C ARG D 427 14.53 61.34 -28.83
N ASP D 428 15.27 60.96 -29.86
CA ASP D 428 14.71 60.72 -31.19
C ASP D 428 14.24 59.30 -31.40
N CYS D 429 14.44 58.41 -30.43
CA CYS D 429 14.07 57.00 -30.56
C CYS D 429 12.55 56.88 -30.48
N LYS D 430 11.91 56.69 -31.64
CA LYS D 430 10.45 56.72 -31.71
C LYS D 430 9.80 55.38 -31.41
N SER D 431 10.57 54.31 -31.24
CA SER D 431 10.01 52.97 -31.04
C SER D 431 9.82 52.59 -29.59
N LEU D 432 9.93 53.55 -28.66
CA LEU D 432 9.84 53.23 -27.24
C LEU D 432 8.43 52.77 -26.87
N ILE D 433 8.36 51.77 -26.00
CA ILE D 433 7.07 51.25 -25.54
C ILE D 433 7.00 51.33 -24.01
N ARG D 434 7.97 50.73 -23.34
CA ARG D 434 8.10 50.82 -21.89
C ARG D 434 9.44 51.45 -21.56
N VAL D 435 9.41 52.57 -20.85
CA VAL D 435 10.62 53.27 -20.43
C VAL D 435 10.57 53.41 -18.91
N ARG D 436 11.66 53.03 -18.25
CA ARG D 436 11.72 53.05 -16.79
C ARG D 436 13.05 53.64 -16.35
N PHE D 437 13.03 54.91 -15.97
CA PHE D 437 14.19 55.61 -15.44
C PHE D 437 14.18 55.72 -13.93
N LYS D 438 13.21 55.10 -13.26
CA LYS D 438 12.96 55.35 -11.85
C LYS D 438 14.19 55.09 -10.99
N GLY D 439 14.34 55.90 -9.95
CA GLY D 439 15.42 55.75 -8.99
C GLY D 439 16.81 55.93 -9.57
N ASN D 440 17.10 57.15 -10.03
CA ASN D 440 18.41 57.47 -10.57
C ASN D 440 18.68 58.95 -10.30
N SER D 441 19.71 59.49 -10.97
CA SER D 441 20.07 60.90 -10.86
C SER D 441 20.19 61.51 -12.23
N PHE D 442 19.30 61.13 -13.14
CA PHE D 442 19.26 61.74 -14.46
C PHE D 442 18.93 63.22 -14.35
N SER D 443 19.50 64.01 -15.26
CA SER D 443 19.42 65.46 -15.17
C SER D 443 19.19 66.03 -16.56
N GLY D 444 18.87 67.33 -16.59
CA GLY D 444 18.67 68.05 -17.82
C GLY D 444 17.28 68.66 -17.90
N ASP D 445 17.06 69.39 -18.98
CA ASP D 445 15.76 70.00 -19.22
C ASP D 445 14.80 68.93 -19.71
N ILE D 446 13.70 68.73 -18.97
CA ILE D 446 12.77 67.65 -19.28
C ILE D 446 12.18 67.84 -20.67
N SER D 447 11.95 69.08 -21.09
CA SER D 447 11.45 69.34 -22.42
C SER D 447 12.53 69.21 -23.49
N GLU D 448 13.80 69.31 -23.11
CA GLU D 448 14.90 69.09 -24.03
C GLU D 448 15.37 67.64 -24.05
N ALA D 449 14.98 66.85 -23.06
CA ALA D 449 15.50 65.49 -22.93
C ALA D 449 14.76 64.50 -23.82
N PHE D 450 13.44 64.61 -23.89
CA PHE D 450 12.60 63.64 -24.57
C PHE D 450 11.92 64.26 -25.78
N GLY D 451 11.83 63.48 -26.85
CA GLY D 451 11.09 63.89 -28.04
C GLY D 451 9.66 63.41 -28.04
N VAL D 452 9.15 63.02 -29.20
CA VAL D 452 7.82 62.46 -29.34
C VAL D 452 7.93 60.95 -29.50
N TYR D 453 6.97 60.21 -28.94
CA TYR D 453 6.97 58.76 -28.97
C TYR D 453 5.57 58.26 -29.28
N PRO D 454 5.26 58.02 -30.56
CA PRO D 454 3.90 57.60 -30.93
C PRO D 454 3.49 56.25 -30.37
N THR D 455 4.44 55.37 -30.04
CA THR D 455 4.12 54.05 -29.51
C THR D 455 4.40 53.94 -28.01
N LEU D 456 4.63 55.06 -27.33
CA LEU D 456 4.92 55.01 -25.90
C LEU D 456 3.69 54.59 -25.12
N ASN D 457 3.87 53.61 -24.23
CA ASN D 457 2.79 53.08 -23.40
C ASN D 457 2.98 53.39 -21.93
N PHE D 458 4.16 53.14 -21.38
CA PHE D 458 4.43 53.32 -19.95
C PHE D 458 5.77 54.00 -19.81
N ILE D 459 5.83 55.03 -18.97
CA ILE D 459 7.07 55.75 -18.70
C ILE D 459 7.09 56.15 -17.22
N ASP D 460 8.22 55.91 -16.56
CA ASP D 460 8.35 56.19 -15.13
C ASP D 460 9.71 56.85 -14.89
N LEU D 461 9.71 58.17 -14.75
CA LEU D 461 10.91 58.96 -14.53
C LEU D 461 11.08 59.38 -13.08
N SER D 462 10.36 58.72 -12.16
CA SER D 462 10.30 59.16 -10.79
C SER D 462 11.66 59.06 -10.10
N ASN D 463 11.83 59.89 -9.07
CA ASN D 463 13.05 59.93 -8.26
C ASN D 463 14.28 60.21 -9.13
N ASN D 464 14.26 61.38 -9.76
CA ASN D 464 15.34 61.81 -10.64
C ASN D 464 15.53 63.31 -10.45
N ASN D 465 16.38 63.90 -11.28
CA ASN D 465 16.76 65.30 -11.15
C ASN D 465 16.45 66.08 -12.44
N PHE D 466 15.29 65.80 -13.03
CA PHE D 466 14.85 66.55 -14.20
C PHE D 466 14.27 67.88 -13.77
N HIS D 467 14.77 68.96 -14.37
CA HIS D 467 14.25 70.30 -14.16
C HIS D 467 13.58 70.79 -15.43
N GLY D 468 12.95 71.95 -15.35
CA GLY D 468 12.27 72.53 -16.49
C GLY D 468 10.77 72.28 -16.44
N GLN D 469 10.12 72.66 -17.53
CA GLN D 469 8.68 72.54 -17.67
C GLN D 469 8.33 71.40 -18.63
N LEU D 470 7.14 70.85 -18.45
CA LEU D 470 6.69 69.75 -19.29
C LEU D 470 6.44 70.23 -20.71
N SER D 471 7.05 69.56 -21.68
CA SER D 471 6.80 69.86 -23.07
C SER D 471 5.42 69.36 -23.48
N ALA D 472 4.79 70.09 -24.40
CA ALA D 472 3.55 69.61 -24.99
C ALA D 472 3.76 68.46 -25.96
N ASN D 473 5.01 67.99 -26.10
CA ASN D 473 5.31 66.86 -26.97
C ASN D 473 4.61 65.59 -26.51
N TRP D 474 4.36 65.45 -25.21
CA TRP D 474 3.76 64.22 -24.69
C TRP D 474 2.38 63.96 -25.28
N GLU D 475 1.69 65.01 -25.73
CA GLU D 475 0.37 64.81 -26.33
C GLU D 475 0.43 63.92 -27.56
N GLN D 476 1.54 63.98 -28.30
CA GLN D 476 1.71 63.13 -29.47
C GLN D 476 1.87 61.65 -29.11
N SER D 477 2.15 61.35 -27.84
CA SER D 477 2.13 59.97 -27.35
C SER D 477 0.69 59.59 -27.00
N GLN D 478 -0.15 59.55 -28.04
CA GLN D 478 -1.59 59.39 -27.84
C GLN D 478 -1.96 58.03 -27.26
N LYS D 479 -1.05 57.06 -27.29
CA LYS D 479 -1.30 55.74 -26.72
C LYS D 479 -0.73 55.59 -25.32
N LEU D 480 -0.26 56.69 -24.72
CA LEU D 480 0.30 56.64 -23.37
C LEU D 480 -0.82 56.44 -22.35
N VAL D 481 -0.61 55.49 -21.44
CA VAL D 481 -1.58 55.21 -20.39
C VAL D 481 -1.04 55.49 -19.00
N ALA D 482 0.28 55.51 -18.81
CA ALA D 482 0.88 55.82 -17.52
C ALA D 482 2.01 56.84 -17.73
N PHE D 483 1.78 58.06 -17.23
CA PHE D 483 2.80 59.12 -17.22
C PHE D 483 3.14 59.39 -15.76
N ILE D 484 4.32 58.96 -15.32
CA ILE D 484 4.72 59.05 -13.92
C ILE D 484 6.07 59.76 -13.85
N LEU D 485 6.08 60.96 -13.27
CA LEU D 485 7.28 61.79 -13.26
C LEU D 485 7.45 62.41 -11.87
N SER D 486 7.32 61.61 -10.82
CA SER D 486 7.25 62.18 -9.48
C SER D 486 8.65 62.38 -8.88
N ASN D 487 8.70 63.19 -7.84
CA ASN D 487 9.93 63.57 -7.12
C ASN D 487 11.04 64.01 -8.07
N ASN D 488 10.74 65.07 -8.83
CA ASN D 488 11.73 65.72 -9.68
C ASN D 488 11.76 67.21 -9.38
N SER D 489 12.51 67.97 -10.18
CA SER D 489 12.57 69.43 -10.07
C SER D 489 11.76 70.10 -11.18
N ILE D 490 10.63 69.49 -11.57
CA ILE D 490 9.83 70.02 -12.66
C ILE D 490 9.16 71.31 -12.22
N THR D 491 9.37 72.37 -12.99
CA THR D 491 8.82 73.69 -12.75
C THR D 491 7.77 74.01 -13.80
N GLY D 492 7.25 75.23 -13.73
CA GLY D 492 6.29 75.69 -14.72
C GLY D 492 4.90 75.11 -14.48
N ALA D 493 4.06 75.24 -15.50
CA ALA D 493 2.68 74.80 -15.44
C ALA D 493 2.48 73.53 -16.28
N ILE D 494 1.32 72.91 -16.10
CA ILE D 494 0.94 71.72 -16.84
C ILE D 494 0.36 72.15 -18.18
N PRO D 495 0.96 71.76 -19.30
CA PRO D 495 0.43 72.15 -20.62
C PRO D 495 -1.01 71.72 -20.78
N PRO D 496 -1.87 72.58 -21.33
CA PRO D 496 -3.27 72.18 -21.54
C PRO D 496 -3.43 70.98 -22.45
N GLU D 497 -2.44 70.70 -23.30
CA GLU D 497 -2.52 69.56 -24.20
C GLU D 497 -2.49 68.23 -23.47
N ILE D 498 -1.97 68.20 -22.23
CA ILE D 498 -1.91 66.94 -21.49
C ILE D 498 -3.30 66.38 -21.26
N TRP D 499 -4.28 67.24 -21.02
CA TRP D 499 -5.64 66.79 -20.81
C TRP D 499 -6.26 66.22 -22.08
N ASN D 500 -5.77 66.62 -23.25
CA ASN D 500 -6.20 65.99 -24.49
C ASN D 500 -5.55 64.63 -24.73
N MET D 501 -4.78 64.13 -23.77
CA MET D 501 -4.27 62.74 -23.80
C MET D 501 -5.31 61.82 -23.17
N THR D 502 -6.38 61.60 -23.94
CA THR D 502 -7.57 60.93 -23.41
C THR D 502 -7.30 59.50 -22.92
N GLN D 503 -6.27 58.85 -23.46
CA GLN D 503 -6.00 57.46 -23.11
C GLN D 503 -5.26 57.30 -21.78
N LEU D 504 -4.98 58.39 -21.08
CA LEU D 504 -4.29 58.31 -19.81
C LEU D 504 -5.16 57.61 -18.76
N SER D 505 -4.58 56.63 -18.06
CA SER D 505 -5.26 56.00 -16.96
C SER D 505 -4.59 56.24 -15.61
N GLN D 506 -3.29 56.53 -15.61
CA GLN D 506 -2.58 56.91 -14.38
C GLN D 506 -1.66 58.07 -14.69
N LEU D 507 -1.83 59.18 -13.98
CA LEU D 507 -0.97 60.35 -14.10
C LEU D 507 -0.41 60.69 -12.73
N ASP D 508 0.90 60.84 -12.64
CA ASP D 508 1.58 61.09 -11.37
C ASP D 508 2.67 62.13 -11.60
N LEU D 509 2.37 63.39 -11.28
CA LEU D 509 3.34 64.47 -11.30
C LEU D 509 3.63 64.99 -9.89
N SER D 510 3.50 64.11 -8.91
CA SER D 510 3.59 64.50 -7.51
C SER D 510 5.02 64.87 -7.13
N SER D 511 5.14 65.60 -6.02
CA SER D 511 6.44 65.97 -5.43
C SER D 511 7.29 66.78 -6.42
N ASN D 512 6.68 67.81 -6.99
CA ASN D 512 7.38 68.73 -7.89
C ASN D 512 7.11 70.17 -7.50
N ARG D 513 7.56 71.11 -8.31
CA ARG D 513 7.29 72.52 -8.12
C ARG D 513 6.47 73.07 -9.29
N ILE D 514 5.49 72.29 -9.74
CA ILE D 514 4.63 72.70 -10.84
C ILE D 514 3.61 73.70 -10.33
N THR D 515 3.47 74.80 -11.05
CA THR D 515 2.59 75.91 -10.68
C THR D 515 1.42 75.98 -11.65
N GLY D 516 0.57 76.98 -11.46
CA GLY D 516 -0.63 77.14 -12.26
C GLY D 516 -1.84 76.54 -11.59
N GLU D 517 -2.94 76.51 -12.34
CA GLU D 517 -4.20 75.98 -11.84
C GLU D 517 -4.77 74.97 -12.83
N LEU D 518 -5.52 74.01 -12.29
CA LEU D 518 -6.09 72.96 -13.10
C LEU D 518 -7.30 73.48 -13.86
N PRO D 519 -7.39 73.25 -15.17
CA PRO D 519 -8.52 73.77 -15.94
C PRO D 519 -9.74 72.87 -15.81
N GLU D 520 -10.89 73.44 -16.18
CA GLU D 520 -12.10 72.64 -16.33
C GLU D 520 -12.01 71.66 -17.49
N SER D 521 -11.01 71.83 -18.36
CA SER D 521 -10.72 70.87 -19.42
C SER D 521 -10.13 69.56 -18.88
N ILE D 522 -9.78 69.50 -17.60
CA ILE D 522 -9.30 68.27 -16.99
C ILE D 522 -10.30 67.13 -17.14
N SER D 523 -11.55 67.45 -17.46
CA SER D 523 -12.57 66.41 -17.69
C SER D 523 -12.22 65.48 -18.84
N ASN D 524 -11.35 65.91 -19.75
CA ASN D 524 -11.07 65.19 -21.00
C ASN D 524 -10.28 63.89 -20.81
N ILE D 525 -9.96 63.50 -19.58
CA ILE D 525 -9.13 62.32 -19.33
C ILE D 525 -9.93 61.27 -18.58
N ASN D 526 -11.24 61.21 -18.84
CA ASN D 526 -12.18 60.45 -18.02
C ASN D 526 -11.74 59.01 -17.77
N ARG D 527 -10.84 58.47 -18.60
CA ARG D 527 -10.27 57.15 -18.35
C ARG D 527 -9.29 57.14 -17.18
N ILE D 528 -9.03 58.28 -16.55
CA ILE D 528 -8.07 58.34 -15.45
C ILE D 528 -8.59 57.52 -14.26
N SER D 529 -7.66 56.84 -13.57
CA SER D 529 -8.04 56.06 -12.39
C SER D 529 -7.16 56.40 -11.19
N LYS D 530 -5.94 56.86 -11.43
CA LYS D 530 -5.06 57.37 -10.37
C LYS D 530 -4.55 58.74 -10.80
N LEU D 531 -4.91 59.76 -10.04
CA LEU D 531 -4.54 61.14 -10.34
C LEU D 531 -3.76 61.68 -9.16
N GLN D 532 -2.44 61.79 -9.32
CA GLN D 532 -1.55 62.24 -8.25
C GLN D 532 -0.84 63.51 -8.69
N LEU D 533 -1.38 64.66 -8.26
CA LEU D 533 -0.74 65.97 -8.46
C LEU D 533 -0.31 66.59 -7.13
N ASN D 534 -0.23 65.79 -6.08
CA ASN D 534 0.06 66.28 -4.74
C ASN D 534 1.51 66.75 -4.64
N GLY D 535 1.77 67.57 -3.62
CA GLY D 535 3.11 68.07 -3.38
C GLY D 535 3.59 68.99 -4.48
N ASN D 536 2.83 70.04 -4.76
CA ASN D 536 3.15 70.97 -5.83
C ASN D 536 2.71 72.37 -5.41
N ARG D 537 2.79 73.31 -6.35
CA ARG D 537 2.34 74.69 -6.13
C ARG D 537 1.11 75.03 -6.97
N LEU D 538 0.25 74.04 -7.21
CA LEU D 538 -0.98 74.30 -7.96
C LEU D 538 -1.93 75.16 -7.15
N SER D 539 -2.51 76.16 -7.83
CA SER D 539 -3.30 77.19 -7.16
C SER D 539 -4.67 77.29 -7.81
N GLY D 540 -5.45 78.29 -7.43
CA GLY D 540 -6.79 78.46 -7.96
C GLY D 540 -7.74 77.44 -7.38
N LYS D 541 -8.97 77.45 -7.90
CA LYS D 541 -9.98 76.53 -7.43
C LYS D 541 -9.82 75.16 -8.09
N ILE D 542 -10.31 74.13 -7.40
CA ILE D 542 -10.35 72.78 -7.95
C ILE D 542 -11.44 72.74 -9.01
N PRO D 543 -11.12 72.36 -10.24
CA PRO D 543 -12.13 72.42 -11.32
C PRO D 543 -13.29 71.48 -11.06
N SER D 544 -14.50 71.98 -11.31
CA SER D 544 -15.69 71.15 -11.17
C SER D 544 -15.74 70.03 -12.19
N GLY D 545 -14.90 70.08 -13.23
CA GLY D 545 -14.84 69.01 -14.22
C GLY D 545 -14.27 67.70 -13.70
N ILE D 546 -13.69 67.70 -12.50
CA ILE D 546 -13.24 66.45 -11.89
C ILE D 546 -14.42 65.53 -11.58
N ARG D 547 -15.62 66.09 -11.44
CA ARG D 547 -16.81 65.26 -11.21
C ARG D 547 -17.00 64.22 -12.31
N LEU D 548 -16.55 64.52 -13.52
CA LEU D 548 -16.76 63.65 -14.67
C LEU D 548 -15.66 62.59 -14.82
N LEU D 549 -14.70 62.55 -13.90
CA LEU D 549 -13.68 61.50 -13.91
C LEU D 549 -14.18 60.33 -13.06
N THR D 550 -15.19 59.64 -13.58
CA THR D 550 -15.90 58.63 -12.78
C THR D 550 -15.04 57.40 -12.53
N ASN D 551 -14.09 57.10 -13.42
CA ASN D 551 -13.22 55.95 -13.23
C ASN D 551 -12.14 56.20 -12.18
N LEU D 552 -12.13 57.37 -11.55
CA LEU D 552 -11.13 57.69 -10.54
C LEU D 552 -11.23 56.73 -9.36
N GLU D 553 -10.11 56.11 -9.00
CA GLU D 553 -9.99 55.30 -7.80
C GLU D 553 -9.18 55.94 -6.70
N TYR D 554 -8.16 56.72 -7.06
CA TYR D 554 -7.21 57.28 -6.11
C TYR D 554 -6.93 58.72 -6.52
N LEU D 555 -7.33 59.67 -5.67
CA LEU D 555 -7.17 61.09 -5.96
C LEU D 555 -6.32 61.73 -4.87
N ASP D 556 -5.24 62.39 -5.26
CA ASP D 556 -4.32 63.04 -4.32
C ASP D 556 -3.99 64.42 -4.87
N LEU D 557 -4.65 65.44 -4.32
CA LEU D 557 -4.41 66.83 -4.69
C LEU D 557 -3.84 67.63 -3.52
N SER D 558 -3.33 66.94 -2.51
CA SER D 558 -2.94 67.58 -1.25
C SER D 558 -1.55 68.20 -1.37
N SER D 559 -1.14 68.89 -0.31
CA SER D 559 0.13 69.63 -0.29
C SER D 559 0.27 70.52 -1.52
N ASN D 560 -0.66 71.47 -1.64
CA ASN D 560 -0.78 72.31 -2.80
C ASN D 560 -1.31 73.67 -2.33
N ARG D 561 -1.75 74.49 -3.29
CA ARG D 561 -2.21 75.84 -2.99
C ARG D 561 -3.63 76.09 -3.49
N PHE D 562 -4.43 75.02 -3.63
CA PHE D 562 -5.83 75.18 -3.97
C PHE D 562 -6.52 76.03 -2.90
N SER D 563 -7.33 77.00 -3.34
CA SER D 563 -7.69 78.12 -2.47
C SER D 563 -9.19 78.37 -2.31
N PHE D 564 -10.04 77.96 -3.23
CA PHE D 564 -11.45 78.27 -3.13
C PHE D 564 -12.24 77.05 -2.65
N GLU D 565 -13.56 77.20 -2.59
CA GLU D 565 -14.41 76.20 -1.97
C GLU D 565 -14.45 74.90 -2.77
N ILE D 566 -14.60 73.79 -2.05
CA ILE D 566 -14.66 72.46 -2.67
C ILE D 566 -15.83 72.39 -3.64
N PRO D 567 -15.67 71.86 -4.84
CA PRO D 567 -16.78 71.78 -5.80
C PRO D 567 -17.94 71.00 -5.22
N PRO D 568 -19.12 71.61 -5.11
CA PRO D 568 -20.28 70.89 -4.55
C PRO D 568 -20.84 69.82 -5.48
N THR D 569 -20.35 69.74 -6.71
CA THR D 569 -20.83 68.75 -7.68
C THR D 569 -20.01 67.47 -7.68
N LEU D 570 -19.06 67.33 -6.74
CA LEU D 570 -18.21 66.14 -6.67
C LEU D 570 -18.95 65.06 -5.88
N ASN D 571 -19.92 64.42 -6.54
CA ASN D 571 -20.72 63.40 -5.90
C ASN D 571 -20.98 62.18 -6.78
N ASN D 572 -20.14 61.93 -7.79
CA ASN D 572 -20.41 60.88 -8.78
C ASN D 572 -19.15 60.07 -9.08
N LEU D 573 -18.42 59.69 -8.04
CA LEU D 573 -17.22 58.88 -8.24
C LEU D 573 -17.44 57.48 -7.67
N PRO D 574 -18.10 56.58 -8.41
CA PRO D 574 -18.51 55.29 -7.84
C PRO D 574 -17.36 54.33 -7.54
N ARG D 575 -16.11 54.69 -7.86
CA ARG D 575 -14.98 53.83 -7.58
C ARG D 575 -13.94 54.48 -6.68
N LEU D 576 -14.15 55.73 -6.28
CA LEU D 576 -13.15 56.46 -5.50
C LEU D 576 -13.11 55.92 -4.07
N TYR D 577 -11.93 55.44 -3.66
CA TYR D 577 -11.72 55.01 -2.29
C TYR D 577 -10.65 55.83 -1.56
N TYR D 578 -10.07 56.84 -2.21
CA TYR D 578 -9.04 57.66 -1.60
C TYR D 578 -9.23 59.11 -2.03
N MET D 579 -9.02 60.02 -1.08
CA MET D 579 -9.08 61.46 -1.37
C MET D 579 -8.24 62.20 -0.34
N ASN D 580 -7.10 62.73 -0.77
CA ASN D 580 -6.23 63.55 0.07
C ASN D 580 -6.29 64.97 -0.48
N LEU D 581 -6.87 65.89 0.31
CA LEU D 581 -6.96 67.29 -0.07
C LEU D 581 -6.27 68.19 0.96
N SER D 582 -5.39 67.63 1.78
CA SER D 582 -4.84 68.35 2.92
C SER D 582 -3.73 69.31 2.48
N ARG D 583 -3.35 70.20 3.39
CA ARG D 583 -2.24 71.14 3.18
C ARG D 583 -2.50 72.03 1.96
N ASN D 584 -3.59 72.78 2.05
CA ASN D 584 -4.08 73.61 0.97
C ASN D 584 -4.76 74.83 1.60
N ASP D 585 -5.52 75.58 0.79
CA ASP D 585 -6.16 76.79 1.26
C ASP D 585 -7.66 76.80 0.98
N LEU D 586 -8.29 75.62 0.90
CA LEU D 586 -9.72 75.59 0.61
C LEU D 586 -10.50 76.10 1.82
N ASP D 587 -11.53 76.89 1.55
CA ASP D 587 -12.31 77.57 2.57
C ASP D 587 -13.77 77.16 2.48
N GLN D 588 -14.58 77.78 3.33
CA GLN D 588 -16.02 77.56 3.41
C GLN D 588 -16.35 76.14 3.86
N THR D 589 -17.60 75.73 3.69
CA THR D 589 -18.10 74.51 4.30
C THR D 589 -17.88 73.29 3.40
N ILE D 590 -17.69 72.15 4.04
CA ILE D 590 -17.58 70.88 3.31
C ILE D 590 -18.89 70.61 2.57
N PRO D 591 -18.87 70.35 1.27
CA PRO D 591 -20.11 70.18 0.53
C PRO D 591 -20.83 68.90 0.91
N GLU D 592 -22.17 68.96 0.86
CA GLU D 592 -23.00 67.81 1.17
C GLU D 592 -22.81 66.69 0.15
N GLY D 593 -22.36 67.01 -1.06
CA GLY D 593 -22.22 66.00 -2.10
C GLY D 593 -21.11 65.00 -1.84
N LEU D 594 -20.17 65.32 -0.96
CA LEU D 594 -19.13 64.36 -0.61
C LEU D 594 -19.69 63.15 0.10
N THR D 595 -20.81 63.32 0.83
CA THR D 595 -21.44 62.21 1.52
C THR D 595 -22.05 61.19 0.56
N LYS D 596 -22.13 61.51 -0.73
CA LYS D 596 -22.61 60.56 -1.73
C LYS D 596 -21.50 59.70 -2.33
N LEU D 597 -20.25 59.90 -1.91
CA LEU D 597 -19.13 59.06 -2.34
C LEU D 597 -19.14 57.79 -1.50
N SER D 598 -19.87 56.78 -1.98
CA SER D 598 -20.15 55.60 -1.18
C SER D 598 -18.88 54.78 -0.91
N GLN D 599 -18.00 54.66 -1.89
CA GLN D 599 -16.87 53.76 -1.82
C GLN D 599 -15.65 54.37 -1.16
N LEU D 600 -15.78 55.56 -0.59
CA LEU D 600 -14.64 56.22 0.04
C LEU D 600 -14.13 55.40 1.22
N GLN D 601 -12.81 55.21 1.26
CA GLN D 601 -12.14 54.54 2.37
C GLN D 601 -11.26 55.48 3.19
N MET D 602 -10.55 56.39 2.54
CA MET D 602 -9.71 57.36 3.23
C MET D 602 -10.04 58.75 2.70
N LEU D 603 -10.15 59.72 3.61
CA LEU D 603 -10.58 61.06 3.26
C LEU D 603 -9.87 62.03 4.19
N ASP D 604 -8.87 62.73 3.66
CA ASP D 604 -8.10 63.70 4.44
C ASP D 604 -8.41 65.10 3.92
N LEU D 605 -8.99 65.93 4.78
CA LEU D 605 -9.24 67.34 4.49
C LEU D 605 -8.51 68.27 5.45
N SER D 606 -7.42 67.79 6.05
CA SER D 606 -6.75 68.52 7.11
C SER D 606 -5.97 69.71 6.57
N TYR D 607 -5.54 70.58 7.48
CA TYR D 607 -4.66 71.71 7.15
C TYR D 607 -5.26 72.58 6.06
N ASN D 608 -6.43 73.14 6.39
CA ASN D 608 -7.19 73.93 5.42
C ASN D 608 -7.88 75.07 6.17
N GLN D 609 -8.79 75.75 5.47
CA GLN D 609 -9.54 76.87 6.05
C GLN D 609 -11.04 76.60 6.02
N LEU D 610 -11.44 75.34 6.16
CA LEU D 610 -12.85 74.98 6.14
C LEU D 610 -13.50 75.38 7.46
N ASP D 611 -14.66 76.02 7.36
CA ASP D 611 -15.45 76.39 8.52
C ASP D 611 -16.84 75.76 8.41
N GLY D 612 -17.70 76.07 9.37
CA GLY D 612 -19.01 75.45 9.43
C GLY D 612 -19.00 74.17 10.22
N GLU D 613 -20.14 73.50 10.22
CA GLU D 613 -20.37 72.32 11.05
C GLU D 613 -20.16 71.05 10.24
N ILE D 614 -19.64 70.02 10.91
CA ILE D 614 -19.44 68.73 10.27
C ILE D 614 -20.81 68.11 10.01
N SER D 615 -21.13 67.90 8.73
CA SER D 615 -22.44 67.38 8.36
C SER D 615 -22.66 66.01 8.97
N SER D 616 -23.84 65.81 9.56
CA SER D 616 -24.22 64.50 10.06
C SER D 616 -24.52 63.52 8.93
N GLN D 617 -24.65 64.01 7.70
CA GLN D 617 -24.86 63.14 6.55
C GLN D 617 -23.64 62.29 6.23
N PHE D 618 -22.51 62.50 6.91
CA PHE D 618 -21.34 61.64 6.76
C PHE D 618 -21.64 60.19 7.10
N ARG D 619 -22.78 59.92 7.74
CA ARG D 619 -23.19 58.56 8.07
C ARG D 619 -23.33 57.68 6.83
N SER D 620 -23.49 58.29 5.65
CA SER D 620 -23.70 57.52 4.43
C SER D 620 -22.44 56.78 3.97
N LEU D 621 -21.25 57.25 4.36
CA LEU D 621 -19.99 56.67 3.91
C LEU D 621 -19.76 55.38 4.68
N GLN D 622 -20.31 54.27 4.14
CA GLN D 622 -20.31 53.00 4.84
C GLN D 622 -18.93 52.34 4.87
N ASN D 623 -18.02 52.73 3.99
CA ASN D 623 -16.71 52.10 3.87
C ASN D 623 -15.58 52.93 4.46
N LEU D 624 -15.88 54.12 4.99
CA LEU D 624 -14.83 55.00 5.49
C LEU D 624 -14.10 54.36 6.66
N GLU D 625 -12.77 54.30 6.55
CA GLU D 625 -11.92 53.78 7.61
C GLU D 625 -11.05 54.84 8.26
N ARG D 626 -10.61 55.86 7.51
CA ARG D 626 -9.73 56.89 8.04
C ARG D 626 -10.31 58.26 7.70
N LEU D 627 -10.36 59.14 8.70
CA LEU D 627 -10.92 60.47 8.54
C LEU D 627 -10.05 61.46 9.29
N ASP D 628 -9.65 62.54 8.60
CA ASP D 628 -8.84 63.59 9.20
C ASP D 628 -9.44 64.94 8.82
N LEU D 629 -10.02 65.62 9.81
CA LEU D 629 -10.60 66.95 9.63
C LEU D 629 -9.85 68.01 10.45
N SER D 630 -8.59 67.74 10.79
CA SER D 630 -7.85 68.59 11.71
C SER D 630 -7.43 69.90 11.04
N HIS D 631 -7.05 70.87 11.88
CA HIS D 631 -6.50 72.15 11.43
C HIS D 631 -7.47 72.89 10.50
N ASN D 632 -8.63 73.23 11.05
CA ASN D 632 -9.66 73.96 10.32
C ASN D 632 -10.42 74.85 11.30
N ASN D 633 -11.47 75.52 10.81
CA ASN D 633 -12.31 76.39 11.62
C ASN D 633 -13.71 75.83 11.79
N LEU D 634 -13.82 74.51 11.86
CA LEU D 634 -15.12 73.87 12.04
C LEU D 634 -15.69 74.16 13.42
N SER D 635 -16.97 74.50 13.46
CA SER D 635 -17.67 74.78 14.71
C SER D 635 -18.82 73.79 14.87
N GLY D 636 -19.58 73.97 15.95
CA GLY D 636 -20.66 73.05 16.26
C GLY D 636 -20.14 71.80 16.96
N GLN D 637 -21.08 70.90 17.25
CA GLN D 637 -20.75 69.65 17.91
C GLN D 637 -20.54 68.54 16.90
N ILE D 638 -19.64 67.63 17.22
CA ILE D 638 -19.40 66.46 16.38
C ILE D 638 -20.72 65.69 16.29
N PRO D 639 -21.24 65.43 15.11
CA PRO D 639 -22.58 64.83 14.98
C PRO D 639 -22.68 63.52 15.73
N PRO D 640 -23.62 63.41 16.67
CA PRO D 640 -23.79 62.15 17.41
C PRO D 640 -24.14 60.96 16.54
N SER D 641 -24.45 61.17 15.26
CA SER D 641 -24.73 60.06 14.35
C SER D 641 -23.48 59.24 14.02
N PHE D 642 -22.33 59.57 14.58
CA PHE D 642 -21.09 58.87 14.29
C PHE D 642 -20.88 57.62 15.13
N LYS D 643 -21.79 57.32 16.07
CA LYS D 643 -21.69 56.06 16.79
C LYS D 643 -21.81 54.86 15.85
N ASP D 644 -22.47 55.05 14.70
CA ASP D 644 -22.79 53.96 13.79
C ASP D 644 -21.68 53.69 12.76
N MET D 645 -20.51 54.28 12.93
CA MET D 645 -19.41 54.09 11.98
C MET D 645 -18.58 52.90 12.45
N LEU D 646 -18.95 51.71 11.97
CA LEU D 646 -18.25 50.49 12.35
C LEU D 646 -16.92 50.34 11.65
N ALA D 647 -16.81 50.82 10.41
CA ALA D 647 -15.57 50.70 9.65
C ALA D 647 -14.49 51.66 10.13
N LEU D 648 -14.88 52.77 10.75
CA LEU D 648 -13.95 53.84 11.04
C LEU D 648 -12.95 53.40 12.10
N THR D 649 -11.67 53.70 11.87
CA THR D 649 -10.60 53.32 12.78
C THR D 649 -9.73 54.48 13.26
N HIS D 650 -9.54 55.52 12.46
CA HIS D 650 -8.69 56.64 12.83
C HIS D 650 -9.47 57.94 12.69
N VAL D 651 -9.42 58.78 13.73
CA VAL D 651 -10.04 60.09 13.72
C VAL D 651 -8.99 61.10 14.14
N ASP D 652 -9.00 62.27 13.50
CA ASP D 652 -8.24 63.42 13.95
C ASP D 652 -9.05 64.67 13.69
N VAL D 653 -9.53 65.30 14.75
CA VAL D 653 -10.29 66.55 14.66
C VAL D 653 -9.62 67.64 15.49
N SER D 654 -8.34 67.46 15.81
CA SER D 654 -7.61 68.40 16.64
C SER D 654 -7.49 69.75 15.95
N HIS D 655 -7.24 70.78 16.77
CA HIS D 655 -6.99 72.15 16.29
C HIS D 655 -8.17 72.66 15.47
N ASN D 656 -9.32 72.76 16.13
CA ASN D 656 -10.56 73.18 15.50
C ASN D 656 -11.33 74.05 16.49
N ASN D 657 -12.61 74.31 16.19
CA ASN D 657 -13.45 75.17 17.01
C ASN D 657 -14.75 74.46 17.37
N LEU D 658 -14.65 73.17 17.71
CA LEU D 658 -15.82 72.36 17.98
C LEU D 658 -16.17 72.38 19.48
N GLN D 659 -17.27 71.72 19.81
CA GLN D 659 -17.74 71.63 21.19
C GLN D 659 -18.55 70.35 21.34
N GLY D 660 -18.82 69.99 22.60
CA GLY D 660 -19.72 68.91 22.89
C GLY D 660 -19.04 67.58 23.16
N PRO D 661 -19.81 66.60 23.65
CA PRO D 661 -19.24 65.28 23.91
C PRO D 661 -18.91 64.54 22.64
N ILE D 662 -17.79 63.83 22.64
CA ILE D 662 -17.31 63.08 21.48
C ILE D 662 -18.24 61.90 21.21
N PRO D 663 -18.43 61.50 19.95
CA PRO D 663 -19.21 60.31 19.66
C PRO D 663 -18.50 59.05 20.16
N ASP D 664 -19.31 58.02 20.40
CA ASP D 664 -18.83 56.77 20.98
C ASP D 664 -18.70 55.72 19.87
N ASN D 665 -17.47 55.48 19.44
CA ASN D 665 -17.17 54.36 18.55
C ASN D 665 -15.76 53.87 18.89
N ALA D 666 -15.34 52.80 18.20
CA ALA D 666 -14.04 52.21 18.48
C ALA D 666 -12.91 53.20 18.21
N ALA D 667 -13.06 54.04 17.19
CA ALA D 667 -11.99 54.97 16.83
C ALA D 667 -11.87 56.09 17.85
N PHE D 668 -13.00 56.67 18.25
CA PHE D 668 -12.95 57.76 19.24
C PHE D 668 -12.50 57.25 20.61
N ARG D 669 -12.86 56.01 20.96
CA ARG D 669 -12.42 55.44 22.22
C ARG D 669 -10.90 55.30 22.28
N ASN D 670 -10.32 54.69 21.25
CA ASN D 670 -8.88 54.47 21.18
C ASN D 670 -8.12 55.68 20.67
N ALA D 671 -8.79 56.78 20.40
CA ALA D 671 -8.10 57.96 19.88
C ALA D 671 -7.18 58.54 20.95
N PRO D 672 -5.94 58.86 20.61
CA PRO D 672 -5.01 59.45 21.59
C PRO D 672 -5.45 60.86 21.96
N PRO D 673 -4.94 61.40 23.08
CA PRO D 673 -5.38 62.74 23.52
C PRO D 673 -5.09 63.85 22.52
N ASP D 674 -4.07 63.70 21.68
CA ASP D 674 -3.75 64.76 20.73
C ASP D 674 -4.74 64.82 19.57
N ALA D 675 -5.52 63.77 19.35
CA ALA D 675 -6.51 63.75 18.29
C ALA D 675 -7.72 64.64 18.58
N PHE D 676 -7.72 65.36 19.71
CA PHE D 676 -8.80 66.27 20.06
C PHE D 676 -8.27 67.62 20.52
N GLU D 677 -7.01 67.91 20.25
CA GLU D 677 -6.36 69.11 20.78
C GLU D 677 -6.99 70.38 20.20
N GLY D 678 -6.79 71.48 20.92
CA GLY D 678 -7.07 72.80 20.41
C GLY D 678 -8.47 73.06 19.90
N ASN D 679 -9.48 72.61 20.63
CA ASN D 679 -10.87 72.91 20.31
C ASN D 679 -11.44 73.85 21.37
N LYS D 680 -12.71 74.21 21.22
CA LYS D 680 -13.28 75.23 22.10
C LYS D 680 -13.70 74.63 23.44
N ASP D 681 -14.66 73.70 23.43
CA ASP D 681 -15.03 73.00 24.66
C ASP D 681 -15.54 71.61 24.28
N LEU D 682 -14.67 70.62 24.34
CA LEU D 682 -15.07 69.25 24.04
C LEU D 682 -15.45 68.52 25.33
N CYS D 683 -15.70 67.21 25.22
CA CYS D 683 -16.06 66.37 26.35
C CYS D 683 -17.28 66.91 27.10
N ASN E 26 5.68 37.08 -11.55
CA ASN E 26 5.99 36.20 -10.43
C ASN E 26 4.75 35.38 -10.05
N ALA E 27 4.80 34.79 -8.84
CA ALA E 27 3.68 33.96 -8.38
C ALA E 27 2.39 34.76 -8.32
N GLU E 28 2.42 35.93 -7.68
CA GLU E 28 1.22 36.76 -7.58
C GLU E 28 0.74 37.21 -8.95
N GLY E 29 1.66 37.56 -9.84
CA GLY E 29 1.27 38.02 -11.16
C GLY E 29 0.61 36.93 -11.99
N ASP E 30 1.13 35.70 -11.89
CA ASP E 30 0.52 34.58 -12.60
C ASP E 30 -0.86 34.26 -12.04
N ALA E 31 -1.02 34.38 -10.72
CA ALA E 31 -2.33 34.12 -10.11
C ALA E 31 -3.38 35.10 -10.63
N LEU E 32 -3.07 36.40 -10.60
CA LEU E 32 -4.00 37.39 -11.13
C LEU E 32 -4.20 37.23 -12.64
N SER E 33 -3.20 36.71 -13.35
CA SER E 33 -3.36 36.46 -14.78
C SER E 33 -4.35 35.32 -15.02
N ALA E 34 -4.42 34.35 -14.10
CA ALA E 34 -5.40 33.28 -14.24
C ALA E 34 -6.82 33.82 -14.17
N LEU E 35 -7.08 34.75 -13.24
CA LEU E 35 -8.39 35.38 -13.16
C LEU E 35 -8.69 36.19 -14.43
N LYS E 36 -7.68 36.89 -14.95
CA LYS E 36 -7.86 37.68 -16.15
C LYS E 36 -8.34 36.84 -17.34
N ASN E 37 -7.95 35.57 -17.39
CA ASN E 37 -8.35 34.71 -18.49
C ASN E 37 -9.72 34.08 -18.28
N SER E 38 -10.19 33.98 -17.02
CA SER E 38 -11.48 33.38 -16.74
C SER E 38 -12.62 34.41 -16.72
N LEU E 39 -12.31 35.69 -16.88
CA LEU E 39 -13.31 36.74 -16.92
C LEU E 39 -13.38 37.34 -18.32
N ALA E 40 -14.61 37.56 -18.80
CA ALA E 40 -14.83 38.33 -20.01
C ALA E 40 -14.81 39.81 -19.66
N ASP E 41 -14.03 40.59 -20.38
CA ASP E 41 -13.76 41.99 -20.06
C ASP E 41 -14.19 42.85 -21.25
N PRO E 42 -15.48 43.18 -21.35
CA PRO E 42 -15.93 43.99 -22.49
C PRO E 42 -15.44 45.43 -22.44
N ASN E 43 -15.17 45.96 -21.25
CA ASN E 43 -14.73 47.34 -21.09
C ASN E 43 -13.22 47.47 -21.07
N LYS E 44 -12.48 46.37 -21.30
CA LYS E 44 -11.02 46.37 -21.35
C LYS E 44 -10.42 46.92 -20.05
N VAL E 45 -11.04 46.59 -18.92
CA VAL E 45 -10.54 47.03 -17.63
C VAL E 45 -9.21 46.36 -17.33
N LEU E 46 -9.10 45.06 -17.58
CA LEU E 46 -7.89 44.28 -17.32
C LEU E 46 -6.83 44.47 -18.39
N GLN E 47 -6.99 45.46 -19.27
CA GLN E 47 -6.04 45.69 -20.37
C GLN E 47 -4.62 45.83 -19.85
N SER E 48 -4.44 46.56 -18.75
CA SER E 48 -3.10 46.85 -18.23
C SER E 48 -2.39 45.62 -17.70
N TRP E 49 -3.10 44.52 -17.48
CA TRP E 49 -2.55 43.35 -16.79
C TRP E 49 -1.64 42.58 -17.76
N ASP E 50 -0.37 42.99 -17.81
CA ASP E 50 0.61 42.40 -18.71
C ASP E 50 1.31 41.25 -17.98
N ALA E 51 1.05 40.02 -18.42
CA ALA E 51 1.58 38.86 -17.73
C ALA E 51 3.11 38.80 -17.77
N THR E 52 3.72 39.43 -18.78
CA THR E 52 5.17 39.33 -18.98
C THR E 52 5.97 40.28 -18.10
N LEU E 53 5.35 40.87 -17.09
CA LEU E 53 6.08 41.70 -16.12
C LEU E 53 6.51 40.86 -14.92
N VAL E 54 7.57 41.32 -14.25
CA VAL E 54 8.08 40.62 -13.08
C VAL E 54 6.98 40.48 -12.03
N THR E 55 6.43 41.60 -11.58
CA THR E 55 5.34 41.63 -10.63
C THR E 55 4.17 42.40 -11.23
N PRO E 56 2.95 42.17 -10.74
CA PRO E 56 1.79 42.91 -11.24
C PRO E 56 1.60 44.28 -10.62
N CYS E 57 2.62 44.79 -9.93
CA CYS E 57 2.47 46.03 -9.15
C CYS E 57 2.28 47.26 -10.03
N THR E 58 2.74 47.23 -11.27
CA THR E 58 2.56 48.34 -12.19
C THR E 58 1.26 48.24 -12.97
N TRP E 59 0.41 47.26 -12.65
CA TRP E 59 -0.88 47.14 -13.28
C TRP E 59 -1.85 48.15 -12.68
N PHE E 60 -2.88 48.49 -13.45
CA PHE E 60 -3.93 49.34 -12.92
C PHE E 60 -4.93 48.51 -12.13
N HIS E 61 -5.59 49.15 -11.16
CA HIS E 61 -6.52 48.55 -10.22
C HIS E 61 -5.83 47.60 -9.25
N VAL E 62 -4.51 47.45 -9.34
CA VAL E 62 -3.72 46.62 -8.44
C VAL E 62 -2.73 47.53 -7.71
N THR E 63 -2.70 47.42 -6.38
CA THR E 63 -1.75 48.17 -5.56
C THR E 63 -0.92 47.20 -4.73
N CYS E 64 0.37 47.49 -4.63
CA CYS E 64 1.32 46.67 -3.88
C CYS E 64 1.84 47.43 -2.66
N ASN E 65 2.45 46.69 -1.75
CA ASN E 65 3.12 47.28 -0.60
C ASN E 65 4.59 47.50 -0.96
N SER E 66 5.39 47.93 0.03
CA SER E 66 6.80 48.23 -0.22
C SER E 66 7.60 46.99 -0.60
N ASP E 67 7.06 45.79 -0.37
CA ASP E 67 7.71 44.55 -0.75
C ASP E 67 7.27 44.05 -2.13
N ASN E 68 6.43 44.81 -2.83
CA ASN E 68 5.86 44.43 -4.12
C ASN E 68 4.95 43.21 -4.01
N SER E 69 4.28 43.06 -2.87
CA SER E 69 3.24 42.07 -2.69
C SER E 69 1.88 42.73 -2.89
N VAL E 70 0.99 42.03 -3.61
CA VAL E 70 -0.32 42.58 -3.91
C VAL E 70 -1.13 42.69 -2.62
N THR E 71 -1.67 43.87 -2.36
CA THR E 71 -2.49 44.13 -1.18
C THR E 71 -3.89 44.60 -1.51
N ARG E 72 -4.17 45.00 -2.75
CA ARG E 72 -5.49 45.49 -3.14
C ARG E 72 -5.80 45.05 -4.55
N VAL E 73 -7.07 44.73 -4.80
CA VAL E 73 -7.61 44.49 -6.13
C VAL E 73 -8.93 45.25 -6.18
N ASP E 74 -8.93 46.43 -6.79
CA ASP E 74 -10.09 47.32 -6.83
C ASP E 74 -10.75 47.19 -8.20
N LEU E 75 -11.63 46.20 -8.33
CA LEU E 75 -12.31 45.93 -9.58
C LEU E 75 -13.83 46.10 -9.45
N GLY E 76 -14.27 47.03 -8.61
CA GLY E 76 -15.69 47.27 -8.46
C GLY E 76 -16.27 48.01 -9.67
N ASN E 77 -17.50 47.65 -10.03
CA ASN E 77 -18.26 48.34 -11.07
C ASN E 77 -17.52 48.31 -12.41
N ALA E 78 -17.06 47.13 -12.81
CA ALA E 78 -16.24 46.98 -14.00
C ALA E 78 -16.93 46.21 -15.12
N ASN E 79 -18.17 45.76 -14.91
CA ASN E 79 -18.92 44.97 -15.90
C ASN E 79 -18.18 43.70 -16.31
N LEU E 80 -17.44 43.12 -15.36
CA LEU E 80 -16.70 41.89 -15.62
C LEU E 80 -17.62 40.68 -15.41
N SER E 81 -17.75 39.86 -16.44
CA SER E 81 -18.48 38.61 -16.35
C SER E 81 -17.51 37.44 -16.47
N GLY E 82 -17.83 36.34 -15.81
CA GLY E 82 -16.98 35.18 -15.80
C GLY E 82 -17.13 34.41 -14.50
N GLN E 83 -16.09 33.65 -14.17
CA GLN E 83 -16.07 32.80 -12.98
C GLN E 83 -14.82 33.10 -12.17
N LEU E 84 -14.95 33.06 -10.85
CA LEU E 84 -13.79 33.21 -9.98
C LEU E 84 -12.81 32.06 -10.21
N VAL E 85 -11.61 32.22 -9.64
CA VAL E 85 -10.50 31.32 -9.91
C VAL E 85 -9.87 30.92 -8.58
N MET E 86 -9.54 29.63 -8.44
CA MET E 86 -8.90 29.15 -7.22
C MET E 86 -7.52 29.76 -7.01
N GLN E 87 -6.91 30.32 -8.06
CA GLN E 87 -5.59 30.93 -7.93
C GLN E 87 -5.59 32.14 -6.99
N LEU E 88 -6.77 32.70 -6.69
CA LEU E 88 -6.83 33.90 -5.86
C LEU E 88 -6.31 33.68 -4.44
N GLY E 89 -6.01 32.44 -4.05
CA GLY E 89 -5.40 32.19 -2.77
C GLY E 89 -3.89 32.32 -2.75
N GLN E 90 -3.29 32.74 -3.85
CA GLN E 90 -1.85 32.90 -3.96
C GLN E 90 -1.36 34.30 -3.58
N LEU E 91 -2.24 35.14 -3.04
CA LEU E 91 -1.83 36.49 -2.65
C LEU E 91 -1.86 36.61 -1.13
N PRO E 92 -0.80 36.17 -0.45
CA PRO E 92 -0.85 36.14 1.03
C PRO E 92 -1.09 37.49 1.67
N ASN E 93 -0.52 38.56 1.10
CA ASN E 93 -0.63 39.90 1.68
C ASN E 93 -1.84 40.65 1.18
N LEU E 94 -2.65 40.06 0.31
CA LEU E 94 -3.86 40.71 -0.18
C LEU E 94 -4.76 41.09 0.98
N GLN E 95 -4.99 42.40 1.15
CA GLN E 95 -5.82 42.90 2.23
C GLN E 95 -7.23 43.25 1.79
N TYR E 96 -7.40 43.79 0.57
CA TYR E 96 -8.71 44.18 0.07
C TYR E 96 -8.96 43.50 -1.27
N LEU E 97 -10.05 42.74 -1.34
CA LEU E 97 -10.49 42.07 -2.56
C LEU E 97 -11.85 42.65 -2.93
N GLU E 98 -11.87 43.57 -3.90
CA GLU E 98 -13.06 44.33 -4.25
C GLU E 98 -13.50 43.95 -5.67
N LEU E 99 -14.34 42.92 -5.77
CA LEU E 99 -14.92 42.50 -7.03
C LEU E 99 -16.42 42.76 -7.09
N TYR E 100 -16.92 43.63 -6.22
CA TYR E 100 -18.35 43.86 -6.10
C TYR E 100 -18.91 44.50 -7.36
N SER E 101 -20.23 44.37 -7.52
CA SER E 101 -20.99 45.00 -8.60
C SER E 101 -20.48 44.58 -9.98
N ASN E 102 -20.59 43.28 -10.25
CA ASN E 102 -20.24 42.72 -11.55
C ASN E 102 -21.19 41.59 -11.87
N ASN E 103 -20.99 40.97 -13.03
CA ASN E 103 -21.82 39.87 -13.52
C ASN E 103 -21.07 38.54 -13.43
N ILE E 104 -20.26 38.39 -12.39
CA ILE E 104 -19.44 37.19 -12.24
C ILE E 104 -20.29 36.05 -11.68
N THR E 105 -20.18 34.88 -12.29
CA THR E 105 -20.94 33.70 -11.90
C THR E 105 -20.00 32.63 -11.37
N GLY E 106 -20.56 31.47 -11.05
CA GLY E 106 -19.80 30.37 -10.51
C GLY E 106 -19.83 30.33 -9.00
N THR E 107 -18.94 29.51 -8.46
CA THR E 107 -18.84 29.29 -7.03
C THR E 107 -17.75 30.17 -6.41
N ILE E 108 -17.73 30.22 -5.09
CA ILE E 108 -16.71 30.94 -4.34
C ILE E 108 -15.59 29.94 -4.03
N PRO E 109 -14.35 30.22 -4.40
CA PRO E 109 -13.27 29.23 -4.20
C PRO E 109 -12.92 29.09 -2.74
N GLU E 110 -13.00 27.86 -2.22
CA GLU E 110 -12.66 27.61 -0.83
C GLU E 110 -11.19 27.89 -0.54
N GLN E 111 -10.37 28.01 -1.59
CA GLN E 111 -8.97 28.39 -1.42
C GLN E 111 -8.80 29.84 -1.02
N LEU E 112 -9.88 30.63 -1.03
CA LEU E 112 -9.82 32.01 -0.54
C LEU E 112 -9.58 32.07 0.97
N GLY E 113 -9.72 30.96 1.68
CA GLY E 113 -9.34 30.90 3.07
C GLY E 113 -7.85 30.98 3.33
N ASN E 114 -7.04 30.87 2.28
CA ASN E 114 -5.60 31.01 2.42
C ASN E 114 -5.14 32.45 2.46
N LEU E 115 -6.03 33.41 2.18
CA LEU E 115 -5.71 34.83 2.21
C LEU E 115 -5.66 35.27 3.68
N THR E 116 -4.50 35.03 4.30
CA THR E 116 -4.37 35.29 5.74
C THR E 116 -4.58 36.75 6.07
N GLU E 117 -3.99 37.65 5.29
CA GLU E 117 -4.01 39.07 5.59
C GLU E 117 -5.26 39.77 5.06
N LEU E 118 -6.21 39.03 4.50
CA LEU E 118 -7.41 39.64 3.94
C LEU E 118 -8.19 40.38 5.01
N VAL E 119 -8.64 41.59 4.69
CA VAL E 119 -9.36 42.45 5.61
C VAL E 119 -10.78 42.72 5.14
N SER E 120 -10.97 43.01 3.85
CA SER E 120 -12.28 43.25 3.28
C SER E 120 -12.50 42.31 2.10
N LEU E 121 -13.66 41.66 2.09
CA LEU E 121 -14.05 40.74 1.03
C LEU E 121 -15.41 41.21 0.51
N ASP E 122 -15.40 41.93 -0.61
CA ASP E 122 -16.61 42.53 -1.18
C ASP E 122 -16.91 41.84 -2.50
N LEU E 123 -17.78 40.83 -2.44
CA LEU E 123 -18.30 40.15 -3.63
C LEU E 123 -19.77 40.47 -3.86
N TYR E 124 -20.28 41.51 -3.21
CA TYR E 124 -21.70 41.82 -3.26
C TYR E 124 -22.13 42.29 -4.65
N LEU E 125 -23.44 42.22 -4.91
CA LEU E 125 -24.04 42.61 -6.17
C LEU E 125 -23.43 41.84 -7.34
N ASN E 126 -23.61 40.51 -7.30
CA ASN E 126 -23.10 39.63 -8.32
C ASN E 126 -24.14 38.55 -8.60
N ASN E 127 -23.75 37.55 -9.38
CA ASN E 127 -24.60 36.40 -9.69
C ASN E 127 -23.92 35.10 -9.28
N LEU E 128 -23.10 35.16 -8.23
CA LEU E 128 -22.41 33.98 -7.73
C LEU E 128 -23.40 32.98 -7.14
N SER E 129 -23.03 31.71 -7.21
CA SER E 129 -23.90 30.63 -6.71
C SER E 129 -23.11 29.68 -5.83
N GLY E 130 -23.74 28.57 -5.44
CA GLY E 130 -23.10 27.60 -4.58
C GLY E 130 -23.11 28.03 -3.13
N PRO E 131 -22.36 27.31 -2.29
CA PRO E 131 -22.37 27.61 -0.86
C PRO E 131 -21.37 28.69 -0.47
N ILE E 132 -21.32 29.00 0.82
CA ILE E 132 -20.30 29.88 1.40
C ILE E 132 -19.27 28.98 2.06
N PRO E 133 -18.07 28.83 1.49
CA PRO E 133 -17.12 27.84 2.02
C PRO E 133 -16.82 28.06 3.49
N SER E 134 -16.74 26.95 4.23
CA SER E 134 -16.38 27.00 5.64
C SER E 134 -14.95 27.46 5.87
N THR E 135 -14.13 27.51 4.81
CA THR E 135 -12.75 27.96 4.95
C THR E 135 -12.63 29.47 5.11
N LEU E 136 -13.71 30.23 4.87
CA LEU E 136 -13.67 31.66 5.09
C LEU E 136 -13.43 32.03 6.55
N GLY E 137 -13.60 31.08 7.47
CA GLY E 137 -13.29 31.33 8.86
C GLY E 137 -11.80 31.39 9.18
N ARG E 138 -10.94 31.08 8.21
CA ARG E 138 -9.51 31.19 8.39
C ARG E 138 -9.01 32.63 8.32
N LEU E 139 -9.82 33.56 7.80
CA LEU E 139 -9.43 34.96 7.67
C LEU E 139 -9.62 35.64 9.02
N LYS E 140 -8.65 35.41 9.91
CA LYS E 140 -8.71 35.97 11.26
C LYS E 140 -8.64 37.50 11.27
N LYS E 141 -8.11 38.11 10.21
CA LYS E 141 -8.01 39.56 10.12
C LYS E 141 -9.19 40.18 9.38
N LEU E 142 -10.11 39.38 8.87
CA LEU E 142 -11.24 39.89 8.10
C LEU E 142 -12.12 40.78 8.98
N ARG E 143 -12.45 41.96 8.46
CA ARG E 143 -13.33 42.90 9.15
C ARG E 143 -14.66 43.10 8.44
N PHE E 144 -14.67 43.09 7.11
CA PHE E 144 -15.86 43.39 6.33
C PHE E 144 -16.09 42.28 5.33
N LEU E 145 -17.29 41.69 5.36
CA LEU E 145 -17.69 40.65 4.43
C LEU E 145 -19.07 40.99 3.90
N ARG E 146 -19.14 41.35 2.61
CA ARG E 146 -20.38 41.75 1.97
C ARG E 146 -20.63 40.83 0.78
N LEU E 147 -21.66 39.98 0.89
CA LEU E 147 -22.02 39.03 -0.16
C LEU E 147 -23.44 39.26 -0.66
N ASN E 148 -24.02 40.42 -0.38
CA ASN E 148 -25.44 40.64 -0.62
C ASN E 148 -25.73 40.74 -2.11
N ASN E 149 -27.03 40.70 -2.43
CA ASN E 149 -27.53 40.75 -3.81
C ASN E 149 -26.83 39.72 -4.69
N ASN E 150 -27.00 38.45 -4.31
CA ASN E 150 -26.35 37.34 -4.99
C ASN E 150 -27.32 36.17 -5.07
N SER E 151 -26.83 35.05 -5.60
CA SER E 151 -27.60 33.82 -5.72
C SER E 151 -27.02 32.70 -4.86
N LEU E 152 -26.41 33.06 -3.73
CA LEU E 152 -25.78 32.08 -2.86
C LEU E 152 -26.85 31.28 -2.10
N SER E 153 -26.52 30.01 -1.84
CA SER E 153 -27.47 29.09 -1.21
C SER E 153 -26.73 28.14 -0.29
N GLY E 154 -27.30 27.88 0.87
CA GLY E 154 -26.72 26.97 1.83
C GLY E 154 -27.05 27.40 3.25
N GLU E 155 -26.06 27.25 4.14
CA GLU E 155 -26.17 27.66 5.53
C GLU E 155 -24.88 28.40 5.91
N ILE E 156 -24.98 29.29 6.91
CA ILE E 156 -23.82 30.07 7.33
C ILE E 156 -22.85 29.14 8.05
N PRO E 157 -21.59 29.05 7.61
CA PRO E 157 -20.60 28.28 8.37
C PRO E 157 -20.43 28.82 9.77
N ARG E 158 -20.28 27.92 10.74
CA ARG E 158 -20.03 28.32 12.12
C ARG E 158 -18.69 29.03 12.27
N SER E 159 -17.75 28.80 11.35
CA SER E 159 -16.43 29.41 11.46
C SER E 159 -16.49 30.92 11.42
N LEU E 160 -17.50 31.49 10.74
CA LEU E 160 -17.62 32.93 10.65
C LEU E 160 -17.94 33.59 11.98
N THR E 161 -18.31 32.82 13.00
CA THR E 161 -18.55 33.37 14.33
C THR E 161 -17.31 33.40 15.21
N ALA E 162 -16.26 32.66 14.84
CA ALA E 162 -15.04 32.60 15.63
C ALA E 162 -13.97 33.58 15.17
N VAL E 163 -14.26 34.41 14.17
CA VAL E 163 -13.25 35.32 13.62
C VAL E 163 -12.92 36.43 14.61
N LEU E 164 -13.94 36.93 15.32
CA LEU E 164 -13.89 37.94 16.38
C LEU E 164 -13.50 39.32 15.85
N THR E 165 -13.26 39.47 14.56
CA THR E 165 -12.90 40.77 13.99
C THR E 165 -13.99 41.38 13.12
N LEU E 166 -14.99 40.60 12.71
CA LEU E 166 -16.07 41.10 11.87
C LEU E 166 -16.83 42.25 12.51
N GLN E 167 -16.73 43.43 11.92
CA GLN E 167 -17.55 44.58 12.29
C GLN E 167 -18.76 44.75 11.38
N VAL E 168 -18.58 44.59 10.08
CA VAL E 168 -19.63 44.78 9.09
C VAL E 168 -19.87 43.44 8.38
N LEU E 169 -21.14 43.02 8.35
CA LEU E 169 -21.55 41.80 7.70
C LEU E 169 -22.88 42.05 7.00
N ASP E 170 -23.00 41.55 5.78
CA ASP E 170 -24.25 41.67 5.03
C ASP E 170 -24.29 40.58 3.97
N LEU E 171 -25.24 39.65 4.11
CA LEU E 171 -25.47 38.58 3.14
C LEU E 171 -26.94 38.55 2.72
N SER E 172 -27.54 39.74 2.61
CA SER E 172 -28.94 39.84 2.23
C SER E 172 -29.14 39.49 0.75
N ASN E 173 -30.40 39.20 0.41
CA ASN E 173 -30.84 39.04 -0.98
C ASN E 173 -30.17 37.84 -1.66
N ASN E 174 -30.15 36.70 -0.96
CA ASN E 174 -29.79 35.43 -1.58
C ASN E 174 -30.45 34.29 -0.81
N PRO E 175 -30.92 33.25 -1.52
CA PRO E 175 -31.73 32.20 -0.87
C PRO E 175 -30.92 31.25 0.00
N LEU E 176 -30.59 31.68 1.22
CA LEU E 176 -29.84 30.87 2.16
C LEU E 176 -30.82 30.08 3.03
N THR E 177 -30.30 29.15 3.82
CA THR E 177 -31.13 28.30 4.68
C THR E 177 -30.52 28.20 6.07
N GLY E 178 -31.38 27.85 7.04
CA GLY E 178 -30.95 27.66 8.41
C GLY E 178 -31.29 28.84 9.30
N ASP E 179 -30.89 28.72 10.56
CA ASP E 179 -31.11 29.76 11.56
C ASP E 179 -29.87 30.64 11.68
N ILE E 180 -30.10 31.90 12.06
CA ILE E 180 -29.02 32.87 12.21
C ILE E 180 -28.21 32.55 13.46
N PRO E 181 -26.91 32.27 13.33
CA PRO E 181 -26.08 32.05 14.51
C PRO E 181 -25.85 33.35 15.26
N VAL E 182 -25.78 33.25 16.60
CA VAL E 182 -25.45 34.38 17.45
C VAL E 182 -24.26 33.97 18.33
N ASN E 183 -23.45 33.03 17.86
CA ASN E 183 -22.59 32.27 18.77
C ASN E 183 -21.41 33.09 19.29
N GLY E 184 -20.48 33.48 18.41
CA GLY E 184 -19.29 34.15 18.89
C GLY E 184 -19.16 35.62 18.58
N SER E 185 -19.53 36.00 17.37
CA SER E 185 -19.33 37.36 16.86
C SER E 185 -20.60 37.98 16.30
N PHE E 186 -21.61 37.19 15.98
CA PHE E 186 -22.88 37.69 15.47
C PHE E 186 -23.76 38.27 16.56
N SER E 187 -23.26 38.32 17.80
CA SER E 187 -24.03 38.89 18.91
C SER E 187 -24.33 40.36 18.69
N LEU E 188 -23.41 41.09 18.05
CA LEU E 188 -23.60 42.50 17.77
C LEU E 188 -24.34 42.75 16.46
N PHE E 189 -24.66 41.70 15.71
CA PHE E 189 -25.28 41.84 14.41
C PHE E 189 -26.80 41.92 14.53
N THR E 190 -27.40 42.64 13.60
CA THR E 190 -28.83 42.95 13.60
C THR E 190 -29.47 42.37 12.34
N PRO E 191 -30.80 42.19 12.34
CA PRO E 191 -31.46 41.52 11.20
C PRO E 191 -31.23 42.16 9.84
N ILE E 192 -30.63 43.35 9.75
CA ILE E 192 -30.38 43.93 8.44
C ILE E 192 -29.26 43.16 7.73
N SER E 193 -28.38 42.52 8.50
CA SER E 193 -27.30 41.72 7.89
C SER E 193 -27.84 40.47 7.20
N PHE E 194 -29.00 39.98 7.63
CA PHE E 194 -29.54 38.71 7.15
C PHE E 194 -30.91 38.89 6.50
N ALA E 195 -31.21 40.08 5.99
CA ALA E 195 -32.51 40.34 5.40
C ALA E 195 -32.71 39.53 4.13
N ASN E 196 -33.97 39.20 3.85
CA ASN E 196 -34.36 38.44 2.67
C ASN E 196 -33.73 37.05 2.63
N THR E 197 -33.34 36.51 3.77
CA THR E 197 -32.73 35.19 3.85
C THR E 197 -33.25 34.44 5.07
N LYS E 198 -33.59 33.17 4.87
CA LYS E 198 -33.82 32.20 5.95
C LYS E 198 -34.94 32.68 6.87
N LEU E 199 -34.83 32.32 8.15
CA LEU E 199 -35.77 32.74 9.18
C LEU E 199 -35.12 32.60 10.56
N GLU F 1 2.25 13.90 -30.08
CA GLU F 1 2.05 14.96 -31.05
C GLU F 1 3.31 15.82 -31.22
N SER F 2 4.41 15.36 -30.61
CA SER F 2 5.69 16.07 -30.55
C SER F 2 5.56 17.41 -29.82
N SER F 3 6.61 17.83 -29.11
CA SER F 3 6.51 19.10 -28.39
C SER F 3 7.51 20.17 -28.80
N SER F 4 8.80 19.87 -28.72
CA SER F 4 9.84 20.90 -28.74
C SER F 4 9.49 22.04 -27.79
N SER F 5 9.40 21.70 -26.49
CA SER F 5 8.93 22.66 -25.48
C SER F 5 9.71 23.97 -25.55
N HIS F 6 9.06 25.05 -25.13
CA HIS F 6 9.53 26.41 -25.38
C HIS F 6 9.90 27.11 -24.07
N SER F 7 11.13 27.61 -24.01
CA SER F 7 11.56 28.48 -22.92
C SER F 7 11.10 29.91 -23.18
N GLU F 8 10.43 30.50 -22.19
CA GLU F 8 9.83 31.82 -22.34
C GLU F 8 10.68 32.86 -21.63
N ARG F 9 10.82 34.02 -22.27
CA ARG F 9 11.66 35.09 -21.76
C ARG F 9 11.24 35.49 -20.34
N ALA F 10 12.18 36.07 -19.61
CA ALA F 10 11.92 36.46 -18.23
C ALA F 10 11.06 37.72 -18.21
N GLY F 11 10.73 38.17 -17.00
CA GLY F 11 9.86 39.31 -16.84
C GLY F 11 10.61 40.63 -16.87
N GLY F 12 9.95 41.64 -17.43
CA GLY F 12 10.45 42.99 -17.41
C GLY F 12 9.76 43.81 -16.34
N ARG F 13 10.38 44.94 -16.00
CA ARG F 13 9.84 45.79 -14.94
C ARG F 13 9.04 46.95 -15.53
C1 NAG G . 1.02 -65.53 29.63
C2 NAG G . 0.71 -66.93 29.12
C3 NAG G . 1.72 -67.93 29.72
C4 NAG G . 3.16 -67.47 29.45
C5 NAG G . 3.33 -66.03 29.93
C6 NAG G . 4.68 -65.43 29.60
C7 NAG G . -1.66 -67.26 28.57
C8 NAG G . -1.33 -66.77 27.19
N2 NAG G . -0.65 -67.32 29.44
O3 NAG G . 1.51 -69.27 29.27
O4 NAG G . 4.03 -68.34 30.15
O5 NAG G . 2.36 -65.18 29.31
O6 NAG G . 5.01 -65.62 28.23
O7 NAG G . -2.80 -67.59 28.88
C1 FUC G . 1.07 -69.46 27.92
C2 FUC G . 2.04 -70.48 27.25
C3 FUC G . 1.48 -71.12 25.94
C4 FUC G . -0.05 -71.17 25.90
C5 FUC G . -0.62 -71.12 27.30
C6 FUC G . -2.14 -71.23 27.35
O2 FUC G . 2.48 -71.48 28.17
O3 FUC G . 1.94 -70.39 24.80
O4 FUC G . -0.56 -70.09 25.14
O5 FUC G . -0.28 -69.87 27.94
C1 NAG G . 5.23 -68.69 29.40
C2 NAG G . 6.12 -69.51 30.32
C3 NAG G . 7.42 -69.88 29.60
C4 NAG G . 7.10 -70.58 28.28
C5 NAG G . 6.14 -69.74 27.45
C6 NAG G . 5.68 -70.45 26.19
C7 NAG G . 5.64 -68.84 32.64
C8 NAG G . 6.09 -68.03 33.81
N2 NAG G . 6.42 -68.78 31.55
O3 NAG G . 8.19 -70.74 30.43
O4 NAG G . 8.30 -70.79 27.54
O5 NAG G . 4.95 -69.44 28.21
O6 NAG G . 4.72 -69.67 25.48
O7 NAG G . 4.62 -69.51 32.66
C1 FUC G . 6.03 -64.65 27.85
C2 FUC G . 5.77 -64.29 26.37
C3 FUC G . 5.87 -62.78 26.14
C4 FUC G . 7.09 -62.21 26.88
C5 FUC G . 6.93 -62.45 28.39
C6 FUC G . 8.24 -62.81 29.09
O2 FUC G . 4.54 -64.79 25.89
O3 FUC G . 6.03 -62.49 24.75
O4 FUC G . 8.28 -62.82 26.40
O5 FUC G . 5.99 -63.51 28.69
C1 NAG H . 2.72 -26.58 -14.91
C2 NAG H . 2.49 -28.08 -15.10
C3 NAG H . 1.71 -28.33 -16.40
C4 NAG H . 0.44 -27.50 -16.44
C5 NAG H . 0.75 -26.04 -16.15
C6 NAG H . -0.48 -25.18 -16.03
C7 NAG H . 4.10 -29.68 -14.18
C8 NAG H . 5.45 -30.33 -14.35
N2 NAG H . 3.75 -28.80 -15.11
O3 NAG H . 1.41 -29.72 -16.49
O4 NAG H . -0.15 -27.56 -17.73
O5 NAG H . 1.46 -25.92 -14.91
O6 NAG H . -0.14 -23.81 -15.81
O7 NAG H . 3.37 -29.96 -13.23
C1 NAG H . -1.16 -28.59 -17.80
C2 NAG H . -2.46 -28.00 -18.35
C3 NAG H . -3.51 -29.10 -18.52
C4 NAG H . -2.96 -30.24 -19.36
C5 NAG H . -1.65 -30.75 -18.77
C6 NAG H . -0.99 -31.80 -19.62
C7 NAG H . -3.40 -25.77 -17.94
C8 NAG H . -3.89 -24.81 -16.91
N2 NAG H . -2.96 -26.95 -17.49
O3 NAG H . -4.67 -28.55 -19.14
O4 NAG H . -3.89 -31.31 -19.42
O5 NAG H . -0.72 -29.66 -18.65
O6 NAG H . -1.50 -31.81 -20.93
O7 NAG H . -3.41 -25.51 -19.15
C1 NAG I . -0.49 -60.25 64.60
C2 NAG I . -1.73 -59.90 65.42
C3 NAG I . -1.83 -60.80 66.66
C4 NAG I . -1.77 -62.26 66.24
C5 NAG I . -0.52 -62.52 65.42
C6 NAG I . -0.44 -63.94 64.89
C7 NAG I . -2.50 -57.59 65.21
C8 NAG I . -2.38 -56.18 65.73
N2 NAG I . -1.74 -58.50 65.81
O3 NAG I . -3.05 -60.53 67.35
O4 NAG I . -1.80 -63.11 67.40
O5 NAG I . -0.51 -61.66 64.27
O6 NAG I . -1.57 -64.25 64.08
O7 NAG I . -3.26 -57.87 64.28
C1 NAG I . -3.06 -63.81 67.36
C2 NAG I . -3.02 -64.96 68.35
C3 NAG I . -4.37 -65.68 68.37
C4 NAG I . -5.50 -64.69 68.63
C5 NAG I . -5.43 -63.53 67.63
C6 NAG I . -6.45 -62.45 67.90
C7 NAG I . -0.71 -65.77 68.50
C8 NAG I . 0.27 -66.81 68.07
N2 NAG I . -1.95 -65.89 68.03
O3 NAG I . -4.36 -66.68 69.39
O4 NAG I . -6.75 -65.35 68.50
O5 NAG I . -4.14 -62.92 67.69
O6 NAG I . -6.17 -61.28 67.17
O7 NAG I . -0.39 -64.85 69.26
C1 NAG J . 3.18 -44.43 51.21
C2 NAG J . 2.21 -43.50 51.92
C3 NAG J . 1.77 -42.38 50.98
C4 NAG J . 2.99 -41.67 50.38
C5 NAG J . 3.96 -42.68 49.77
C6 NAG J . 5.25 -42.05 49.32
C7 NAG J . 0.98 -44.65 53.69
C8 NAG J . -0.29 -45.37 54.05
N2 NAG J . 1.06 -44.21 52.43
O3 NAG J . 0.96 -41.46 51.69
O4 NAG J . 2.57 -40.77 49.37
O5 NAG J . 4.30 -43.69 50.73
O6 NAG J . 6.38 -42.67 49.94
O7 NAG J . 1.88 -44.48 54.51
C1 NAG J . 2.49 -39.43 49.88
C2 NAG J . 2.75 -38.45 48.73
C3 NAG J . 2.60 -37.01 49.21
C4 NAG J . 1.25 -36.81 49.89
C5 NAG J . 1.05 -37.86 50.99
C6 NAG J . -0.33 -37.80 51.61
C7 NAG J . 4.28 -39.24 46.97
C8 NAG J . 3.05 -39.68 46.23
N2 NAG J . 4.07 -38.66 48.15
O3 NAG J . 2.73 -36.12 48.11
O4 NAG J . 1.17 -35.52 50.45
O5 NAG J . 1.20 -39.17 50.44
O6 NAG J . -1.31 -38.36 50.75
O7 NAG J . 5.40 -39.40 46.51
C1 NAG K . -31.06 -18.06 20.83
C2 NAG K . -32.37 -18.78 21.18
C3 NAG K . -33.45 -17.78 21.61
C4 NAG K . -33.05 -17.11 22.92
C5 NAG K . -31.56 -16.76 22.95
C6 NAG K . -30.74 -17.61 23.88
C7 NAG K . -33.22 -19.38 18.86
C8 NAG K . -33.15 -17.94 18.42
N2 NAG K . -32.85 -19.67 20.13
O3 NAG K . -34.69 -18.46 21.77
O4 NAG K . -33.82 -15.92 23.07
O5 NAG K . -30.94 -16.82 21.63
O6 NAG K . -29.97 -16.81 24.78
O7 NAG K . -33.60 -20.26 18.09
C1 NAG K . -34.22 -15.61 24.44
C2 NAG K . -35.12 -16.72 25.01
C3 NAG K . -35.51 -16.39 26.45
C4 NAG K . -34.28 -16.10 27.29
C5 NAG K . -33.41 -15.03 26.64
C6 NAG K . -32.12 -14.78 27.37
C7 NAG K . -37.05 -18.00 24.21
C8 NAG K . -38.24 -18.01 23.29
N2 NAG K . -36.30 -16.90 24.18
O3 NAG K . -36.24 -17.47 27.00
O4 NAG K . -34.67 -15.67 28.59
O5 NAG K . -33.06 -15.43 25.31
O6 NAG K . -32.31 -13.94 28.50
O7 NAG K . -36.80 -18.95 24.95
C1 NAG L . 7.07 -3.18 5.51
C2 NAG L . 6.52 -1.81 5.09
C3 NAG L . 7.66 -0.81 4.96
C4 NAG L . 8.52 -0.77 6.21
C5 NAG L . 8.96 -2.18 6.60
C6 NAG L . 9.69 -2.25 7.92
C7 NAG L . 4.48 -1.62 3.74
C8 NAG L . 3.88 -1.77 2.38
N2 NAG L . 5.78 -1.91 3.84
O3 NAG L . 7.12 0.49 4.70
O4 NAG L . 9.69 0.02 5.93
O5 NAG L . 7.81 -3.04 6.72
O6 NAG L . 9.08 -3.18 8.81
O7 NAG L . 3.82 -1.23 4.70
C1 NAG L . 9.99 0.99 6.97
C2 NAG L . 11.22 1.78 6.51
C3 NAG L . 11.60 2.82 7.55
C4 NAG L . 10.41 3.71 7.87
C5 NAG L . 9.20 2.86 8.25
C6 NAG L . 7.94 3.67 8.48
C7 NAG L . 12.92 0.08 7.11
C8 NAG L . 14.06 -0.75 6.60
N2 NAG L . 12.34 0.89 6.22
O3 NAG L . 12.68 3.62 7.06
O4 NAG L . 10.73 4.58 8.95
O5 NAG L . 8.90 1.91 7.22
O6 NAG L . 7.48 3.58 9.81
O7 NAG L . 12.54 0.01 8.27
C1 FUC L . 8.37 -2.49 9.86
C2 FUC L . 8.78 -3.14 11.21
C3 FUC L . 8.70 -2.14 12.38
C4 FUC L . 7.64 -1.06 12.14
C5 FUC L . 7.96 -0.28 10.84
C6 FUC L . 6.73 0.28 10.15
O2 FUC L . 10.06 -3.75 11.15
O3 FUC L . 8.35 -2.83 13.59
O4 FUC L . 6.34 -1.63 12.08
O5 FUC L . 8.67 -1.09 9.86
C1 NAG M . -8.57 -24.75 17.79
C2 NAG M . -8.28 -25.75 18.87
C3 NAG M . -6.82 -25.69 19.26
C4 NAG M . -5.91 -25.98 18.10
C5 NAG M . -6.43 -25.43 16.79
C6 NAG M . -7.06 -26.51 15.94
C7 NAG M . -10.07 -26.12 20.39
C8 NAG M . -10.03 -27.53 19.90
N2 NAG M . -9.04 -25.39 20.02
O3 NAG M . -6.57 -26.69 20.24
O4 NAG M . -4.69 -25.33 18.43
O5 NAG M . -7.41 -24.41 17.02
O6 NAG M . -6.02 -27.42 15.55
O7 NAG M . -10.96 -25.68 21.08
C1 NAG M . -3.62 -26.23 18.71
C2 NAG M . -2.39 -25.39 19.01
C3 NAG M . -1.20 -26.27 19.29
C4 NAG M . -1.54 -27.28 20.35
C5 NAG M . -2.80 -28.02 19.95
C6 NAG M . -3.16 -29.02 21.01
C7 NAG M . -2.59 -23.35 17.79
C8 NAG M . -1.89 -22.44 16.84
N2 NAG M . -2.10 -24.56 17.87
O3 NAG M . -0.14 -25.47 19.82
O4 NAG M . -0.45 -28.17 20.39
O5 NAG M . -3.85 -27.07 19.82
O6 NAG M . -3.32 -28.32 22.23
O7 NAG M . -3.52 -23.00 18.48
C1 BMA M . 0.07 -28.24 21.73
C2 BMA M . 0.68 -29.60 21.87
C3 BMA M . 1.19 -29.78 23.27
C4 BMA M . 2.19 -28.68 23.54
C5 BMA M . 1.58 -27.33 23.29
C6 BMA M . 2.65 -26.27 23.49
O2 BMA M . 1.77 -29.71 20.96
O3 BMA M . 1.81 -31.07 23.37
O4 BMA M . 2.57 -28.74 24.92
O5 BMA M . 1.08 -27.26 21.97
O6 BMA M . 2.08 -24.96 23.42
C1 NAG N . 8.04 45.82 -25.03
C2 NAG N . 7.75 44.43 -25.56
C3 NAG N . 6.30 44.34 -26.00
C4 NAG N . 5.37 44.47 -24.81
C5 NAG N . 5.91 45.43 -23.75
C6 NAG N . 6.49 44.74 -22.53
C7 NAG N . 9.44 43.05 -26.70
C8 NAG N . 9.39 42.15 -25.50
N2 NAG N . 8.63 44.11 -26.67
O3 NAG N . 6.08 43.08 -26.64
O4 NAG N . 4.16 45.05 -25.29
O5 NAG N . 6.90 46.33 -24.26
O6 NAG N . 5.73 45.01 -21.36
O7 NAG N . 10.19 42.82 -27.65
C1 NAG N . 3.09 44.18 -24.85
C2 NAG N . 1.81 44.62 -25.52
C3 NAG N . 0.64 43.75 -25.11
C4 NAG N . 0.97 42.28 -25.26
C5 NAG N . 2.26 42.00 -24.52
C6 NAG N . 2.64 40.53 -24.65
C7 NAG N . 2.04 46.93 -25.96
C8 NAG N . 1.61 48.33 -25.66
N2 NAG N . 1.56 45.99 -25.16
O3 NAG N . -0.48 44.00 -25.95
O4 NAG N . -0.09 41.54 -24.68
O5 NAG N . 3.27 42.79 -25.11
O6 NAG N . 2.68 40.18 -26.03
O7 NAG N . 2.77 46.68 -26.89
C1 BMA N . -0.52 40.54 -25.61
C2 BMA N . -0.94 39.33 -24.81
C3 BMA N . -1.41 38.23 -25.75
C4 BMA N . -2.51 38.79 -26.61
C5 BMA N . -2.02 40.01 -27.35
C6 BMA N . -3.14 40.58 -28.20
O2 BMA N . -2.02 39.69 -23.95
O3 BMA N . -1.90 37.13 -25.00
O4 BMA N . -2.88 37.79 -27.55
O5 BMA N . -1.62 40.99 -26.40
O6 BMA N . -2.62 41.61 -29.04
C1 NAG O . -0.49 6.00 -9.13
C2 NAG O . -0.55 5.81 -7.62
C3 NAG O . -1.35 4.54 -7.36
C4 NAG O . -2.77 4.78 -7.84
C5 NAG O . -2.75 5.11 -9.32
C6 NAG O . -4.12 5.56 -9.80
C7 NAG O . 1.86 5.24 -7.53
C8 NAG O . 1.77 3.89 -8.15
N2 NAG O . 0.76 5.76 -7.01
O3 NAG O . -1.34 4.15 -5.97
O4 NAG O . -3.50 3.58 -7.61
O5 NAG O . -1.82 6.15 -9.62
O6 NAG O . -4.15 6.97 -10.03
O7 NAG O . 2.93 5.84 -7.49
C1 NAG O . -4.91 3.77 -7.38
C2 NAG O . -5.65 2.57 -7.96
C3 NAG O . -7.12 2.66 -7.64
C4 NAG O . -7.30 2.78 -6.14
C5 NAG O . -6.57 4.02 -5.69
C6 NAG O . -6.66 4.23 -4.19
C7 NAG O . -4.60 1.76 -10.03
C8 NAG O . -5.08 1.09 -11.26
N2 NAG O . -5.50 2.53 -9.40
O3 NAG O . -7.80 1.50 -8.10
O4 NAG O . -8.71 2.84 -5.86
O5 NAG O . -5.19 3.88 -5.99
O6 NAG O . -5.67 5.18 -3.79
O7 NAG O . -3.46 1.62 -9.63
C1 BMA O . -9.02 1.99 -4.76
C2 BMA O . -9.53 2.89 -3.65
C3 BMA O . -9.84 2.08 -2.42
C4 BMA O . -10.83 0.99 -2.79
C5 BMA O . -10.30 0.15 -3.94
C6 BMA O . -11.35 -0.87 -4.31
O2 BMA O . -10.69 3.55 -4.13
O3 BMA O . -10.41 2.92 -1.40
O4 BMA O . -11.03 0.14 -1.66
O5 BMA O . -10.01 1.00 -5.06
O6 BMA O . -10.87 -1.75 -5.32
C1 FUC O . -4.48 7.79 -8.89
C2 FUC O . -4.96 9.15 -9.47
C3 FUC O . -6.22 9.68 -8.76
C4 FUC O . -6.09 9.48 -7.23
C5 FUC O . -5.89 7.99 -6.91
C6 FUC O . -4.82 7.74 -5.85
O2 FUC O . -5.15 9.10 -10.88
O3 FUC O . -6.39 11.07 -9.00
O4 FUC O . -5.01 10.24 -6.73
O5 FUC O . -5.50 7.21 -8.08
C1 NAG P . -1.99 62.64 2.67
C2 NAG P . -0.99 63.79 2.72
C3 NAG P . 0.06 63.51 3.81
C4 NAG P . -0.59 63.11 5.13
C5 NAG P . -1.70 62.07 4.93
C6 NAG P . -2.50 61.81 6.19
C7 NAG P . 0.41 65.05 1.14
C8 NAG P . 1.01 65.07 -0.23
N2 NAG P . -0.34 63.98 1.43
O3 NAG P . 0.84 64.69 3.97
O4 NAG P . 0.39 62.49 5.97
O5 NAG P . -2.62 62.50 3.92
O6 NAG P . -1.89 60.83 7.00
O7 NAG P . 0.58 65.97 1.93
C1 NAG P . 1.35 63.36 6.61
C2 NAG P . 1.95 62.61 7.81
C3 NAG P . 3.05 63.46 8.48
C4 NAG P . 4.08 63.88 7.44
C5 NAG P . 3.39 64.60 6.28
C6 NAG P . 4.34 64.98 5.17
C7 NAG P . 0.17 63.13 9.46
C8 NAG P . -0.82 62.54 10.41
N2 NAG P . 0.93 62.25 8.79
O3 NAG P . 3.68 62.69 9.49
O4 NAG P . 5.02 64.77 8.04
O5 NAG P . 2.40 63.74 5.71
O6 NAG P . 3.84 66.07 4.41
O7 NAG P . 0.28 64.34 9.30
C1 NAG Q . -3.96 9.27 -39.42
C2 NAG Q . -3.04 9.46 -40.63
C3 NAG Q . -2.55 10.91 -40.70
C4 NAG Q . -3.73 11.88 -40.67
C5 NAG Q . -4.65 11.56 -39.49
C6 NAG Q . -5.93 12.38 -39.51
C7 NAG Q . -1.80 7.45 -41.36
C8 NAG Q . -2.93 7.23 -42.33
N2 NAG Q . -1.90 8.54 -40.58
O3 NAG Q . -1.79 11.09 -41.88
O4 NAG Q . -3.25 13.20 -40.54
O5 NAG Q . -5.05 10.18 -39.51
O6 NAG Q . -7.05 11.57 -39.84
O7 NAG Q . -0.85 6.70 -41.29
C1 NAG Q . -3.51 13.95 -41.74
C2 NAG Q . -3.76 15.41 -41.34
C3 NAG Q . -3.99 16.27 -42.58
C4 NAG Q . -2.84 16.10 -43.57
C5 NAG Q . -2.63 14.62 -43.88
C6 NAG Q . -1.42 14.37 -44.75
C7 NAG Q . -4.75 15.77 -39.12
C8 NAG Q . -6.02 15.85 -38.33
N2 NAG Q . -4.89 15.52 -40.42
O3 NAG Q . -4.12 17.63 -42.20
O4 NAG Q . -3.12 16.80 -44.77
O5 NAG Q . -2.42 13.89 -42.66
O6 NAG Q . -0.22 14.40 -44.01
O7 NAG Q . -3.65 15.93 -38.61
C1 NAG R . 29.53 47.92 -32.92
C2 NAG R . 30.96 48.23 -32.53
C3 NAG R . 31.77 48.60 -33.77
C4 NAG R . 31.62 47.53 -34.84
C5 NAG R . 30.15 47.14 -35.05
C6 NAG R . 30.03 45.93 -35.98
C7 NAG R . 30.74 49.13 -30.28
C8 NAG R . 30.24 50.33 -29.53
N2 NAG R . 31.00 49.33 -31.57
O3 NAG R . 33.15 48.73 -33.42
O4 NAG R . 32.15 48.05 -36.05
O5 NAG R . 29.54 46.81 -33.82
O6 NAG R . 28.64 45.73 -36.30
O7 NAG R . 30.89 48.05 -29.74
C1 NAG R . 33.03 47.09 -36.67
C2 NAG R . 33.54 47.66 -38.00
C3 NAG R . 34.40 46.61 -38.70
C4 NAG R . 35.51 46.15 -37.77
C5 NAG R . 34.93 45.70 -36.43
C6 NAG R . 36.03 45.31 -35.46
C7 NAG R . 31.24 47.48 -38.83
C8 NAG R . 31.13 46.16 -39.53
N2 NAG R . 32.44 48.06 -38.86
O3 NAG R . 34.93 47.19 -39.90
O4 NAG R . 36.23 45.06 -38.36
O5 NAG R . 34.15 46.75 -35.86
O6 NAG R . 36.78 44.21 -36.00
O7 NAG R . 30.29 48.00 -38.28
C1 NAG S . 36.16 20.08 -25.27
C2 NAG S . 36.81 20.09 -23.88
C3 NAG S . 38.32 20.06 -24.01
C4 NAG S . 38.76 18.88 -24.86
C5 NAG S . 38.04 18.89 -26.21
C6 NAG S . 38.32 17.67 -27.03
C7 NAG S . 36.59 22.51 -23.40
C8 NAG S . 36.07 23.53 -22.44
N2 NAG S . 36.38 21.23 -23.08
O3 NAG S . 38.91 19.96 -22.71
O4 NAG S . 40.17 18.93 -25.09
O5 NAG S . 36.61 18.95 -26.01
O6 NAG S . 37.58 16.56 -26.56
O7 NAG S . 37.20 22.83 -24.43
C1 FUC S . 38.36 15.36 -26.67
C2 FUC S . 38.15 14.53 -25.39
C3 FUC S . 36.67 14.14 -25.28
C4 FUC S . 36.21 13.40 -26.55
C5 FUC S . 36.59 14.21 -27.81
C6 FUC S . 36.39 13.42 -29.10
O2 FUC S . 38.60 15.20 -24.23
O3 FUC S . 36.48 13.26 -24.18
O4 FUC S . 36.80 12.12 -26.60
O5 FUC S . 37.98 14.62 -27.80
C1 NAG T . -8.05 69.62 -27.30
C2 NAG T . -7.57 70.96 -27.86
C3 NAG T . -8.76 71.83 -28.25
C4 NAG T . -9.71 71.07 -29.18
C5 NAG T . -10.10 69.75 -28.55
C6 NAG T . -10.97 68.89 -29.45
C7 NAG T . -5.44 71.92 -27.12
C8 NAG T . -4.72 72.64 -26.02
N2 NAG T . -6.73 71.66 -26.90
O3 NAG T . -8.29 73.01 -28.89
O4 NAG T . -10.87 71.85 -29.44
O5 NAG T . -8.93 68.98 -28.25
O6 NAG T . -10.20 68.30 -30.48
O7 NAG T . -4.87 71.59 -28.16
C1 FUC T . -10.99 68.27 -31.69
C2 FUC T . -10.13 68.88 -32.82
C3 FUC T . -9.49 67.80 -33.73
C4 FUC T . -9.11 66.52 -32.96
C5 FUC T . -10.27 66.02 -32.06
C6 FUC T . -10.85 64.69 -32.53
O2 FUC T . -9.15 69.78 -32.32
O3 FUC T . -10.39 67.45 -34.77
O4 FUC T . -8.76 65.49 -33.88
O5 FUC T . -11.36 66.96 -32.02
C1 NAG U . 8.41 19.12 -7.92
C2 NAG U . 7.96 18.77 -6.50
C3 NAG U . 6.83 19.70 -6.07
C4 NAG U . 7.29 21.14 -6.24
C5 NAG U . 7.78 21.38 -7.66
C6 NAG U . 8.28 22.81 -7.82
C7 NAG U . 8.40 16.41 -6.18
C8 NAG U . 8.11 15.09 -6.82
N2 NAG U . 7.53 17.38 -6.43
O3 NAG U . 6.50 19.45 -4.70
O4 NAG U . 6.20 22.01 -5.95
O5 NAG U . 8.84 20.48 -7.97
O6 NAG U . 8.60 23.04 -9.19
O7 NAG U . 9.39 16.58 -5.48
C1 NAG U . 6.49 22.69 -4.72
C2 NAG U . 6.23 24.18 -4.88
C3 NAG U . 4.73 24.42 -4.97
C4 NAG U . 4.03 23.83 -3.75
C5 NAG U . 4.40 22.36 -3.53
C6 NAG U . 3.70 21.44 -4.53
C7 NAG U . 8.09 25.18 -3.71
C8 NAG U . 8.72 25.53 -5.02
N2 NAG U . 6.79 24.90 -3.75
O3 NAG U . 4.22 23.85 -6.18
O4 NAG U . 4.39 24.58 -2.59
O5 NAG U . 5.82 22.16 -3.58
O6 NAG U . 3.94 20.08 -4.18
O7 NAG U . 8.72 25.17 -2.66
C1 NAG V . -13.25 -24.34 -8.99
C2 NAG V . -13.71 -23.64 -10.27
C3 NAG V . -13.46 -24.53 -11.49
C4 NAG V . -14.10 -25.91 -11.33
C5 NAG V . -13.87 -26.43 -9.91
C6 NAG V . -13.42 -27.87 -9.89
C7 NAG V . -15.52 -22.10 -9.65
C8 NAG V . -17.01 -21.87 -9.66
N2 NAG V . -15.11 -23.26 -10.19
O3 NAG V . -12.06 -24.67 -11.72
O4 NAG V . -15.50 -25.83 -11.57
O5 NAG V . -12.84 -25.66 -9.29
O6 NAG V . -12.21 -28.03 -9.16
O7 NAG V . -14.74 -21.28 -9.19
C1 NAG W . -25.89 -43.79 45.36
C2 NAG W . -27.15 -44.61 45.62
C3 NAG W . -27.69 -44.31 47.02
C4 NAG W . -26.59 -44.53 48.04
C5 NAG W . -25.36 -43.71 47.68
C6 NAG W . -24.23 -43.95 48.67
C7 NAG W . -28.13 -44.91 43.43
C8 NAG W . -28.40 -46.39 43.44
N2 NAG W . -28.15 -44.32 44.61
O3 NAG W . -28.80 -45.18 47.29
O4 NAG W . -27.07 -44.14 49.33
O5 NAG W . -24.92 -44.07 46.37
O6 NAG W . -24.66 -43.62 49.99
O7 NAG W . -27.90 -44.30 42.40
C1 NAG X . -36.09 -45.56 31.58
C2 NAG X . -37.31 -45.30 32.49
C3 NAG X . -38.57 -45.88 31.84
C4 NAG X . -38.73 -45.36 30.41
C5 NAG X . -37.45 -45.60 29.61
C6 NAG X . -37.51 -44.99 28.23
C7 NAG X . -37.76 -45.44 34.89
C8 NAG X . -37.43 -46.12 36.18
N2 NAG X . -37.11 -45.87 33.81
O3 NAG X . -39.71 -45.52 32.61
O4 NAG X . -39.82 -46.02 29.78
O5 NAG X . -36.34 -44.99 30.28
O6 NAG X . -36.98 -45.89 27.25
O7 NAG X . -38.58 -44.52 34.84
C1 NAG Y . -0.01 -11.66 -40.38
C2 NAG Y . 1.12 -11.82 -41.40
C3 NAG Y . 1.21 -13.27 -41.85
C4 NAG Y . 1.37 -14.18 -40.64
C5 NAG Y . 0.25 -13.93 -39.63
C6 NAG Y . 0.43 -14.71 -38.36
C7 NAG Y . 1.57 -9.78 -42.69
C8 NAG Y . 1.25 -9.00 -43.93
N2 NAG Y . 0.91 -10.94 -42.55
O3 NAG Y . 2.33 -13.42 -42.73
O4 NAG Y . 1.32 -15.54 -41.06
O5 NAG Y . 0.23 -12.53 -39.26
O6 NAG Y . 1.76 -14.60 -37.86
O7 NAG Y . 2.39 -9.39 -41.87
C1 NAG Z . 25.68 13.50 -35.67
C2 NAG Z . 26.42 12.21 -35.30
C3 NAG Z . 25.93 11.03 -36.15
C4 NAG Z . 26.02 11.35 -37.64
C5 NAG Z . 25.54 12.77 -37.92
C6 NAG Z . 24.59 12.85 -39.10
C7 NAG Z . 28.70 12.39 -34.40
C8 NAG Z . 28.08 12.23 -33.05
N2 NAG Z . 27.86 12.37 -35.44
O3 NAG Z . 24.59 10.72 -35.80
O4 NAG Z . 27.36 11.21 -38.10
O5 NAG Z . 24.83 13.27 -36.78
O6 NAG Z . 23.32 12.29 -38.78
O7 NAG Z . 29.92 12.53 -34.54
C1 NAG AA . -20.43 9.71 -20.49
C2 NAG AA . -21.44 10.82 -20.19
C3 NAG AA . -22.30 10.45 -18.97
C4 NAG AA . -21.47 9.79 -17.88
C5 NAG AA . -20.67 8.61 -18.42
C6 NAG AA . -21.11 7.28 -17.85
C7 NAG AA . -21.20 13.25 -20.50
C8 NAG AA . -22.42 13.17 -21.37
N2 NAG AA . -20.78 12.10 -19.97
O3 NAG AA . -23.35 9.58 -19.39
O4 NAG AA . -20.57 10.74 -17.31
O5 NAG AA . -20.83 8.52 -19.84
O6 NAG AA . -20.88 6.21 -18.76
O7 NAG AA . -20.60 14.30 -20.30
C1 NAG BA . -13.05 81.34 12.36
C2 NAG BA . -14.20 81.44 13.37
C3 NAG BA . -13.80 82.31 14.58
C4 NAG BA . -12.97 83.53 14.16
C5 NAG BA . -11.81 83.13 13.25
C6 NAG BA . -10.46 83.45 13.83
C7 NAG BA . -16.64 81.61 13.04
C8 NAG BA . -16.77 80.54 14.09
N2 NAG BA . -15.40 81.99 12.74
O3 NAG BA . -13.05 81.51 15.50
O4 NAG BA . -13.78 84.48 13.50
O5 NAG BA . -11.84 81.73 12.99
O6 NAG BA . -9.45 83.47 12.83
O7 NAG BA . -17.62 82.10 12.49
C1 NAG CA . 30.50 32.33 -5.61
C2 NAG CA . 31.48 32.90 -4.59
C3 NAG CA . 32.37 31.80 -4.02
C4 NAG CA . 31.50 30.67 -3.45
C5 NAG CA . 30.53 30.17 -4.52
C6 NAG CA . 29.57 29.13 -4.01
C7 NAG CA . 32.22 35.23 -4.83
C8 NAG CA . 33.14 36.17 -5.56
N2 NAG CA . 32.30 33.95 -5.19
O3 NAG CA . 33.19 32.34 -2.99
O4 NAG CA . 32.33 29.60 -3.03
O5 NAG CA . 29.74 31.27 -5.01
O6 NAG CA . 30.09 28.48 -2.85
O7 NAG CA . 31.44 35.62 -3.97
C1 NAG DA . 13.28 62.41 -3.78
C2 NAG DA . 13.52 61.38 -2.66
C3 NAG DA . 14.62 61.88 -1.72
C4 NAG DA . 15.86 62.25 -2.49
C5 NAG DA . 15.52 63.25 -3.59
C6 NAG DA . 16.70 63.59 -4.47
C7 NAG DA . 11.55 60.02 -2.15
C8 NAG DA . 10.32 59.89 -1.30
N2 NAG DA . 12.29 61.10 -1.94
O3 NAG DA . 14.92 60.85 -0.78
O4 NAG DA . 16.82 62.84 -1.61
O5 NAG DA . 14.52 62.70 -4.45
O6 NAG DA . 16.40 64.69 -5.33
O7 NAG DA . 11.85 59.17 -2.99
#